data_7WW8
# 
_entry.id   7WW8 
# 
_audit_conform.dict_name       mmcif_pdbx.dic 
_audit_conform.dict_version    5.380 
_audit_conform.dict_location   http://mmcif.pdb.org/dictionaries/ascii/mmcif_pdbx.dic 
# 
loop_
_database_2.database_id 
_database_2.database_code 
_database_2.pdbx_database_accession 
_database_2.pdbx_DOI 
PDB   7WW8         pdb_00007ww8 10.2210/pdb7ww8/pdb 
WWPDB D_1300027137 ?            ?                   
# 
_pdbx_database_status.status_code                     REL 
_pdbx_database_status.status_code_sf                  REL 
_pdbx_database_status.status_code_mr                  ? 
_pdbx_database_status.entry_id                        7WW8 
_pdbx_database_status.recvd_initial_deposition_date   2022-02-12 
_pdbx_database_status.SG_entry                        N 
_pdbx_database_status.deposit_site                    PDBJ 
_pdbx_database_status.process_site                    PDBJ 
_pdbx_database_status.status_code_cs                  ? 
_pdbx_database_status.status_code_nmr_data            ? 
_pdbx_database_status.methods_development_category    ? 
_pdbx_database_status.pdb_format_compatible           Y 
# 
loop_
_audit_author.name 
_audit_author.pdbx_ordinal 
_audit_author.identifier_ORCID 
'Nakamura, T.' 1 ? 
'Yamagata, Y.' 2 ? 
# 
_citation.abstract                  ? 
_citation.abstract_id_CAS           ? 
_citation.book_id_ISBN              ? 
_citation.book_publisher            ? 
_citation.book_publisher_city       ? 
_citation.book_title                ? 
_citation.coordinate_linkage        ? 
_citation.country                   US 
_citation.database_id_Medline       ? 
_citation.details                   ? 
_citation.id                        primary 
_citation.journal_abbrev            Proc.Natl.Acad.Sci.USA 
_citation.journal_id_ASTM           PNASA6 
_citation.journal_id_CSD            0040 
_citation.journal_id_ISSN           1091-6490 
_citation.journal_full              ? 
_citation.journal_issue             ? 
_citation.journal_volume            119 
_citation.language                  ? 
_citation.page_first                e2203118119 
_citation.page_last                 e2203118119 
_citation.title                     'Visualization of mutagenic nucleotide processing by Escherichia coli MutT, a Nudix hydrolase.' 
_citation.year                      2022 
_citation.database_id_CSD           ? 
_citation.pdbx_database_id_DOI      10.1073/pnas.2203118119 
_citation.pdbx_database_id_PubMed   35594391 
_citation.pdbx_database_id_patent   ? 
_citation.unpublished_flag          ? 
# 
loop_
_citation_author.citation_id 
_citation_author.name 
_citation_author.ordinal 
_citation_author.identifier_ORCID 
primary 'Nakamura, T.' 1 0000-0003-2013-3057 
primary 'Yamagata, Y.' 2 0000-0003-0007-4985 
# 
_cell.angle_alpha                  90.000 
_cell.angle_alpha_esd              ? 
_cell.angle_beta                   90.000 
_cell.angle_beta_esd               ? 
_cell.angle_gamma                  90.000 
_cell.angle_gamma_esd              ? 
_cell.entry_id                     7WW8 
_cell.details                      ? 
_cell.formula_units_Z              ? 
_cell.length_a                     38.264 
_cell.length_a_esd                 ? 
_cell.length_b                     56.051 
_cell.length_b_esd                 ? 
_cell.length_c                     59.155 
_cell.length_c_esd                 ? 
_cell.volume                       126871.826 
_cell.volume_esd                   ? 
_cell.Z_PDB                        4 
_cell.reciprocal_angle_alpha       ? 
_cell.reciprocal_angle_beta        ? 
_cell.reciprocal_angle_gamma       ? 
_cell.reciprocal_angle_alpha_esd   ? 
_cell.reciprocal_angle_beta_esd    ? 
_cell.reciprocal_angle_gamma_esd   ? 
_cell.reciprocal_length_a          ? 
_cell.reciprocal_length_b          ? 
_cell.reciprocal_length_c          ? 
_cell.reciprocal_length_a_esd      ? 
_cell.reciprocal_length_b_esd      ? 
_cell.reciprocal_length_c_esd      ? 
_cell.pdbx_unique_axis             ? 
# 
_symmetry.entry_id                         7WW8 
_symmetry.cell_setting                     ? 
_symmetry.Int_Tables_number                19 
_symmetry.space_group_name_Hall            'P 2ac 2ab' 
_symmetry.space_group_name_H-M             'P 21 21 21' 
_symmetry.pdbx_full_space_group_name_H-M   ? 
# 
loop_
_entity.id 
_entity.type 
_entity.src_method 
_entity.pdbx_description 
_entity.formula_weight 
_entity.pdbx_number_of_molecules 
_entity.pdbx_ec 
_entity.pdbx_mutation 
_entity.pdbx_fragment 
_entity.details 
1 polymer     man 7,8-dihydro-8-oxoguanine-triphosphatase             14945.029 1   3.6.1.55,3.6.1.- ? ? ? 
2 branched    man 'beta-D-fructofuranose-(2-1)-alpha-D-glucopyranose' 342.297   1   ?                ? ? ? 
3 non-polymer syn 'SULFATE ION'                                       96.063    1   ?                ? ? ? 
4 non-polymer syn "8-OXO-2'-DEOXYGUANOSINE-5'-TRIPHOSPHATE"           523.180   1   ?                ? ? ? 
5 non-polymer syn 'MANGANESE (II) ION'                                54.938    3   ?                ? ? ? 
6 non-polymer syn 'SODIUM ION'                                        22.990    1   ?                ? ? ? 
7 water       nat water                                               18.015    131 ?                ? ? ? 
# 
_entity_name_com.entity_id   1 
_entity_name_com.name        
;8-oxo-dGTP diphosphatase,8-oxo-dGTP diphosphatase MutT,Mutator MutT protein,Mutator mutT protein (7,8-dihydro-8-oxoguanine-triphosphatase),Nucleoside triphosphate hydrolase,Nucleoside triphosphate pyrophosphohydrolase,marked preference for dGTP,dGTP-preferring nucleoside triphosphate pyrophosphohydrolase
;
# 
_entity_poly.entity_id                      1 
_entity_poly.type                           'polypeptide(L)' 
_entity_poly.nstd_linkage                   no 
_entity_poly.nstd_monomer                   no 
_entity_poly.pdbx_seq_one_letter_code       
;MKKLQIAVGIIRNENNEIFITRRAADAHMANKLEFPGGKIEMGETPEQAVVRELQEEVGITPQHFSLFEKLEYEFPDRHI
TLWFWLVERWEGEPWGKEGQPGEWMSLVGLNADDFPPANEPVIAKLKRL
;
_entity_poly.pdbx_seq_one_letter_code_can   
;MKKLQIAVGIIRNENNEIFITRRAADAHMANKLEFPGGKIEMGETPEQAVVRELQEEVGITPQHFSLFEKLEYEFPDRHI
TLWFWLVERWEGEPWGKEGQPGEWMSLVGLNADDFPPANEPVIAKLKRL
;
_entity_poly.pdbx_strand_id                 A 
_entity_poly.pdbx_target_identifier         ? 
# 
loop_
_entity_poly_seq.entity_id 
_entity_poly_seq.num 
_entity_poly_seq.mon_id 
_entity_poly_seq.hetero 
1 1   MET n 
1 2   LYS n 
1 3   LYS n 
1 4   LEU n 
1 5   GLN n 
1 6   ILE n 
1 7   ALA n 
1 8   VAL n 
1 9   GLY n 
1 10  ILE n 
1 11  ILE n 
1 12  ARG n 
1 13  ASN n 
1 14  GLU n 
1 15  ASN n 
1 16  ASN n 
1 17  GLU n 
1 18  ILE n 
1 19  PHE n 
1 20  ILE n 
1 21  THR n 
1 22  ARG n 
1 23  ARG n 
1 24  ALA n 
1 25  ALA n 
1 26  ASP n 
1 27  ALA n 
1 28  HIS n 
1 29  MET n 
1 30  ALA n 
1 31  ASN n 
1 32  LYS n 
1 33  LEU n 
1 34  GLU n 
1 35  PHE n 
1 36  PRO n 
1 37  GLY n 
1 38  GLY n 
1 39  LYS n 
1 40  ILE n 
1 41  GLU n 
1 42  MET n 
1 43  GLY n 
1 44  GLU n 
1 45  THR n 
1 46  PRO n 
1 47  GLU n 
1 48  GLN n 
1 49  ALA n 
1 50  VAL n 
1 51  VAL n 
1 52  ARG n 
1 53  GLU n 
1 54  LEU n 
1 55  GLN n 
1 56  GLU n 
1 57  GLU n 
1 58  VAL n 
1 59  GLY n 
1 60  ILE n 
1 61  THR n 
1 62  PRO n 
1 63  GLN n 
1 64  HIS n 
1 65  PHE n 
1 66  SER n 
1 67  LEU n 
1 68  PHE n 
1 69  GLU n 
1 70  LYS n 
1 71  LEU n 
1 72  GLU n 
1 73  TYR n 
1 74  GLU n 
1 75  PHE n 
1 76  PRO n 
1 77  ASP n 
1 78  ARG n 
1 79  HIS n 
1 80  ILE n 
1 81  THR n 
1 82  LEU n 
1 83  TRP n 
1 84  PHE n 
1 85  TRP n 
1 86  LEU n 
1 87  VAL n 
1 88  GLU n 
1 89  ARG n 
1 90  TRP n 
1 91  GLU n 
1 92  GLY n 
1 93  GLU n 
1 94  PRO n 
1 95  TRP n 
1 96  GLY n 
1 97  LYS n 
1 98  GLU n 
1 99  GLY n 
1 100 GLN n 
1 101 PRO n 
1 102 GLY n 
1 103 GLU n 
1 104 TRP n 
1 105 MET n 
1 106 SER n 
1 107 LEU n 
1 108 VAL n 
1 109 GLY n 
1 110 LEU n 
1 111 ASN n 
1 112 ALA n 
1 113 ASP n 
1 114 ASP n 
1 115 PHE n 
1 116 PRO n 
1 117 PRO n 
1 118 ALA n 
1 119 ASN n 
1 120 GLU n 
1 121 PRO n 
1 122 VAL n 
1 123 ILE n 
1 124 ALA n 
1 125 LYS n 
1 126 LEU n 
1 127 LYS n 
1 128 ARG n 
1 129 LEU n 
# 
_entity_src_gen.entity_id                          1 
_entity_src_gen.pdbx_src_id                        1 
_entity_src_gen.pdbx_alt_source_flag               sample 
_entity_src_gen.pdbx_seq_type                      'Biological sequence' 
_entity_src_gen.pdbx_beg_seq_num                   1 
_entity_src_gen.pdbx_end_seq_num                   129 
_entity_src_gen.gene_src_common_name               ? 
_entity_src_gen.gene_src_genus                     ? 
_entity_src_gen.pdbx_gene_src_gene                 ? 
_entity_src_gen.gene_src_species                   ? 
_entity_src_gen.gene_src_strain                    ? 
_entity_src_gen.gene_src_tissue                    ? 
_entity_src_gen.gene_src_tissue_fraction           ? 
_entity_src_gen.gene_src_details                   ? 
_entity_src_gen.pdbx_gene_src_fragment             ? 
_entity_src_gen.pdbx_gene_src_scientific_name      'Escherichia coli' 
_entity_src_gen.pdbx_gene_src_ncbi_taxonomy_id     562 
_entity_src_gen.pdbx_gene_src_variant              ? 
_entity_src_gen.pdbx_gene_src_cell_line            ? 
_entity_src_gen.pdbx_gene_src_atcc                 ? 
_entity_src_gen.pdbx_gene_src_organ                ? 
_entity_src_gen.pdbx_gene_src_organelle            ? 
_entity_src_gen.pdbx_gene_src_cell                 ? 
_entity_src_gen.pdbx_gene_src_cellular_location    ? 
_entity_src_gen.host_org_common_name               ? 
_entity_src_gen.pdbx_host_org_scientific_name      'Escherichia coli BL21(DE3)' 
_entity_src_gen.pdbx_host_org_ncbi_taxonomy_id     469008 
_entity_src_gen.host_org_genus                     ? 
_entity_src_gen.pdbx_host_org_gene                 ? 
_entity_src_gen.pdbx_host_org_organ                ? 
_entity_src_gen.host_org_species                   ? 
_entity_src_gen.pdbx_host_org_tissue               ? 
_entity_src_gen.pdbx_host_org_tissue_fraction      ? 
_entity_src_gen.pdbx_host_org_strain               ? 
_entity_src_gen.pdbx_host_org_variant              ? 
_entity_src_gen.pdbx_host_org_cell_line            ? 
_entity_src_gen.pdbx_host_org_atcc                 ? 
_entity_src_gen.pdbx_host_org_culture_collection   ? 
_entity_src_gen.pdbx_host_org_cell                 ? 
_entity_src_gen.pdbx_host_org_organelle            ? 
_entity_src_gen.pdbx_host_org_cellular_location    ? 
_entity_src_gen.pdbx_host_org_vector_type          ? 
_entity_src_gen.pdbx_host_org_vector               ? 
_entity_src_gen.host_org_details                   ? 
_entity_src_gen.expression_system_id               ? 
_entity_src_gen.plasmid_name                       ? 
_entity_src_gen.plasmid_details                    ? 
_entity_src_gen.pdbx_description                   ? 
# 
_struct_ref.id                         1 
_struct_ref.db_name                    UNP 
_struct_ref.db_code                    A0A037YRW7_ECOLX 
_struct_ref.pdbx_db_accession          A0A037YRW7 
_struct_ref.pdbx_db_isoform            ? 
_struct_ref.entity_id                  1 
_struct_ref.pdbx_seq_one_letter_code   
;MKKLQIAVGIIRNENNEIFITRRAADAHMANKLEFPGGKIEMGETPEQAVVRELQEEVGITPQHFSLFEKLEYEFPDRHI
TLWFWLVERWEGEPWGKEGQPGEWMSLVGLNADDFPPANEPVIAKLKRL
;
_struct_ref.pdbx_align_begin           1 
# 
_struct_ref_seq.align_id                      1 
_struct_ref_seq.ref_id                        1 
_struct_ref_seq.pdbx_PDB_id_code              7WW8 
_struct_ref_seq.pdbx_strand_id                A 
_struct_ref_seq.seq_align_beg                 1 
_struct_ref_seq.pdbx_seq_align_beg_ins_code   ? 
_struct_ref_seq.seq_align_end                 129 
_struct_ref_seq.pdbx_seq_align_end_ins_code   ? 
_struct_ref_seq.pdbx_db_accession             A0A037YRW7 
_struct_ref_seq.db_align_beg                  1 
_struct_ref_seq.pdbx_db_align_beg_ins_code    ? 
_struct_ref_seq.db_align_end                  129 
_struct_ref_seq.pdbx_db_align_end_ins_code    ? 
_struct_ref_seq.pdbx_auth_seq_align_beg       1 
_struct_ref_seq.pdbx_auth_seq_align_end       129 
# 
loop_
_chem_comp.id 
_chem_comp.type 
_chem_comp.mon_nstd_flag 
_chem_comp.name 
_chem_comp.pdbx_synonyms 
_chem_comp.formula 
_chem_comp.formula_weight 
8DG non-polymer                   . "8-OXO-2'-DEOXYGUANOSINE-5'-TRIPHOSPHATE" ?                                       
'C10 H16 N5 O14 P3' 523.180 
ALA 'L-peptide linking'           y ALANINE                                   ?                                       'C3 H7 N O2' 
89.093  
ARG 'L-peptide linking'           y ARGININE                                  ?                                       
'C6 H15 N4 O2 1'    175.209 
ASN 'L-peptide linking'           y ASPARAGINE                                ?                                       
'C4 H8 N2 O3'       132.118 
ASP 'L-peptide linking'           y 'ASPARTIC ACID'                           ?                                       'C4 H7 N O4' 
133.103 
FRU 'D-saccharide, beta linking'  . beta-D-fructofuranose                     'beta-D-fructose; D-fructose; fructose' 'C6 H12 O6' 
180.156 
GLC 'D-saccharide, alpha linking' . alpha-D-glucopyranose                     'alpha-D-glucose; D-glucose; glucose'   'C6 H12 O6' 
180.156 
GLN 'L-peptide linking'           y GLUTAMINE                                 ?                                       
'C5 H10 N2 O3'      146.144 
GLU 'L-peptide linking'           y 'GLUTAMIC ACID'                           ?                                       'C5 H9 N O4' 
147.129 
GLY 'peptide linking'             y GLYCINE                                   ?                                       'C2 H5 N O2' 
75.067  
HIS 'L-peptide linking'           y HISTIDINE                                 ?                                       
'C6 H10 N3 O2 1'    156.162 
HOH non-polymer                   . WATER                                     ?                                       'H2 O' 
18.015  
ILE 'L-peptide linking'           y ISOLEUCINE                                ?                                       
'C6 H13 N O2'       131.173 
LEU 'L-peptide linking'           y LEUCINE                                   ?                                       
'C6 H13 N O2'       131.173 
LYS 'L-peptide linking'           y LYSINE                                    ?                                       
'C6 H15 N2 O2 1'    147.195 
MET 'L-peptide linking'           y METHIONINE                                ?                                       
'C5 H11 N O2 S'     149.211 
MN  non-polymer                   . 'MANGANESE (II) ION'                      ?                                       'Mn 2' 
54.938  
NA  non-polymer                   . 'SODIUM ION'                              ?                                       'Na 1' 
22.990  
PHE 'L-peptide linking'           y PHENYLALANINE                             ?                                       
'C9 H11 N O2'       165.189 
PRO 'L-peptide linking'           y PROLINE                                   ?                                       'C5 H9 N O2' 
115.130 
SER 'L-peptide linking'           y SERINE                                    ?                                       'C3 H7 N O3' 
105.093 
SO4 non-polymer                   . 'SULFATE ION'                             ?                                       'O4 S -2' 
96.063  
THR 'L-peptide linking'           y THREONINE                                 ?                                       'C4 H9 N O3' 
119.119 
TRP 'L-peptide linking'           y TRYPTOPHAN                                ?                                       
'C11 H12 N2 O2'     204.225 
TYR 'L-peptide linking'           y TYROSINE                                  ?                                       
'C9 H11 N O3'       181.189 
VAL 'L-peptide linking'           y VALINE                                    ?                                       
'C5 H11 N O2'       117.146 
# 
_exptl.absorpt_coefficient_mu     ? 
_exptl.absorpt_correction_T_max   ? 
_exptl.absorpt_correction_T_min   ? 
_exptl.absorpt_correction_type    ? 
_exptl.absorpt_process_details    ? 
_exptl.entry_id                   7WW8 
_exptl.crystals_number            1 
_exptl.details                    ? 
_exptl.method                     'X-RAY DIFFRACTION' 
_exptl.method_details             ? 
# 
_exptl_crystal.colour                      ? 
_exptl_crystal.density_diffrn              ? 
_exptl_crystal.density_Matthews            2.12 
_exptl_crystal.density_method              ? 
_exptl_crystal.density_percent_sol         42.04 
_exptl_crystal.description                 ? 
_exptl_crystal.F_000                       ? 
_exptl_crystal.id                          1 
_exptl_crystal.preparation                 ? 
_exptl_crystal.size_max                    ? 
_exptl_crystal.size_mid                    ? 
_exptl_crystal.size_min                    ? 
_exptl_crystal.size_rad                    ? 
_exptl_crystal.colour_lustre               ? 
_exptl_crystal.colour_modifier             ? 
_exptl_crystal.colour_primary              ? 
_exptl_crystal.density_meas                ? 
_exptl_crystal.density_meas_esd            ? 
_exptl_crystal.density_meas_gt             ? 
_exptl_crystal.density_meas_lt             ? 
_exptl_crystal.density_meas_temp           ? 
_exptl_crystal.density_meas_temp_esd       ? 
_exptl_crystal.density_meas_temp_gt        ? 
_exptl_crystal.density_meas_temp_lt        ? 
_exptl_crystal.pdbx_crystal_image_url      ? 
_exptl_crystal.pdbx_crystal_image_format   ? 
_exptl_crystal.pdbx_mosaicity              ? 
_exptl_crystal.pdbx_mosaicity_esd          ? 
# 
_exptl_crystal_grow.apparatus       ? 
_exptl_crystal_grow.atmosphere      ? 
_exptl_crystal_grow.crystal_id      1 
_exptl_crystal_grow.details         ? 
_exptl_crystal_grow.method          'VAPOR DIFFUSION, HANGING DROP' 
_exptl_crystal_grow.method_ref      ? 
_exptl_crystal_grow.pH              ? 
_exptl_crystal_grow.pressure        ? 
_exptl_crystal_grow.pressure_esd    ? 
_exptl_crystal_grow.seeding         ? 
_exptl_crystal_grow.seeding_ref     ? 
_exptl_crystal_grow.temp            288 
_exptl_crystal_grow.temp_details    ? 
_exptl_crystal_grow.temp_esd        ? 
_exptl_crystal_grow.time            ? 
_exptl_crystal_grow.pdbx_details    'potassium sodium tartrate, sodium citrate, ammonium sulfate' 
_exptl_crystal_grow.pdbx_pH_range   ? 
# 
_diffrn.ambient_environment              ? 
_diffrn.ambient_temp                     100 
_diffrn.ambient_temp_details             ? 
_diffrn.ambient_temp_esd                 ? 
_diffrn.crystal_id                       1 
_diffrn.crystal_support                  ? 
_diffrn.crystal_treatment                ? 
_diffrn.details                          ? 
_diffrn.id                               1 
_diffrn.ambient_pressure                 ? 
_diffrn.ambient_pressure_esd             ? 
_diffrn.ambient_pressure_gt              ? 
_diffrn.ambient_pressure_lt              ? 
_diffrn.ambient_temp_gt                  ? 
_diffrn.ambient_temp_lt                  ? 
_diffrn.pdbx_serial_crystal_experiment   N 
# 
_diffrn_detector.details                      ? 
_diffrn_detector.detector                     CCD 
_diffrn_detector.diffrn_id                    1 
_diffrn_detector.type                         'ADSC QUANTUM 315' 
_diffrn_detector.area_resol_mean              ? 
_diffrn_detector.dtime                        ? 
_diffrn_detector.pdbx_frames_total            ? 
_diffrn_detector.pdbx_collection_time_total   ? 
_diffrn_detector.pdbx_collection_date         2006-03-27 
_diffrn_detector.pdbx_frequency               ? 
# 
_diffrn_radiation.collimation                      ? 
_diffrn_radiation.diffrn_id                        1 
_diffrn_radiation.filter_edge                      ? 
_diffrn_radiation.inhomogeneity                    ? 
_diffrn_radiation.monochromator                    ? 
_diffrn_radiation.polarisn_norm                    ? 
_diffrn_radiation.polarisn_ratio                   ? 
_diffrn_radiation.probe                            ? 
_diffrn_radiation.type                             ? 
_diffrn_radiation.xray_symbol                      ? 
_diffrn_radiation.wavelength_id                    1 
_diffrn_radiation.pdbx_monochromatic_or_laue_m_l   M 
_diffrn_radiation.pdbx_wavelength_list             ? 
_diffrn_radiation.pdbx_wavelength                  ? 
_diffrn_radiation.pdbx_diffrn_protocol             'SINGLE WAVELENGTH' 
_diffrn_radiation.pdbx_analyzer                    ? 
_diffrn_radiation.pdbx_scattering_type             x-ray 
# 
_diffrn_radiation_wavelength.id           1 
_diffrn_radiation_wavelength.wavelength   0.9 
_diffrn_radiation_wavelength.wt           1.0 
# 
_diffrn_source.current                     ? 
_diffrn_source.details                     ? 
_diffrn_source.diffrn_id                   1 
_diffrn_source.power                       ? 
_diffrn_source.size                        ? 
_diffrn_source.source                      SYNCHROTRON 
_diffrn_source.target                      ? 
_diffrn_source.type                        'SPRING-8 BEAMLINE BL41XU' 
_diffrn_source.voltage                     ? 
_diffrn_source.take-off_angle              ? 
_diffrn_source.pdbx_wavelength_list        0.9 
_diffrn_source.pdbx_wavelength             ? 
_diffrn_source.pdbx_synchrotron_beamline   BL41XU 
_diffrn_source.pdbx_synchrotron_site       SPring-8 
# 
_reflns.B_iso_Wilson_estimate                          11.09 
_reflns.entry_id                                       7WW8 
_reflns.data_reduction_details                         ? 
_reflns.data_reduction_method                          ? 
_reflns.d_resolution_high                              1.64 
_reflns.d_resolution_low                               40.69 
_reflns.details                                        ? 
_reflns.limit_h_max                                    ? 
_reflns.limit_h_min                                    ? 
_reflns.limit_k_max                                    ? 
_reflns.limit_k_min                                    ? 
_reflns.limit_l_max                                    ? 
_reflns.limit_l_min                                    ? 
_reflns.number_all                                     ? 
_reflns.number_obs                                     16066 
_reflns.observed_criterion                             ? 
_reflns.observed_criterion_F_max                       ? 
_reflns.observed_criterion_F_min                       ? 
_reflns.observed_criterion_I_max                       ? 
_reflns.observed_criterion_I_min                       ? 
_reflns.observed_criterion_sigma_F                     ? 
_reflns.observed_criterion_sigma_I                     ? 
_reflns.percent_possible_obs                           99.6 
_reflns.R_free_details                                 ? 
_reflns.Rmerge_F_all                                   ? 
_reflns.Rmerge_F_obs                                   ? 
_reflns.Friedel_coverage                               ? 
_reflns.number_gt                                      ? 
_reflns.threshold_expression                           ? 
_reflns.pdbx_redundancy                                6.9 
_reflns.pdbx_Rmerge_I_obs                              0.062 
_reflns.pdbx_Rmerge_I_all                              ? 
_reflns.pdbx_Rsym_value                                ? 
_reflns.pdbx_netI_over_av_sigmaI                       ? 
_reflns.pdbx_netI_over_sigmaI                          41.8 
_reflns.pdbx_res_netI_over_av_sigmaI_2                 ? 
_reflns.pdbx_res_netI_over_sigmaI_2                    ? 
_reflns.pdbx_chi_squared                               ? 
_reflns.pdbx_scaling_rejects                           ? 
_reflns.pdbx_d_res_high_opt                            ? 
_reflns.pdbx_d_res_low_opt                             ? 
_reflns.pdbx_d_res_opt_method                          ? 
_reflns.phase_calculation_details                      ? 
_reflns.pdbx_Rrim_I_all                                ? 
_reflns.pdbx_Rpim_I_all                                ? 
_reflns.pdbx_d_opt                                     ? 
_reflns.pdbx_number_measured_all                       ? 
_reflns.pdbx_diffrn_id                                 1 
_reflns.pdbx_ordinal                                   1 
_reflns.pdbx_CC_half                                   ? 
_reflns.pdbx_CC_star                                   ? 
_reflns.pdbx_R_split                                   ? 
_reflns.pdbx_aniso_diffraction_limit_axis_1_ortho[1]   ? 
_reflns.pdbx_aniso_diffraction_limit_axis_1_ortho[2]   ? 
_reflns.pdbx_aniso_diffraction_limit_axis_1_ortho[3]   ? 
_reflns.pdbx_aniso_diffraction_limit_axis_2_ortho[1]   ? 
_reflns.pdbx_aniso_diffraction_limit_axis_2_ortho[2]   ? 
_reflns.pdbx_aniso_diffraction_limit_axis_2_ortho[3]   ? 
_reflns.pdbx_aniso_diffraction_limit_axis_3_ortho[1]   ? 
_reflns.pdbx_aniso_diffraction_limit_axis_3_ortho[2]   ? 
_reflns.pdbx_aniso_diffraction_limit_axis_3_ortho[3]   ? 
_reflns.pdbx_aniso_diffraction_limit_1                 ? 
_reflns.pdbx_aniso_diffraction_limit_2                 ? 
_reflns.pdbx_aniso_diffraction_limit_3                 ? 
_reflns.pdbx_aniso_B_tensor_eigenvector_1_ortho[1]     ? 
_reflns.pdbx_aniso_B_tensor_eigenvector_1_ortho[2]     ? 
_reflns.pdbx_aniso_B_tensor_eigenvector_1_ortho[3]     ? 
_reflns.pdbx_aniso_B_tensor_eigenvector_2_ortho[1]     ? 
_reflns.pdbx_aniso_B_tensor_eigenvector_2_ortho[2]     ? 
_reflns.pdbx_aniso_B_tensor_eigenvector_2_ortho[3]     ? 
_reflns.pdbx_aniso_B_tensor_eigenvector_3_ortho[1]     ? 
_reflns.pdbx_aniso_B_tensor_eigenvector_3_ortho[2]     ? 
_reflns.pdbx_aniso_B_tensor_eigenvector_3_ortho[3]     ? 
_reflns.pdbx_aniso_B_tensor_eigenvalue_1               ? 
_reflns.pdbx_aniso_B_tensor_eigenvalue_2               ? 
_reflns.pdbx_aniso_B_tensor_eigenvalue_3               ? 
_reflns.pdbx_orthogonalization_convention              ? 
_reflns.pdbx_percent_possible_ellipsoidal              ? 
_reflns.pdbx_percent_possible_spherical                ? 
_reflns.pdbx_percent_possible_ellipsoidal_anomalous    ? 
_reflns.pdbx_percent_possible_spherical_anomalous      ? 
_reflns.pdbx_redundancy_anomalous                      ? 
_reflns.pdbx_CC_half_anomalous                         ? 
_reflns.pdbx_absDiff_over_sigma_anomalous              ? 
_reflns.pdbx_percent_possible_anomalous                ? 
_reflns.pdbx_observed_signal_threshold                 ? 
_reflns.pdbx_signal_type                               ? 
_reflns.pdbx_signal_details                            ? 
_reflns.pdbx_signal_software_id                        ? 
# 
_reflns_shell.d_res_high                                    1.64 
_reflns_shell.d_res_low                                     1.70 
_reflns_shell.meanI_over_sigI_all                           ? 
_reflns_shell.meanI_over_sigI_obs                           ? 
_reflns_shell.number_measured_all                           ? 
_reflns_shell.number_measured_obs                           ? 
_reflns_shell.number_possible                               ? 
_reflns_shell.number_unique_all                             ? 
_reflns_shell.number_unique_obs                             1534 
_reflns_shell.percent_possible_all                          ? 
_reflns_shell.percent_possible_obs                          ? 
_reflns_shell.Rmerge_F_all                                  ? 
_reflns_shell.Rmerge_F_obs                                  ? 
_reflns_shell.Rmerge_I_all                                  ? 
_reflns_shell.Rmerge_I_obs                                  0.22 
_reflns_shell.meanI_over_sigI_gt                            ? 
_reflns_shell.meanI_over_uI_all                             ? 
_reflns_shell.meanI_over_uI_gt                              ? 
_reflns_shell.number_measured_gt                            ? 
_reflns_shell.number_unique_gt                              ? 
_reflns_shell.percent_possible_gt                           ? 
_reflns_shell.Rmerge_F_gt                                   ? 
_reflns_shell.Rmerge_I_gt                                   ? 
_reflns_shell.pdbx_redundancy                               ? 
_reflns_shell.pdbx_Rsym_value                               ? 
_reflns_shell.pdbx_chi_squared                              ? 
_reflns_shell.pdbx_netI_over_sigmaI_all                     ? 
_reflns_shell.pdbx_netI_over_sigmaI_obs                     ? 
_reflns_shell.pdbx_Rrim_I_all                               ? 
_reflns_shell.pdbx_Rpim_I_all                               ? 
_reflns_shell.pdbx_rejects                                  ? 
_reflns_shell.pdbx_ordinal                                  1 
_reflns_shell.pdbx_diffrn_id                                1 
_reflns_shell.pdbx_CC_half                                  ? 
_reflns_shell.pdbx_CC_star                                  ? 
_reflns_shell.pdbx_R_split                                  ? 
_reflns_shell.pdbx_percent_possible_ellipsoidal             ? 
_reflns_shell.pdbx_percent_possible_spherical               ? 
_reflns_shell.pdbx_percent_possible_ellipsoidal_anomalous   ? 
_reflns_shell.pdbx_percent_possible_spherical_anomalous     ? 
_reflns_shell.pdbx_redundancy_anomalous                     ? 
_reflns_shell.pdbx_CC_half_anomalous                        ? 
_reflns_shell.pdbx_absDiff_over_sigma_anomalous             ? 
_reflns_shell.pdbx_percent_possible_anomalous               ? 
# 
_refine.aniso_B[1][1]                            ? 
_refine.aniso_B[1][2]                            ? 
_refine.aniso_B[1][3]                            ? 
_refine.aniso_B[2][2]                            ? 
_refine.aniso_B[2][3]                            ? 
_refine.aniso_B[3][3]                            ? 
_refine.B_iso_max                                ? 
_refine.B_iso_mean                               14.91 
_refine.B_iso_min                                ? 
_refine.correlation_coeff_Fo_to_Fc               ? 
_refine.correlation_coeff_Fo_to_Fc_free          ? 
_refine.details                                  ? 
_refine.diff_density_max                         ? 
_refine.diff_density_max_esd                     ? 
_refine.diff_density_min                         ? 
_refine.diff_density_min_esd                     ? 
_refine.diff_density_rms                         ? 
_refine.diff_density_rms_esd                     ? 
_refine.entry_id                                 7WW8 
_refine.pdbx_refine_id                           'X-RAY DIFFRACTION' 
_refine.ls_abs_structure_details                 ? 
_refine.ls_abs_structure_Flack                   ? 
_refine.ls_abs_structure_Flack_esd               ? 
_refine.ls_abs_structure_Rogers                  ? 
_refine.ls_abs_structure_Rogers_esd              ? 
_refine.ls_d_res_high                            1.64 
_refine.ls_d_res_low                             40.69 
_refine.ls_extinction_coef                       ? 
_refine.ls_extinction_coef_esd                   ? 
_refine.ls_extinction_expression                 ? 
_refine.ls_extinction_method                     ? 
_refine.ls_goodness_of_fit_all                   ? 
_refine.ls_goodness_of_fit_all_esd               ? 
_refine.ls_goodness_of_fit_obs                   ? 
_refine.ls_goodness_of_fit_obs_esd               ? 
_refine.ls_hydrogen_treatment                    ? 
_refine.ls_matrix_type                           ? 
_refine.ls_number_constraints                    ? 
_refine.ls_number_parameters                     ? 
_refine.ls_number_reflns_all                     ? 
_refine.ls_number_reflns_obs                     16023 
_refine.ls_number_reflns_R_free                  784 
_refine.ls_number_reflns_R_work                  15239 
_refine.ls_number_restraints                     ? 
_refine.ls_percent_reflns_obs                    99.65 
_refine.ls_percent_reflns_R_free                 4.89 
_refine.ls_R_factor_all                          ? 
_refine.ls_R_factor_obs                          0.1572 
_refine.ls_R_factor_R_free                       0.1812 
_refine.ls_R_factor_R_free_error                 ? 
_refine.ls_R_factor_R_free_error_details         ? 
_refine.ls_R_factor_R_work                       0.1560 
_refine.ls_R_Fsqd_factor_obs                     ? 
_refine.ls_R_I_factor_obs                        ? 
_refine.ls_redundancy_reflns_all                 ? 
_refine.ls_redundancy_reflns_obs                 ? 
_refine.ls_restrained_S_all                      ? 
_refine.ls_restrained_S_obs                      ? 
_refine.ls_shift_over_esd_max                    ? 
_refine.ls_shift_over_esd_mean                   ? 
_refine.ls_structure_factor_coef                 ? 
_refine.ls_weighting_details                     ? 
_refine.ls_weighting_scheme                      ? 
_refine.ls_wR_factor_all                         ? 
_refine.ls_wR_factor_obs                         ? 
_refine.ls_wR_factor_R_free                      ? 
_refine.ls_wR_factor_R_work                      ? 
_refine.occupancy_max                            ? 
_refine.occupancy_min                            ? 
_refine.solvent_model_details                    'FLAT BULK SOLVENT MODEL' 
_refine.solvent_model_param_bsol                 ? 
_refine.solvent_model_param_ksol                 ? 
_refine.pdbx_R_complete                          ? 
_refine.ls_R_factor_gt                           ? 
_refine.ls_goodness_of_fit_gt                    ? 
_refine.ls_goodness_of_fit_ref                   ? 
_refine.ls_shift_over_su_max                     ? 
_refine.ls_shift_over_su_max_lt                  ? 
_refine.ls_shift_over_su_mean                    ? 
_refine.ls_shift_over_su_mean_lt                 ? 
_refine.pdbx_ls_sigma_I                          ? 
_refine.pdbx_ls_sigma_F                          1.36 
_refine.pdbx_ls_sigma_Fsqd                       ? 
_refine.pdbx_data_cutoff_high_absF               ? 
_refine.pdbx_data_cutoff_high_rms_absF           ? 
_refine.pdbx_data_cutoff_low_absF                ? 
_refine.pdbx_isotropic_thermal_model             ? 
_refine.pdbx_ls_cross_valid_method               'FREE R-VALUE' 
_refine.pdbx_method_to_determine_struct          'FOURIER SYNTHESIS' 
_refine.pdbx_starting_model                      3A6T 
_refine.pdbx_stereochemistry_target_values       'GeoStd + Monomer Library' 
_refine.pdbx_R_Free_selection_details            ? 
_refine.pdbx_stereochem_target_val_spec_case     ? 
_refine.pdbx_overall_ESU_R                       ? 
_refine.pdbx_overall_ESU_R_Free                  ? 
_refine.pdbx_solvent_vdw_probe_radii             1.1100 
_refine.pdbx_solvent_ion_probe_radii             ? 
_refine.pdbx_solvent_shrinkage_radii             0.9000 
_refine.pdbx_real_space_R                        ? 
_refine.pdbx_density_correlation                 ? 
_refine.pdbx_pd_number_of_powder_patterns        ? 
_refine.pdbx_pd_number_of_points                 ? 
_refine.pdbx_pd_meas_number_of_points            ? 
_refine.pdbx_pd_proc_ls_prof_R_factor            ? 
_refine.pdbx_pd_proc_ls_prof_wR_factor           ? 
_refine.pdbx_pd_Marquardt_correlation_coeff      ? 
_refine.pdbx_pd_Fsqrd_R_factor                   ? 
_refine.pdbx_pd_ls_matrix_band_width             ? 
_refine.pdbx_overall_phase_error                 16.9688 
_refine.pdbx_overall_SU_R_free_Cruickshank_DPI   ? 
_refine.pdbx_overall_SU_R_free_Blow_DPI          ? 
_refine.pdbx_overall_SU_R_Blow_DPI               ? 
_refine.pdbx_TLS_residual_ADP_flag               ? 
_refine.pdbx_diffrn_id                           1 
_refine.overall_SU_B                             ? 
_refine.overall_SU_ML                            0.1519 
_refine.overall_SU_R_Cruickshank_DPI             ? 
_refine.overall_SU_R_free                        ? 
_refine.overall_FOM_free_R_set                   ? 
_refine.overall_FOM_work_R_set                   ? 
_refine.pdbx_average_fsc_overall                 ? 
_refine.pdbx_average_fsc_work                    ? 
_refine.pdbx_average_fsc_free                    ? 
# 
_refine_hist.pdbx_refine_id                   'X-RAY DIFFRACTION' 
_refine_hist.cycle_id                         LAST 
_refine_hist.details                          ? 
_refine_hist.d_res_high                       1.64 
_refine_hist.d_res_low                        40.69 
_refine_hist.number_atoms_solvent             131 
_refine_hist.number_atoms_total               1249 
_refine_hist.number_reflns_all                ? 
_refine_hist.number_reflns_obs                ? 
_refine_hist.number_reflns_R_free             ? 
_refine_hist.number_reflns_R_work             ? 
_refine_hist.R_factor_all                     ? 
_refine_hist.R_factor_obs                     ? 
_refine_hist.R_factor_R_free                  ? 
_refine_hist.R_factor_R_work                  ? 
_refine_hist.pdbx_number_residues_total       ? 
_refine_hist.pdbx_B_iso_mean_ligand           ? 
_refine_hist.pdbx_B_iso_mean_solvent          ? 
_refine_hist.pdbx_number_atoms_protein        1054 
_refine_hist.pdbx_number_atoms_nucleic_acid   0 
_refine_hist.pdbx_number_atoms_ligand         64 
_refine_hist.pdbx_number_atoms_lipid          ? 
_refine_hist.pdbx_number_atoms_carb           ? 
_refine_hist.pdbx_pseudo_atom_details         ? 
# 
loop_
_refine_ls_restr.pdbx_refine_id 
_refine_ls_restr.criterion 
_refine_ls_restr.dev_ideal 
_refine_ls_restr.dev_ideal_target 
_refine_ls_restr.number 
_refine_ls_restr.rejects 
_refine_ls_restr.type 
_refine_ls_restr.weight 
_refine_ls_restr.pdbx_restraint_function 
'X-RAY DIFFRACTION' ? 0.0057  ? 1161 ? f_bond_d           ? ? 
'X-RAY DIFFRACTION' ? 1.2584  ? 1587 ? f_angle_d          ? ? 
'X-RAY DIFFRACTION' ? 0.0611  ? 164  ? f_chiral_restr     ? ? 
'X-RAY DIFFRACTION' ? 0.0054  ? 198  ? f_plane_restr      ? ? 
'X-RAY DIFFRACTION' ? 15.4955 ? 443  ? f_dihedral_angle_d ? ? 
# 
loop_
_refine_ls_shell.pdbx_refine_id 
_refine_ls_shell.d_res_high 
_refine_ls_shell.d_res_low 
_refine_ls_shell.number_reflns_all 
_refine_ls_shell.number_reflns_obs 
_refine_ls_shell.number_reflns_R_free 
_refine_ls_shell.number_reflns_R_work 
_refine_ls_shell.percent_reflns_obs 
_refine_ls_shell.percent_reflns_R_free 
_refine_ls_shell.R_factor_all 
_refine_ls_shell.R_factor_obs 
_refine_ls_shell.R_factor_R_free 
_refine_ls_shell.R_factor_R_free_error 
_refine_ls_shell.R_factor_R_work 
_refine_ls_shell.redundancy_reflns_all 
_refine_ls_shell.redundancy_reflns_obs 
_refine_ls_shell.wR_factor_all 
_refine_ls_shell.wR_factor_obs 
_refine_ls_shell.wR_factor_R_free 
_refine_ls_shell.wR_factor_R_work 
_refine_ls_shell.pdbx_R_complete 
_refine_ls_shell.pdbx_total_number_of_bins_used 
_refine_ls_shell.pdbx_phase_error 
_refine_ls_shell.pdbx_fsc_work 
_refine_ls_shell.pdbx_fsc_free 
'X-RAY DIFFRACTION' 1.64 1.75  . . 119 2473 98.48 . . . 0.1993 . 0.1631 . . . . . . . . . . . 
'X-RAY DIFFRACTION' 1.75 1.88  . . 120 2500 99.92 . . . 0.1911 . 0.1465 . . . . . . . . . . . 
'X-RAY DIFFRACTION' 1.88 2.07  . . 132 2511 99.96 . . . 0.1815 . 0.1442 . . . . . . . . . . . 
'X-RAY DIFFRACTION' 2.07 2.37  . . 133 2533 99.93 . . . 0.1896 . 0.1477 . . . . . . . . . . . 
'X-RAY DIFFRACTION' 2.37 2.98  . . 155 2533 99.93 . . . 0.1825 . 0.1669 . . . . . . . . . . . 
'X-RAY DIFFRACTION' 2.98 40.69 . . 125 2689 99.65 . . . 0.1689 . 0.1589 . . . . . . . . . . . 
# 
_struct.entry_id                     7WW8 
_struct.title                        'Crystal structure of MutT-8-oxo-dGTP complex: Reaction for 5 hr in 5 mM Mn2+' 
_struct.pdbx_model_details           ? 
_struct.pdbx_formula_weight          ? 
_struct.pdbx_formula_weight_method   ? 
_struct.pdbx_model_type_details      ? 
_struct.pdbx_CASP_flag               N 
# 
_struct_keywords.entry_id        7WW8 
_struct_keywords.text            'Nudix hydrolase, HYDROLASE' 
_struct_keywords.pdbx_keywords   HYDROLASE 
# 
loop_
_struct_asym.id 
_struct_asym.pdbx_blank_PDB_chainid_flag 
_struct_asym.pdbx_modified 
_struct_asym.entity_id 
_struct_asym.details 
A N N 1 ? 
B N N 2 ? 
C N N 3 ? 
D N N 4 ? 
E N N 5 ? 
F N N 5 ? 
G N N 6 ? 
H N N 5 ? 
I N N 7 ? 
# 
loop_
_struct_conf.conf_type_id 
_struct_conf.id 
_struct_conf.pdbx_PDB_helix_id 
_struct_conf.beg_label_comp_id 
_struct_conf.beg_label_asym_id 
_struct_conf.beg_label_seq_id 
_struct_conf.pdbx_beg_PDB_ins_code 
_struct_conf.end_label_comp_id 
_struct_conf.end_label_asym_id 
_struct_conf.end_label_seq_id 
_struct_conf.pdbx_end_PDB_ins_code 
_struct_conf.beg_auth_comp_id 
_struct_conf.beg_auth_asym_id 
_struct_conf.beg_auth_seq_id 
_struct_conf.end_auth_comp_id 
_struct_conf.end_auth_asym_id 
_struct_conf.end_auth_seq_id 
_struct_conf.pdbx_PDB_helix_class 
_struct_conf.details 
_struct_conf.pdbx_PDB_helix_length 
HELX_P HELX_P1 AA1 THR A 45  ? GLY A 59  ? THR A 45  GLY A 59  1 ? 15 
HELX_P HELX_P2 AA2 ASN A 111 ? PHE A 115 ? ASN A 111 PHE A 115 5 ? 5  
HELX_P HELX_P3 AA3 PRO A 116 ? ALA A 118 ? PRO A 116 ALA A 118 5 ? 3  
HELX_P HELX_P4 AA4 ASN A 119 ? ARG A 128 ? ASN A 119 ARG A 128 1 ? 10 
# 
_struct_conf_type.id          HELX_P 
_struct_conf_type.criteria    ? 
_struct_conf_type.reference   ? 
# 
loop_
_struct_conn.id 
_struct_conn.conn_type_id 
_struct_conn.pdbx_leaving_atom_flag 
_struct_conn.pdbx_PDB_id 
_struct_conn.ptnr1_label_asym_id 
_struct_conn.ptnr1_label_comp_id 
_struct_conn.ptnr1_label_seq_id 
_struct_conn.ptnr1_label_atom_id 
_struct_conn.pdbx_ptnr1_label_alt_id 
_struct_conn.pdbx_ptnr1_PDB_ins_code 
_struct_conn.pdbx_ptnr1_standard_comp_id 
_struct_conn.ptnr1_symmetry 
_struct_conn.ptnr2_label_asym_id 
_struct_conn.ptnr2_label_comp_id 
_struct_conn.ptnr2_label_seq_id 
_struct_conn.ptnr2_label_atom_id 
_struct_conn.pdbx_ptnr2_label_alt_id 
_struct_conn.pdbx_ptnr2_PDB_ins_code 
_struct_conn.ptnr1_auth_asym_id 
_struct_conn.ptnr1_auth_comp_id 
_struct_conn.ptnr1_auth_seq_id 
_struct_conn.ptnr2_auth_asym_id 
_struct_conn.ptnr2_auth_comp_id 
_struct_conn.ptnr2_auth_seq_id 
_struct_conn.ptnr2_symmetry 
_struct_conn.pdbx_ptnr3_label_atom_id 
_struct_conn.pdbx_ptnr3_label_seq_id 
_struct_conn.pdbx_ptnr3_label_comp_id 
_struct_conn.pdbx_ptnr3_label_asym_id 
_struct_conn.pdbx_ptnr3_label_alt_id 
_struct_conn.pdbx_ptnr3_PDB_ins_code 
_struct_conn.details 
_struct_conn.pdbx_dist_value 
_struct_conn.pdbx_value_order 
_struct_conn.pdbx_role 
covale1  covale both ? B GLC .  C1  ? ? ? 1_555 B FRU . O2 ? ? C GLC 1   C FRU 2   1_555 ? ? ? ? ? ? ? 1.410 ? ? 
metalc1  metalc ?    ? A GLY 37 O   ? ? ? 1_555 E MN  . MN ? ? A GLY 37  A MN  203 1_555 ? ? ? ? ? ? ? 2.140 ? ? 
metalc2  metalc ?    ? A GLU 53 OE2 ? ? ? 1_555 F MN  . MN A ? A GLU 53  A MN  204 1_555 ? ? ? ? ? ? ? 2.410 ? ? 
metalc3  metalc ?    ? A GLU 53 OE2 ? ? ? 1_555 G NA  . NA B ? A GLU 53  A NA  205 1_555 ? ? ? ? ? ? ? 2.469 ? ? 
metalc4  metalc ?    ? A GLU 53 OE1 ? ? ? 1_555 H MN  . MN A ? A GLU 53  A MN  206 1_555 ? ? ? ? ? ? ? 2.419 ? ? 
metalc5  metalc ?    ? A GLU 57 OE2 ? ? ? 1_555 E MN  . MN ? ? A GLU 57  A MN  203 1_555 ? ? ? ? ? ? ? 2.193 ? ? 
metalc6  metalc ?    ? A GLU 57 OE2 ? ? ? 1_555 H MN  . MN A ? A GLU 57  A MN  206 1_555 ? ? ? ? ? ? ? 2.270 ? ? 
metalc7  metalc ?    ? D 8DG .  O2B ? ? ? 1_555 E MN  . MN ? ? A 8DG 202 A MN  203 1_555 ? ? ? ? ? ? ? 2.145 ? ? 
metalc8  metalc ?    ? D 8DG .  O1A ? ? ? 1_555 E MN  . MN ? ? A 8DG 202 A MN  203 1_555 ? ? ? ? ? ? ? 2.161 ? ? 
metalc9  metalc ?    ? D 8DG .  O1B ? ? ? 1_555 F MN  . MN A ? A 8DG 202 A MN  204 1_555 ? ? ? ? ? ? ? 2.397 ? ? 
metalc10 metalc ?    ? D 8DG .  O1B ? ? ? 1_555 G NA  . NA B ? A 8DG 202 A NA  205 1_555 ? ? ? ? ? ? ? 2.305 ? ? 
metalc11 metalc ?    ? D 8DG .  O2B ? ? ? 1_555 H MN  . MN A ? A 8DG 202 A MN  206 1_555 ? ? ? ? ? ? ? 2.292 ? ? 
metalc12 metalc ?    ? E MN  .  MN  ? ? ? 1_555 I HOH . O  ? ? A MN  203 A HOH 328 1_555 ? ? ? ? ? ? ? 2.199 ? ? 
metalc13 metalc ?    ? E MN  .  MN  ? ? ? 1_555 I HOH . O  ? ? A MN  203 A HOH 402 1_555 ? ? ? ? ? ? ? 2.225 ? ? 
metalc14 metalc ?    ? F MN  .  MN  A ? ? 1_555 I HOH . O  ? ? A MN  204 A HOH 302 1_555 ? ? ? ? ? ? ? 2.302 ? ? 
metalc15 metalc ?    ? F MN  .  MN  A ? ? 1_555 I HOH . O  ? ? A MN  204 A HOH 303 1_555 ? ? ? ? ? ? ? 2.316 ? ? 
metalc16 metalc ?    ? F MN  .  MN  A ? ? 1_555 I HOH . O  A ? A MN  204 A HOH 304 1_555 ? ? ? ? ? ? ? 2.292 ? ? 
metalc17 metalc ?    ? F MN  .  MN  A ? ? 1_555 I HOH . O  ? ? A MN  204 A HOH 338 1_555 ? ? ? ? ? ? ? 2.330 ? ? 
metalc18 metalc ?    ? G NA  .  NA  B ? ? 1_555 I HOH . O  ? ? A NA  205 A HOH 302 1_555 ? ? ? ? ? ? ? 2.264 ? ? 
metalc19 metalc ?    ? G NA  .  NA  B ? ? 1_555 I HOH . O  ? ? A NA  205 A HOH 303 1_555 ? ? ? ? ? ? ? 2.302 ? ? 
metalc20 metalc ?    ? G NA  .  NA  B ? ? 1_555 I HOH . O  B ? A NA  205 A HOH 304 1_555 ? ? ? ? ? ? ? 2.810 ? ? 
metalc21 metalc ?    ? G NA  .  NA  B ? ? 1_555 I HOH . O  ? ? A NA  205 A HOH 338 1_555 ? ? ? ? ? ? ? 2.424 ? ? 
metalc22 metalc ?    ? H MN  .  MN  A ? ? 1_555 I HOH . O  ? ? A MN  206 A HOH 301 1_555 ? ? ? ? ? ? ? 2.328 ? ? 
metalc23 metalc ?    ? H MN  .  MN  A ? ? 1_555 I HOH . O  A ? A MN  206 A HOH 304 1_555 ? ? ? ? ? ? ? 2.299 ? ? 
metalc24 metalc ?    ? H MN  .  MN  A ? ? 1_555 I HOH . O  ? ? A MN  206 A HOH 314 1_555 ? ? ? ? ? ? ? 2.309 ? ? 
# 
loop_
_struct_conn_type.id 
_struct_conn_type.criteria 
_struct_conn_type.reference 
covale ? ? 
metalc ? ? 
# 
loop_
_struct_sheet.id 
_struct_sheet.type 
_struct_sheet.number_strands 
_struct_sheet.details 
AA1 ? 4 ? 
AA2 ? 3 ? 
AA3 ? 2 ? 
# 
loop_
_struct_sheet_order.sheet_id 
_struct_sheet_order.range_id_1 
_struct_sheet_order.range_id_2 
_struct_sheet_order.offset 
_struct_sheet_order.sense 
AA1 1 2 ? anti-parallel 
AA1 2 3 ? parallel      
AA1 3 4 ? anti-parallel 
AA2 1 2 ? anti-parallel 
AA2 2 3 ? anti-parallel 
AA3 1 2 ? anti-parallel 
# 
loop_
_struct_sheet_range.sheet_id 
_struct_sheet_range.id 
_struct_sheet_range.beg_label_comp_id 
_struct_sheet_range.beg_label_asym_id 
_struct_sheet_range.beg_label_seq_id 
_struct_sheet_range.pdbx_beg_PDB_ins_code 
_struct_sheet_range.end_label_comp_id 
_struct_sheet_range.end_label_asym_id 
_struct_sheet_range.end_label_seq_id 
_struct_sheet_range.pdbx_end_PDB_ins_code 
_struct_sheet_range.beg_auth_comp_id 
_struct_sheet_range.beg_auth_asym_id 
_struct_sheet_range.beg_auth_seq_id 
_struct_sheet_range.end_auth_comp_id 
_struct_sheet_range.end_auth_asym_id 
_struct_sheet_range.end_auth_seq_id 
AA1 1 GLY A 37  ? LYS A 39  ? GLY A 37  LYS A 39  
AA1 2 LYS A 2   ? ILE A 11  ? LYS A 2   ILE A 11  
AA1 3 ARG A 78  ? VAL A 87  ? ARG A 78  VAL A 87  
AA1 4 SER A 66  ? GLU A 74  ? SER A 66  GLU A 74  
AA2 1 LEU A 33  ? GLU A 34  ? LEU A 33  GLU A 34  
AA2 2 GLU A 17  ? ARG A 22  ? GLU A 17  ARG A 22  
AA2 3 GLY A 102 ? SER A 106 ? GLY A 102 SER A 106 
AA3 1 THR A 61  ? GLN A 63  ? THR A 61  GLN A 63  
AA3 2 ARG A 89  ? GLU A 91  ? ARG A 89  GLU A 91  
# 
loop_
_pdbx_struct_sheet_hbond.sheet_id 
_pdbx_struct_sheet_hbond.range_id_1 
_pdbx_struct_sheet_hbond.range_id_2 
_pdbx_struct_sheet_hbond.range_1_label_atom_id 
_pdbx_struct_sheet_hbond.range_1_label_comp_id 
_pdbx_struct_sheet_hbond.range_1_label_asym_id 
_pdbx_struct_sheet_hbond.range_1_label_seq_id 
_pdbx_struct_sheet_hbond.range_1_PDB_ins_code 
_pdbx_struct_sheet_hbond.range_1_auth_atom_id 
_pdbx_struct_sheet_hbond.range_1_auth_comp_id 
_pdbx_struct_sheet_hbond.range_1_auth_asym_id 
_pdbx_struct_sheet_hbond.range_1_auth_seq_id 
_pdbx_struct_sheet_hbond.range_2_label_atom_id 
_pdbx_struct_sheet_hbond.range_2_label_comp_id 
_pdbx_struct_sheet_hbond.range_2_label_asym_id 
_pdbx_struct_sheet_hbond.range_2_label_seq_id 
_pdbx_struct_sheet_hbond.range_2_PDB_ins_code 
_pdbx_struct_sheet_hbond.range_2_auth_atom_id 
_pdbx_struct_sheet_hbond.range_2_auth_comp_id 
_pdbx_struct_sheet_hbond.range_2_auth_asym_id 
_pdbx_struct_sheet_hbond.range_2_auth_seq_id 
AA1 1 2 O GLY A 38 ? O GLY A 38 N ALA A 7   ? N ALA A 7   
AA1 2 3 N ILE A 10 ? N ILE A 10 O TRP A 85  ? O TRP A 85  
AA1 3 4 O PHE A 84 ? O PHE A 84 N GLU A 69  ? N GLU A 69  
AA2 1 2 O GLU A 34 ? O GLU A 34 N THR A 21  ? N THR A 21  
AA2 2 3 N ILE A 18 ? N ILE A 18 O MET A 105 ? O MET A 105 
AA3 1 2 N GLN A 63 ? N GLN A 63 O ARG A 89  ? O ARG A 89  
# 
_atom_sites.entry_id                    7WW8 
_atom_sites.Cartn_transf_matrix[1][1]   ? 
_atom_sites.Cartn_transf_matrix[1][2]   ? 
_atom_sites.Cartn_transf_matrix[1][3]   ? 
_atom_sites.Cartn_transf_matrix[2][1]   ? 
_atom_sites.Cartn_transf_matrix[2][2]   ? 
_atom_sites.Cartn_transf_matrix[2][3]   ? 
_atom_sites.Cartn_transf_matrix[3][1]   ? 
_atom_sites.Cartn_transf_matrix[3][2]   ? 
_atom_sites.Cartn_transf_matrix[3][3]   ? 
_atom_sites.Cartn_transf_vector[1]      ? 
_atom_sites.Cartn_transf_vector[2]      ? 
_atom_sites.Cartn_transf_vector[3]      ? 
_atom_sites.fract_transf_matrix[1][1]   0.00271702 
_atom_sites.fract_transf_matrix[1][2]   -0.01046797 
_atom_sites.fract_transf_matrix[1][3]   0.02379129 
_atom_sites.fract_transf_matrix[2][1]   -0.01772630 
_atom_sites.fract_transf_matrix[2][2]   -0.00001058 
_atom_sites.fract_transf_matrix[2][3]   0.00201973 
_atom_sites.fract_transf_matrix[3][1]   -0.00075743 
_atom_sites.fract_transf_matrix[3][2]   -0.01548962 
_atom_sites.fract_transf_matrix[3][3]   -0.00672881 
_atom_sites.fract_transf_vector[1]      0.000709 
_atom_sites.fract_transf_vector[2]      0.036964 
_atom_sites.fract_transf_vector[3]      0.380128 
_atom_sites.solution_primary            ? 
_atom_sites.solution_secondary          ? 
_atom_sites.solution_hydrogens          ? 
_atom_sites.special_details             ? 
# 
loop_
_atom_type.symbol 
_atom_type.scat_dispersion_real 
_atom_type.scat_dispersion_imag 
_atom_type.scat_Cromer_Mann_a1 
_atom_type.scat_Cromer_Mann_a2 
_atom_type.scat_Cromer_Mann_b1 
_atom_type.scat_Cromer_Mann_b2 
_atom_type.scat_Cromer_Mann_c 
_atom_type.scat_source 
_atom_type.scat_dispersion_source 
C  ? ? 3.54356  2.42580 25.62398 1.50364  0.0 
;2-Gaussian fit: Grosse-Kunstleve RW, Sauter NK, Adams PD: Newsletter of the IUCr Commission on Crystallographic Computing 2004, 3, 22-31.
;
? 
MN ? ? 20.23591 4.67902 2.76514  44.01191 0.0 
;2-Gaussian fit: Grosse-Kunstleve RW, Sauter NK, Adams PD: Newsletter of the IUCr Commission on Crystallographic Computing 2004, 3, 22-31.
;
? 
N  ? ? 4.01032  2.96436 19.97189 1.75589  0.0 
;2-Gaussian fit: Grosse-Kunstleve RW, Sauter NK, Adams PD: Newsletter of the IUCr Commission on Crystallographic Computing 2004, 3, 22-31.
;
? 
NA ? ? 9.38062  1.54875 3.38349  72.32734 0.0 
;2-Gaussian fit: Grosse-Kunstleve RW, Sauter NK, Adams PD: Newsletter of the IUCr Commission on Crystallographic Computing 2004, 3, 22-31.
;
? 
O  ? ? 4.49882  3.47563 15.80542 1.70748  0.0 
;2-Gaussian fit: Grosse-Kunstleve RW, Sauter NK, Adams PD: Newsletter of the IUCr Commission on Crystallographic Computing 2004, 3, 22-31.
;
? 
P  ? ? 9.51135  5.44231 1.42069  35.72801 0.0 
;2-Gaussian fit: Grosse-Kunstleve RW, Sauter NK, Adams PD: Newsletter of the IUCr Commission on Crystallographic Computing 2004, 3, 22-31.
;
? 
S  ? ? 9.55732  6.39887 1.23737  29.19336 0.0 
;2-Gaussian fit: Grosse-Kunstleve RW, Sauter NK, Adams PD: Newsletter of the IUCr Commission on Crystallographic Computing 2004, 3, 22-31.
;
? 
# 
loop_
_atom_site.group_PDB 
_atom_site.id 
_atom_site.type_symbol 
_atom_site.label_atom_id 
_atom_site.label_alt_id 
_atom_site.label_comp_id 
_atom_site.label_asym_id 
_atom_site.label_entity_id 
_atom_site.label_seq_id 
_atom_site.pdbx_PDB_ins_code 
_atom_site.Cartn_x 
_atom_site.Cartn_y 
_atom_site.Cartn_z 
_atom_site.occupancy 
_atom_site.B_iso_or_equiv 
_atom_site.pdbx_formal_charge 
_atom_site.auth_seq_id 
_atom_site.auth_comp_id 
_atom_site.auth_asym_id 
_atom_site.auth_atom_id 
_atom_site.pdbx_PDB_model_num 
ATOM   1    N  N     . MET A 1 1   ? 12.32834  -1.86663  -20.35962 1.000 60.90000 ? 1   MET A N     1 
ATOM   2    C  CA    . MET A 1 1   ? 11.18956  -2.06858  -19.47261 1.000 45.73000 ? 1   MET A CA    1 
ATOM   3    C  C     . MET A 1 1   ? 11.09499  -0.96094  -18.42412 1.000 41.50000 ? 1   MET A C     1 
ATOM   4    O  O     . MET A 1 1   ? 12.10548  -0.56492  -17.83911 1.000 48.54000 ? 1   MET A O     1 
ATOM   5    C  CB    . MET A 1 1   ? 11.28369  -3.43224  -18.78606 1.000 42.39000 ? 1   MET A CB    1 
ATOM   6    C  CG    . MET A 1 1   ? 10.23962  -3.63793  -17.71268 1.000 32.71000 ? 1   MET A CG    1 
ATOM   7    S  SD    . MET A 1 1   ? 10.35825  -5.21620  -16.85644 1.000 39.43000 ? 1   MET A SD    1 
ATOM   8    C  CE    . MET A 1 1   ? 9.66531   -6.30949  -18.10306 1.000 25.13000 ? 1   MET A CE    1 
ATOM   9    N  N     . LYS A 1 2   ? 9.87561   -0.47082  -18.19664 1.000 33.41000 ? 2   LYS A N     1 
ATOM   10   C  CA    . LYS A 1 2   ? 9.64468   0.56538   -17.19697 1.000 33.22000 ? 2   LYS A CA    1 
ATOM   11   C  C     . LYS A 1 2   ? 10.12952  0.11215   -15.82382 1.000 30.66000 ? 2   LYS A C     1 
ATOM   12   O  O     . LYS A 1 2   ? 9.96150   -1.04796  -15.44069 1.000 19.57000 ? 2   LYS A O     1 
ATOM   13   C  CB    . LYS A 1 2   ? 8.15621   0.90751   -17.12360 1.000 32.71000 ? 2   LYS A CB    1 
ATOM   14   C  CG    . LYS A 1 2   ? 7.41956   0.81617   -18.44836 1.000 40.50000 ? 2   LYS A CG    1 
ATOM   15   C  CD    . LYS A 1 2   ? 5.91188   0.81958   -18.23623 1.000 40.93000 ? 2   LYS A CD    1 
ATOM   16   C  CE    . LYS A 1 2   ? 5.49266   1.92796   -17.28106 1.000 40.96000 ? 2   LYS A CE    1 
ATOM   17   N  NZ    . LYS A 1 2   ? 4.01213   2.00541   -17.13942 1.000 54.13000 ? 2   LYS A NZ    1 
ATOM   18   N  N     . LYS A 1 3   ? 10.74230  1.03910   -15.08721 1.000 31.10000 ? 3   LYS A N     1 
ATOM   19   C  CA    . LYS A 1 3   ? 11.17482  0.82026   -13.71261 1.000 24.37000 ? 3   LYS A CA    1 
ATOM   20   C  C     . LYS A 1 3   ? 10.54100  1.88458   -12.83031 1.000 27.02000 ? 3   LYS A C     1 
ATOM   21   O  O     . LYS A 1 3   ? 10.63699  3.07850   -13.12992 1.000 29.73000 ? 3   LYS A O     1 
ATOM   22   C  CB    . LYS A 1 3   ? 12.70101  0.87913   -13.58529 1.000 23.65000 ? 3   LYS A CB    1 
ATOM   23   C  CG    . LYS A 1 3   ? 13.42756  -0.25701  -14.27251 1.000 36.61000 ? 3   LYS A CG    1 
ATOM   24   C  CD    . LYS A 1 3   ? 14.91341  -0.23059  -13.94285 1.000 44.19000 ? 3   LYS A CD    1 
ATOM   25   C  CE    . LYS A 1 3   ? 15.62645  -1.45563  -14.50177 1.000 53.87000 ? 3   LYS A CE    1 
ATOM   26   N  NZ    . LYS A 1 3   ? 17.06424  -1.49925  -14.10847 1.000 49.90000 ? 3   LYS A NZ    1 
ATOM   27   N  N     . LEU A 1 4   ? 9.90403   1.45733   -11.74493 1.000 14.75000 ? 4   LEU A N     1 
ATOM   28   C  CA    . LEU A 1 4   ? 9.17265   2.36338   -10.87169 1.000 16.67000 ? 4   LEU A CA    1 
ATOM   29   C  C     . LEU A 1 4   ? 9.51788   2.09262   -9.41550  1.000 11.60000 ? 4   LEU A C     1 
ATOM   30   O  O     . LEU A 1 4   ? 9.75017   0.95155   -9.02577  1.000 13.29000 ? 4   LEU A O     1 
ATOM   31   C  CB    . LEU A 1 4   ? 7.65231   2.22336   -11.05406 1.000 18.41000 ? 4   LEU A CB    1 
ATOM   32   C  CG    . LEU A 1 4   ? 7.03884   2.54327   -12.41735 1.000 24.58000 ? 4   LEU A CG    1 
ATOM   33   C  CD1   . LEU A 1 4   ? 7.16458   1.36330   -13.37819 1.000 34.88000 ? 4   LEU A CD1   1 
ATOM   34   C  CD2   . LEU A 1 4   ? 5.58612   2.92668   -12.24203 1.000 34.66000 ? 4   LEU A CD2   1 
ATOM   35   N  N     . GLN A 1 5   ? 9.54883   3.15871   -8.61713  1.000 12.34000 ? 5   GLN A N     1 
ATOM   36   C  CA    . GLN A 1 5   ? 9.62799   3.07108   -7.16312  1.000 9.04000  ? 5   GLN A CA    1 
ATOM   37   C  C     . GLN A 1 5   ? 8.26207   3.43115   -6.59715  1.000 8.85000  ? 5   GLN A C     1 
ATOM   38   O  O     . GLN A 1 5   ? 7.74262   4.50936   -6.89276  1.000 8.66000  ? 5   GLN A O     1 
ATOM   39   C  CB    . GLN A 1 5   ? 10.67864  4.02632   -6.59368  1.000 12.48000 ? 5   GLN A CB    1 
ATOM   40   C  CG    . GLN A 1 5   ? 12.07400  3.84303   -7.16542  1.000 12.70000 ? 5   GLN A CG    1 
ATOM   41   C  CD    . GLN A 1 5   ? 12.84453  2.71576   -6.50374  1.000 14.73000 ? 5   GLN A CD    1 
ATOM   42   O  OE1   . GLN A 1 5   ? 12.77962  2.52130   -5.29008  1.000 16.24000 ? 5   GLN A OE1   1 
ATOM   43   N  NE2   . GLN A 1 5   ? 13.58766  1.96376   -7.30834  1.000 19.90000 ? 5   GLN A NE2   1 
ATOM   44   N  N     . ILE A 1 6   ? 7.70076   2.54162   -5.77763  1.000 8.00000  ? 6   ILE A N     1 
ATOM   45   C  CA    . ILE A 1 6   ? 6.33993   2.66120   -5.25654  1.000 7.50000  ? 6   ILE A CA    1 
ATOM   46   C  C     . ILE A 1 6   ? 6.39611   2.65236   -3.73009  1.000 6.13000  ? 6   ILE A C     1 
ATOM   47   O  O     . ILE A 1 6   ? 7.05048   1.78615   -3.14130  1.000 8.59000  ? 6   ILE A O     1 
ATOM   48   C  CB    . ILE A 1 6   ? 5.45136   1.50503   -5.75604  1.000 7.06000  ? 6   ILE A CB    1 
ATOM   49   C  CG1   . ILE A 1 6   ? 5.46993   1.37695   -7.28976  1.000 10.78000 ? 6   ILE A CG1   1 
ATOM   50   C  CG2   . ILE A 1 6   ? 4.03063   1.63923   -5.20410  1.000 8.02000  ? 6   ILE A CG2   1 
ATOM   51   C  CD1   . ILE A 1 6   ? 5.01827   2.61096   -8.04964  1.000 11.54000 ? 6   ILE A CD1   1 
ATOM   52   N  N     . ALA A 1 7   ? 5.70971   3.59921   -3.08900  1.000 5.79000  ? 7   ALA A N     1 
ATOM   53   C  CA    . ALA A 1 7   ? 5.58875   3.62414   -1.63291  1.000 4.28000  ? 7   ALA A CA    1 
ATOM   54   C  C     . ALA A 1 7   ? 4.14102   3.36353   -1.24940  1.000 5.90000  ? 7   ALA A C     1 
ATOM   55   O  O     . ALA A 1 7   ? 3.24226   4.02627   -1.76689  1.000 7.62000  ? 7   ALA A O     1 
ATOM   56   C  CB    . ALA A 1 7   ? 6.03420   4.96998   -1.05537  1.000 9.02000  ? 7   ALA A CB    1 
ATOM   57   N  N     . VAL A 1 8   ? 3.91766   2.39997   -0.35276  1.000 5.82000  ? 8   VAL A N     1 
ATOM   58   C  CA    . VAL A 1 8   ? 2.57186   2.05372   0.08578   1.000 4.76000  ? 8   VAL A CA    1 
ATOM   59   C  C     . VAL A 1 8   ? 2.52770   2.01212   1.60598   1.000 5.60000  ? 8   VAL A C     1 
ATOM   60   O  O     . VAL A 1 8   ? 3.54927   1.85150   2.28534   1.000 6.26000  ? 8   VAL A O     1 
ATOM   61   C  CB    . VAL A 1 8   ? 2.07909   0.70757   -0.50077  1.000 6.91000  ? 8   VAL A CB    1 
ATOM   62   C  CG1   . VAL A 1 8   ? 2.31639   0.66930   -2.00458  1.000 8.05000  ? 8   VAL A CG1   1 
ATOM   63   C  CG2   . VAL A 1 8   ? 2.75903   -0.45835  0.18720   1.000 6.66000  ? 8   VAL A CG2   1 
ATOM   64   N  N     . GLY A 1 9   ? 1.31988   2.17256   2.13636   1.000 6.42000  ? 9   GLY A N     1 
ATOM   65   C  CA    . GLY A 1 9   ? 1.12278   2.17162   3.57768   1.000 5.16000  ? 9   GLY A CA    1 
ATOM   66   C  C     . GLY A 1 9   ? 0.20715   1.06284   4.05998   1.000 5.92000  ? 9   GLY A C     1 
ATOM   67   O  O     . GLY A 1 9   ? -0.90872  0.89609   3.54944   1.000 5.99000  ? 9   GLY A O     1 
ATOM   68   N  N     . ILE A 1 10  ? 0.70066   0.28588   5.02168   1.000 5.79000  ? 10  ILE A N     1 
ATOM   69   C  CA    . ILE A 1 10  ? -0.06756  -0.76253  5.68507   1.000 6.72000  ? 10  ILE A CA    1 
ATOM   70   C  C     . ILE A 1 10  ? -0.70006  -0.08939  6.89491   1.000 6.76000  ? 10  ILE A C     1 
ATOM   71   O  O     . ILE A 1 10  ? -0.02670  0.15822   7.89470   1.000 7.43000  ? 10  ILE A O     1 
ATOM   72   C  CB    . ILE A 1 10  ? 0.81772   -1.94069  6.09925   1.000 6.32000  ? 10  ILE A CB    1 
ATOM   73   C  CG1   . ILE A 1 10  ? 1.50380   -2.56232  4.88289   1.000 6.86000  ? 10  ILE A CG1   1 
ATOM   74   C  CG2   . ILE A 1 10  ? -0.00967  -2.97904  6.86170   1.000 6.53000  ? 10  ILE A CG2   1 
ATOM   75   C  CD1   . ILE A 1 10  ? 2.73829   -3.43280  5.24537   1.000 10.56000 ? 10  ILE A CD1   1 
ATOM   76   N  N     . ILE A 1 11  ? -1.99363  0.21389   6.79710   1.000 5.62000  ? 11  ILE A N     1 
ATOM   77   C  CA    . ILE A 1 11  ? -2.69264  1.06203   7.75980   1.000 5.02000  ? 11  ILE A CA    1 
ATOM   78   C  C     . ILE A 1 11  ? -3.40925  0.14771   8.74433   1.000 8.71000  ? 11  ILE A C     1 
ATOM   79   O  O     . ILE A 1 11  ? -4.43842  -0.44341  8.40954   1.000 9.29000  ? 11  ILE A O     1 
ATOM   80   C  CB    . ILE A 1 11  ? -3.67884  2.00009   7.05048   1.000 6.43000  ? 11  ILE A CB    1 
ATOM   81   C  CG1   . ILE A 1 11  ? -2.92704  2.87967   6.03896   1.000 6.29000  ? 11  ILE A CG1   1 
ATOM   82   C  CG2   . ILE A 1 11  ? -4.45654  2.84230   8.07338   1.000 9.37000  ? 11  ILE A CG2   1 
ATOM   83   C  CD1   . ILE A 1 11  ? -3.80912  3.41706   4.91628   1.000 6.91000  ? 11  ILE A CD1   1 
ATOM   84   N  N     . ARG A 1 12  ? -2.88587  0.04238   9.96296   1.000 8.58000  ? 12  ARG A N     1 
ATOM   85   C  CA    . ARG A 1 12  ? -3.32902  -0.95543  10.93555  1.000 8.24000  ? 12  ARG A CA    1 
ATOM   86   C  C     . ARG A 1 12  ? -3.97044  -0.26661  12.13792  1.000 11.06000 ? 12  ARG A C     1 
ATOM   87   O  O     . ARG A 1 12  ? -3.33495  0.58052   12.78190  1.000 11.92000 ? 12  ARG A O     1 
ATOM   88   C  CB    . ARG A 1 12  ? -2.13934  -1.80667  11.38191  1.000 8.36000  ? 12  ARG A CB    1 
ATOM   89   C  CG    . ARG A 1 12  ? -2.49337  -2.91654  12.35872  1.000 14.00000 ? 12  ARG A CG    1 
ATOM   90   C  CD    . ARG A 1 12  ? -1.23294  -3.31017  13.11040  1.000 25.43000 ? 12  ARG A CD    1 
ATOM   91   N  NE    . ARG A 1 12  ? -1.31780  -4.63554  13.70131  1.000 32.14000 ? 12  ARG A NE    1 
ATOM   92   C  CZ    . ARG A 1 12  ? -0.34284  -5.18807  14.41128  1.000 37.14000 ? 12  ARG A CZ    1 
ATOM   93   N  NH1   . ARG A 1 12  ? 0.78198   -4.51441  14.62317  1.000 29.30000 ? 12  ARG A NH1   1 
ATOM   94   N  NH2   . ARG A 1 12  ? -0.49083  -6.40941  14.90798  1.000 37.30000 ? 12  ARG A NH2   1 
ATOM   95   N  N     . ASN A 1 13  ? -5.21659  -0.63601  12.45274  1.000 9.29000  ? 13  ASN A N     1 
ATOM   96   C  CA    . ASN A 1 13  ? -5.89903  -0.03472  13.59492  1.000 9.11000  ? 13  ASN A CA    1 
ATOM   97   C  C     . ASN A 1 13  ? -5.67713  -0.87144  14.85792  1.000 11.42000 ? 13  ASN A C     1 
ATOM   98   O  O     . ASN A 1 13  ? -4.98887  -1.89419  14.85109  1.000 13.51000 ? 13  ASN A O     1 
ATOM   99   C  CB    . ASN A 1 13  ? -7.39538  0.18319   13.30696  1.000 10.73000 ? 13  ASN A CB    1 
ATOM   100  C  CG    . ASN A 1 13  ? -8.21825  -1.11691  13.22435  1.000 9.95000  ? 13  ASN A CG    1 
ATOM   101  O  OD1   . ASN A 1 13  ? -7.76083  -2.20833  13.56738  1.000 11.89000 ? 13  ASN A OD1   1 
ATOM   102  N  ND2   . ASN A 1 13  ? -9.47147  -0.98238  12.76428  1.000 9.46000  ? 13  ASN A ND2   1 
ATOM   103  N  N     . GLU A 1 14  ? -6.30086  -0.43807  15.95797  1.000 13.96000 ? 14  GLU A N     1 
ATOM   104  C  CA    . GLU A 1 14  ? -6.10984  -1.08670  17.25123  1.000 18.88000 ? 14  GLU A CA    1 
ATOM   105  C  C     . GLU A 1 14  ? -6.73495  -2.47213  17.32269  1.000 21.52000 ? 14  GLU A C     1 
ATOM   106  O  O     . GLU A 1 14  ? -6.42483  -3.22349  18.25617  1.000 23.87000 ? 14  GLU A O     1 
ATOM   107  C  CB    . GLU A 1 14  ? -6.69124  -0.21629  18.36297  1.000 21.93000 ? 14  GLU A CB    1 
ATOM   108  C  CG    . GLU A 1 14  ? -5.96309  1.09844   18.56829  1.000 33.90000 ? 14  GLU A CG    1 
ATOM   109  C  CD    . GLU A 1 14  ? -6.64980  1.97277   19.59493  1.000 49.49000 ? 14  GLU A CD    1 
ATOM   110  O  OE1   . GLU A 1 14  ? -7.81684  1.67718   19.94197  1.000 45.82000 ? 14  GLU A OE1   1 
ATOM   111  O  OE2   . GLU A 1 14  ? -6.02202  2.95161   20.05717  1.000 61.32000 ? 14  GLU A OE2   1 
ATOM   112  N  N     . ASN A 1 15  ? -7.60818  -2.82383  16.37901  1.000 15.00000 ? 15  ASN A N     1 
ATOM   113  C  CA    . ASN A 1 15  ? -8.26583  -4.12456  16.35964  1.000 14.76000 ? 15  ASN A CA    1 
ATOM   114  C  C     . ASN A 1 15  ? -7.63463  -5.08441  15.35773  1.000 12.06000 ? 15  ASN A C     1 
ATOM   115  O  O     . ASN A 1 15  ? -8.28777  -6.05048  14.94684  1.000 14.96000 ? 15  ASN A O     1 
ATOM   116  C  CB    . ASN A 1 15  ? -9.75258  -3.97175  16.04962  1.000 18.96000 ? 15  ASN A CB    1 
ATOM   117  C  CG    . ASN A 1 15  ? -10.52340 -3.34453  17.18475  1.000 33.18000 ? 15  ASN A CG    1 
ATOM   118  O  OD1   . ASN A 1 15  ? -9.99310  -3.14892  18.28016  1.000 38.75000 ? 15  ASN A OD1   1 
ATOM   119  N  ND2   . ASN A 1 15  ? -11.78756 -3.03834  16.93877  1.000 38.64000 ? 15  ASN A ND2   1 
ATOM   120  N  N     . ASN A 1 16  ? -6.38838  -4.83281  14.95483  1.000 9.56000  ? 16  ASN A N     1 
ATOM   121  C  CA    . ASN A 1 16  ? -5.66557  -5.71677  14.04176  1.000 11.17000 ? 16  ASN A CA    1 
ATOM   122  C  C     . ASN A 1 16  ? -6.37002  -5.81778  12.69040  1.000 10.13000 ? 16  ASN A C     1 
ATOM   123  O  O     . ASN A 1 16  ? -6.39778  -6.88010  12.06139  1.000 12.76000 ? 16  ASN A O     1 
ATOM   124  C  CB    . ASN A 1 16  ? -5.47314  -7.10776  14.65452  1.000 12.77000 ? 16  ASN A CB    1 
ATOM   125  C  CG    . ASN A 1 16  ? -4.25718  -7.81772  14.10442  1.000 29.96000 ? 16  ASN A CG    1 
ATOM   126  O  OD1   . ASN A 1 16  ? -3.20625  -7.20449  13.90600  1.000 31.41000 ? 16  ASN A OD1   1 
ATOM   127  N  ND2   . ASN A 1 16  ? -4.39178  -9.11669  13.84374  1.000 32.83000 ? 16  ASN A ND2   1 
ATOM   128  N  N     . GLU A 1 17  ? -6.95498  -4.71232  12.24399  1.000 8.86000  ? 17  GLU A N     1 
ATOM   129  C  CA    . GLU A 1 17  ? -7.54783  -4.62183  10.91910  1.000 7.36000  ? 17  GLU A CA    1 
ATOM   130  C  C     . GLU A 1 17  ? -6.72017  -3.66223  10.07913  1.000 8.47000  ? 17  GLU A C     1 
ATOM   131  O  O     . GLU A 1 17  ? -6.08846  -2.74430  10.61079  1.000 9.13000  ? 17  GLU A O     1 
ATOM   132  C  CB    . GLU A 1 17  ? -9.00540  -4.15645  10.99923  1.000 11.04000 ? 17  GLU A CB    1 
ATOM   133  C  CG    . GLU A 1 17  ? -9.89385  -5.14846  11.76488  1.000 8.82000  ? 17  GLU A CG    1 
ATOM   134  C  CD    . GLU A 1 17  ? -11.20456 -4.54044  12.23372  1.000 19.27000 ? 17  GLU A CD    1 
ATOM   135  O  OE1   . GLU A 1 17  ? -11.24896 -3.31380  12.45995  1.000 13.20000 ? 17  GLU A OE1   1 
ATOM   136  O  OE2   . GLU A 1 17  ? -12.18956 -5.29594  12.38289  1.000 18.00000 ? 17  GLU A OE2   1 
ATOM   137  N  N     . ILE A 1 18  ? -6.70530  -3.89579  8.76854   1.000 7.56000  ? 18  ILE A N     1 
ATOM   138  C  CA    . ILE A 1 18  ? -5.90292  -3.11562  7.82944   1.000 8.30000  ? 18  ILE A CA    1 
ATOM   139  C  C     . ILE A 1 18  ? -6.85086  -2.41528  6.87165   1.000 6.68000  ? 18  ILE A C     1 
ATOM   140  O  O     . ILE A 1 18  ? -7.82092  -3.02323  6.41067   1.000 7.60000  ? 18  ILE A O     1 
ATOM   141  C  CB    . ILE A 1 18  ? -4.92819  -4.01166  7.03388   1.000 10.12000 ? 18  ILE A CB    1 
ATOM   142  C  CG1   . ILE A 1 18  ? -4.20148  -5.00182  7.94763   1.000 13.18000 ? 18  ILE A CG1   1 
ATOM   143  C  CG2   . ILE A 1 18  ? -3.94877  -3.15508  6.23560   1.000 9.24000  ? 18  ILE A CG2   1 
ATOM   144  C  CD1   . ILE A 1 18  ? -3.26386  -4.33526  8.92802   1.000 15.55000 ? 18  ILE A CD1   1 
ATOM   145  N  N     . PHE A 1 19  ? -6.55858  -1.15964  6.52845   1.000 5.85000  ? 19  PHE A N     1 
ATOM   146  C  CA    . PHE A 1 19  ? -7.41078  -0.43398  5.58954   1.000 6.60000  ? 19  PHE A CA    1 
ATOM   147  C  C     . PHE A 1 19  ? -6.94409  -0.73371  4.17189   1.000 7.77000  ? 19  PHE A C     1 
ATOM   148  O  O     . PHE A 1 19  ? -5.83692  -0.34557  3.77683   1.000 7.64000  ? 19  PHE A O     1 
ATOM   149  C  CB    . PHE A 1 19  ? -7.41063  1.07035   5.85487   1.000 6.03000  ? 19  PHE A CB    1 
ATOM   150  C  CG    . PHE A 1 19  ? -8.42833  1.80332   5.03585   1.000 6.68000  ? 19  PHE A CG    1 
ATOM   151  C  CD1   . PHE A 1 19  ? -9.73708  1.92039   5.48398   1.000 7.00000  ? 19  PHE A CD1   1 
ATOM   152  C  CD2   . PHE A 1 19  ? -8.09779  2.33089   3.79673   1.000 5.36000  ? 19  PHE A CD2   1 
ATOM   153  C  CE1   . PHE A 1 19  ? -10.69497 2.57959   4.71245   1.000 11.27000 ? 19  PHE A CE1   1 
ATOM   154  C  CE2   . PHE A 1 19  ? -9.05740  3.00052   3.01900   1.000 5.70000  ? 19  PHE A CE2   1 
ATOM   155  C  CZ    . PHE A 1 19  ? -10.35460 3.11789   3.48021   1.000 6.84000  ? 19  PHE A CZ    1 
ATOM   156  N  N     . ILE A 1 20  ? -7.80541  -1.40694  3.40174   1.000 5.24000  ? 20  ILE A N     1 
ATOM   157  C  CA    . ILE A 1 20  ? -7.45801  -1.97457  2.10172   1.000 4.42000  ? 20  ILE A CA    1 
ATOM   158  C  C     . ILE A 1 20  ? -8.37763  -1.37123  1.04749   1.000 8.54000  ? 20  ILE A C     1 
ATOM   159  O  O     . ILE A 1 20  ? -9.59375  -1.29264  1.25720   1.000 8.37000  ? 20  ILE A O     1 
ATOM   160  C  CB    . ILE A 1 20  ? -7.60471  -3.50865  2.12234   1.000 5.75000  ? 20  ILE A CB    1 
ATOM   161  C  CG1   . ILE A 1 20  ? -6.68945  -4.13993  3.17356   1.000 7.36000  ? 20  ILE A CG1   1 
ATOM   162  C  CG2   . ILE A 1 20  ? -7.34877  -4.12388  0.74372   1.000 7.86000  ? 20  ILE A CG2   1 
ATOM   163  C  CD1   . ILE A 1 20  ? -5.22539  -3.85129  2.92465   1.000 8.38000  ? 20  ILE A CD1   1 
ATOM   164  N  N     . THR A 1 21  ? -7.80565  -0.96304  -0.08719  1.000 6.50000  ? 21  THR A N     1 
ATOM   165  C  CA    . THR A 1 21  ? -8.58829  -0.46676  -1.21186  1.000 5.27000  ? 21  THR A CA    1 
ATOM   166  C  C     . THR A 1 21  ? -8.52259  -1.45804  -2.37172  1.000 7.57000  ? 21  THR A C     1 
ATOM   167  O  O     . THR A 1 21  ? -7.73984  -2.40766  -2.36156  1.000 5.92000  ? 21  THR A O     1 
ATOM   168  C  CB    . THR A 1 21  ? -8.11656  0.93974   -1.63111  1.000 6.60000  ? 21  THR A CB    1 
ATOM   169  O  OG1   . THR A 1 21  ? -6.70946  0.94330   -1.91327  1.000 8.14000  ? 21  THR A OG1   1 
ATOM   170  C  CG2   . THR A 1 21  ? -8.39603  1.93974   -0.51001  1.000 9.63000  ? 21  THR A CG2   1 
ATOM   171  N  N     . ARG A 1 22  ? -9.39622  -1.27511  -3.36023  1.000 8.90000  ? 22  ARG A N     1 
ATOM   172  C  CA    . ARG A 1 22  ? -9.41985  -2.16383  -4.51749  1.000 8.47000  ? 22  ARG A CA    1 
ATOM   173  C  C     . ARG A 1 22  ? -9.13082  -1.35892  -5.77484  1.000 10.28000 ? 22  ARG A C     1 
ATOM   174  O  O     . ARG A 1 22  ? -9.72402  -0.29470  -5.98471  1.000 8.41000  ? 22  ARG A O     1 
ATOM   175  C  CB    . ARG A 1 22  ? -10.75217 -2.90203  -4.66048  1.000 7.92000  ? 22  ARG A CB    1 
ATOM   176  C  CG    . ARG A 1 22  ? -10.63174 -4.02888  -5.68522  1.000 9.03000  ? 22  ARG A CG    1 
ATOM   177  C  CD    . ARG A 1 22  ? -11.92721 -4.79838  -5.84070  1.000 10.80000 ? 22  ARG A CD    1 
ATOM   178  N  NE    . ARG A 1 22  ? -12.23280 -5.63814  -4.68466  1.000 9.51000  ? 22  ARG A NE    1 
ATOM   179  C  CZ    . ARG A 1 22  ? -11.82318 -6.89322  -4.53231  1.000 11.43000 ? 22  ARG A CZ    1 
ATOM   180  N  NH1   . ARG A 1 22  ? -11.04165 -7.46668  -5.44069  1.000 14.25000 ? 22  ARG A NH1   1 
ATOM   181  N  NH2   . ARG A 1 22  ? -12.17854 -7.57407  -3.45007  1.000 15.83000 ? 22  ARG A NH2   1 
ATOM   182  N  N     . ARG A 1 23  ? -8.21707  -1.86906  -6.60016  1.000 6.71000  ? 23  ARG A N     1 
ATOM   183  C  CA    . ARG A 1 23  ? -7.74748  -1.13668  -7.76615  1.000 7.26000  ? 23  ARG A CA    1 
ATOM   184  C  C     . ARG A 1 23  ? -8.77054  -1.16059  -8.89232  1.000 9.35000  ? 23  ARG A C     1 
ATOM   185  O  O     . ARG A 1 23  ? -9.53197  -2.12123  -9.05228  1.000 10.37000 ? 23  ARG A O     1 
ATOM   186  C  CB    . ARG A 1 23  ? -6.41645  -1.71045  -8.25080  1.000 8.18000  ? 23  ARG A CB    1 
ATOM   187  C  CG    . ARG A 1 23  ? -5.32648  -1.53632  -7.21667  1.000 8.93000  ? 23  ARG A CG    1 
ATOM   188  C  CD    . ARG A 1 23  ? -3.99060  -2.09176  -7.65866  1.000 9.65000  ? 23  ARG A CD    1 
ATOM   189  N  NE    . ARG A 1 23  ? -3.45666  -1.45038  -8.86105  1.000 8.49000  ? 23  ARG A NE    1 
ATOM   190  C  CZ    . ARG A 1 23  ? -2.80235  -0.29362  -8.87169  1.000 10.57000 ? 23  ARG A CZ    1 
ATOM   191  N  NH1   . ARG A 1 23  ? -2.62059  0.39593   -7.74103  1.000 9.36000  ? 23  ARG A NH1   1 
ATOM   192  N  NH2   . ARG A 1 23  ? -2.34708  0.18550   -10.02334 1.000 10.78000 ? 23  ARG A NH2   1 
ATOM   193  N  N     . ALA A 1 24  ? -8.77191  -0.08118  -9.67608  1.000 9.87000  ? 24  ALA A N     1 
ATOM   194  C  CA    . ALA A 1 24  ? -9.71961  0.09199   -10.76698 1.000 9.09000  ? 24  ALA A CA    1 
ATOM   195  C  C     . ALA A 1 24  ? -9.55648  -1.00530  -11.81434 1.000 12.88000 ? 24  ALA A C     1 
ATOM   196  O  O     . ALA A 1 24  ? -8.50700  -1.64106  -11.94370 1.000 12.38000 ? 24  ALA A O     1 
ATOM   197  C  CB    . ALA A 1 24  ? -9.53623  1.46270   -11.42059 1.000 16.71000 ? 24  ALA A CB    1 
ATOM   198  N  N     . ALA A 1 25  ? -10.62420 -1.21628  -12.58273 1.000 12.97000 ? 25  ALA A N     1 
ATOM   199  C  CA    . ALA A 1 25  ? -10.63407 -2.30518  -13.54953 1.000 11.03000 ? 25  ALA A CA    1 
ATOM   200  C  C     . ALA A 1 25  ? -9.70901  -2.05115  -14.73085 1.000 12.32000 ? 25  ALA A C     1 
ATOM   201  O  O     . ALA A 1 25  ? -9.37997  -2.99813  -15.45201 1.000 15.89000 ? 25  ALA A O     1 
ATOM   202  C  CB    . ALA A 1 25  ? -12.05953 -2.54003  -14.05688 1.000 13.56000 ? 25  ALA A CB    1 
ATOM   203  N  N     . ASP A 1 26  ? -9.30203  -0.80280  -14.95964 1.000 12.44000 ? 26  ASP A N     1 
ATOM   204  C  CA    . ASP A 1 26  ? -8.43225  -0.45992  -16.07798 1.000 16.00000 ? 26  ASP A CA    1 
ATOM   205  C  C     . ASP A 1 26  ? -7.01586  -0.13245  -15.63209 1.000 17.25000 ? 26  ASP A C     1 
ATOM   206  O  O     . ASP A 1 26  ? -6.22568  0.39861   -16.42347 1.000 19.73000 ? 26  ASP A O     1 
ATOM   207  C  CB    . ASP A 1 26  ? -9.01567  0.71818   -16.85510 1.000 19.15000 ? 26  ASP A CB    1 
ATOM   208  C  CG    . ASP A 1 26  ? -9.20413  1.94728   -15.98521 1.000 25.67000 ? 26  ASP A CG    1 
ATOM   209  O  OD1   . ASP A 1 26  ? -9.16306  1.81234   -14.74209 1.000 27.31000 ? 26  ASP A OD1   1 
ATOM   210  O  OD2   . ASP A 1 26  ? -9.40186  3.04923   -16.54000 1.000 43.24000 ? 26  ASP A OD2   1 
ATOM   211  N  N     . ALA A 1 27  ? -6.67296  -0.43303  -14.39087 1.000 12.54000 ? 27  ALA A N     1 
ATOM   212  C  CA    . ALA A 1 27  ? -5.35505  -0.11235  -13.87302 1.000 12.67000 ? 27  ALA A CA    1 
ATOM   213  C  C     . ALA A 1 27  ? -4.42972  -1.30631  -14.05256 1.000 11.72000 ? 27  ALA A C     1 
ATOM   214  O  O     . ALA A 1 27  ? -4.87303  -2.43511  -14.26572 1.000 11.18000 ? 27  ALA A O     1 
ATOM   215  C  CB    . ALA A 1 27  ? -5.44240  0.27311   -12.39395 1.000 14.27000 ? 27  ALA A CB    1 
ATOM   216  N  N     . HIS A 1 28  ? -3.12313  -1.05188  -13.97888 1.000 8.68000  ? 28  HIS A N     1 
ATOM   217  C  CA    . HIS A 1 28  ? -2.21840  -2.16760  -13.75585 1.000 9.33000  ? 28  HIS A CA    1 
ATOM   218  C  C     . HIS A 1 28  ? -2.63830  -2.87302  -12.47163 1.000 8.52000  ? 28  HIS A C     1 
ATOM   219  O  O     . HIS A 1 28  ? -3.04051  -2.22682  -11.50206 1.000 10.14000 ? 28  HIS A O     1 
ATOM   220  C  CB    . HIS A 1 28  ? -0.76438  -1.68759  -13.66786 1.000 9.46000  ? 28  HIS A CB    1 
ATOM   221  C  CG    . HIS A 1 28  ? 0.22304   -2.80500  -13.55827 1.000 9.95000  ? 28  HIS A CG    1 
ATOM   222  N  ND1   . HIS A 1 28  ? 0.95038   -3.05166  -12.41412 1.000 8.12000  ? 28  HIS A ND1   1 
ATOM   223  C  CD2   . HIS A 1 28  ? 0.58056   -3.76563  -14.44468 1.000 13.68000 ? 28  HIS A CD2   1 
ATOM   224  C  CE1   . HIS A 1 28  ? 1.71392   -4.11396  -12.59964 1.000 11.35000 ? 28  HIS A CE1   1 
ATOM   225  N  NE2   . HIS A 1 28  ? 1.51205   -4.56448  -13.82605 1.000 14.12000 ? 28  HIS A NE2   1 
ATOM   226  N  N     . MET A 1 29  ? -2.57045  -4.20856  -12.47493 1.000 8.06000  ? 29  MET A N     1 
ATOM   227  C  CA    . MET A 1 29  ? -3.07016  -5.02131  -11.36174 1.000 8.00000  ? 29  MET A CA    1 
ATOM   228  C  C     . MET A 1 29  ? -4.53945  -4.69865  -11.10250 1.000 10.89000 ? 29  MET A C     1 
ATOM   229  O  O     . MET A 1 29  ? -4.97046  -4.45462  -9.97266  1.000 8.93000  ? 29  MET A O     1 
ATOM   230  C  CB    . MET A 1 29  ? -2.21335  -4.84351  -10.10383 1.000 9.31000  ? 29  MET A CB    1 
ATOM   231  C  CG    . MET A 1 29  ? -0.85808  -5.54589  -10.18209 1.000 9.63000  ? 29  MET A CG    1 
ATOM   232  S  SD    . MET A 1 29  ? -1.04967  -7.34847  -10.32720 1.000 11.68000 ? 29  MET A SD    1 
ATOM   233  C  CE    . MET A 1 29  ? -0.64587  -7.64538  -12.05829 1.000 16.39000 ? 29  MET A CE    1 
ATOM   234  N  N     . ALA A 1 30  ? -5.30763  -4.69348  -12.19115 1.000 9.82000  ? 30  ALA A N     1 
ATOM   235  C  CA    . ALA A 1 30  ? -6.71293  -4.31694  -12.13851 1.000 10.65000 ? 30  ALA A CA    1 
ATOM   236  C  C     . ALA A 1 30  ? -7.48651  -5.21579  -11.18571 1.000 7.76000  ? 30  ALA A C     1 
ATOM   237  O  O     . ALA A 1 30  ? -7.25694  -6.42633  -11.12062 1.000 7.89000  ? 30  ALA A O     1 
ATOM   238  C  CB    . ALA A 1 30  ? -7.32699  -4.40358  -13.53561 1.000 16.09000 ? 30  ALA A CB    1 
ATOM   239  N  N     . ASN A 1 31  ? -8.40888  -4.60432  -10.44444 1.000 8.47000  ? 31  ASN A N     1 
ATOM   240  C  CA    . ASN A 1 31  ? -9.35189  -5.26479  -9.54645  1.000 5.87000  ? 31  ASN A CA    1 
ATOM   241  C  C     . ASN A 1 31  ? -8.69114  -5.91057  -8.33524  1.000 9.43000  ? 31  ASN A C     1 
ATOM   242  O  O     . ASN A 1 31  ? -9.38594  -6.56789  -7.55539  1.000 8.18000  ? 31  ASN A O     1 
ATOM   243  C  CB    . ASN A 1 31  ? -10.18921 -6.33835  -10.26701 1.000 9.69000  ? 31  ASN A CB    1 
ATOM   244  C  CG    . ASN A 1 31  ? -11.00484 -5.77053  -11.40696 1.000 9.25000  ? 31  ASN A CG    1 
ATOM   245  O  OD1   . ASN A 1 31  ? -11.70700 -4.76607  -11.24841 1.000 9.45000  ? 31  ASN A OD1   1 
ATOM   246  N  ND2   . ASN A 1 31  ? -10.91672 -6.40947  -12.57143 1.000 9.21000  ? 31  ASN A ND2   1 
ATOM   247  N  N     . LYS A 1 32  ? -7.37955  -5.76536  -8.15641  1.000 6.41000  ? 32  LYS A N     1 
ATOM   248  C  CA    . LYS A 1 32  ? -6.69690  -6.36545  -7.01766  1.000 8.34000  ? 32  LYS A CA    1 
ATOM   249  C  C     . LYS A 1 32  ? -6.89065  -5.53497  -5.75465  1.000 5.92000  ? 32  LYS A C     1 
ATOM   250  O  O     . LYS A 1 32  ? -7.00695  -4.30643  -5.80608  1.000 7.73000  ? 32  LYS A O     1 
ATOM   251  C  CB    . LYS A 1 32  ? -5.19937  -6.48546  -7.30190  1.000 7.32000  ? 32  LYS A CB    1 
ATOM   252  C  CG    . LYS A 1 32  ? -4.85768  -7.54513  -8.34542  1.000 8.17000  ? 32  LYS A CG    1 
ATOM   253  C  CD    . LYS A 1 32  ? -5.18336  -8.92191  -7.79246  1.000 14.15000 ? 32  LYS A CD    1 
ATOM   254  C  CE    . LYS A 1 32  ? -4.94280  -10.02498 -8.80508  1.000 34.08000 ? 32  LYS A CE    1 
ATOM   255  N  NZ    . LYS A 1 32  ? -5.52186  -11.30476 -8.29365  1.000 35.57000 ? 32  LYS A NZ    1 
ATOM   256  N  N     . LEU A 1 33  ? -6.90880  -6.21898  -4.61015  1.000 4.95000  ? 33  LEU A N     1 
ATOM   257  C  CA    . LEU A 1 33  ? -6.78856  -5.51861  -3.33919  1.000 6.60000  ? 33  LEU A CA    1 
ATOM   258  C  C     . LEU A 1 33  ? -5.37819  -4.96378  -3.20999  1.000 6.81000  ? 33  LEU A C     1 
ATOM   259  O  O     . LEU A 1 33  ? -4.43061  -5.49749  -3.79141  1.000 7.49000  ? 33  LEU A O     1 
ATOM   260  C  CB    . LEU A 1 33  ? -7.08582  -6.45136  -2.16350  1.000 6.22000  ? 33  LEU A CB    1 
ATOM   261  C  CG    . LEU A 1 33  ? -8.52558  -6.95755  -2.08229  1.000 8.06000  ? 33  LEU A CG    1 
ATOM   262  C  CD1   . LEU A 1 33  ? -8.70891  -7.79985  -0.83369  1.000 7.84000  ? 33  LEU A CD1   1 
ATOM   263  C  CD2   . LEU A 1 33  ? -9.50666  -5.79379  -2.11839  1.000 8.21000  ? 33  LEU A CD2   1 
ATOM   264  N  N     . GLU A 1 34  ? -5.23773  -3.88812  -2.43090  1.000 6.81000  ? 34  GLU A N     1 
ATOM   265  C  CA    . GLU A 1 34  ? -3.95767  -3.19103  -2.39340  1.000 6.10000  ? 34  GLU A CA    1 
ATOM   266  C  C     . GLU A 1 34  ? -3.82103  -2.41696  -1.09298  1.000 7.61000  ? 34  GLU A C     1 
ATOM   267  O  O     . GLU A 1 34  ? -4.81616  -2.01130  -0.48779  1.000 7.32000  ? 34  GLU A O     1 
ATOM   268  C  CB    . GLU A 1 34  ? -3.83310  -2.21442  -3.56522  1.000 6.15000  ? 34  GLU A CB    1 
ATOM   269  C  CG    . GLU A 1 34  ? -4.98261  -1.22254  -3.56103  1.000 7.85000  ? 34  GLU A CG    1 
ATOM   270  C  CD    . GLU A 1 34  ? -4.75526  0.02013   -4.39465  1.000 11.95000 ? 34  GLU A CD    1 
ATOM   271  O  OE1   . GLU A 1 34  ? -3.68100  0.15275   -5.02689  1.000 11.46000 ? 34  GLU A OE1   1 
ATOM   272  O  OE2   . GLU A 1 34  ? -5.68835  0.85932   -4.41756  1.000 11.00000 ? 34  GLU A OE2   1 
ATOM   273  N  N     . PHE A 1 35  ? -2.57175  -2.19764  -0.68329  1.000 4.48000  ? 35  PHE A N     1 
ATOM   274  C  CA    . PHE A 1 35  ? -2.28637  -1.15008  0.28988   1.000 4.59000  ? 35  PHE A CA    1 
ATOM   275  C  C     . PHE A 1 35  ? -2.28181  0.19228   -0.43159  1.000 4.15000  ? 35  PHE A C     1 
ATOM   276  O  O     . PHE A 1 35  ? -1.67973  0.30413   -1.49798  1.000 6.88000  ? 35  PHE A O     1 
ATOM   277  C  CB    . PHE A 1 35  ? -0.92295  -1.39736  0.95687   1.000 5.13000  ? 35  PHE A CB    1 
ATOM   278  C  CG    . PHE A 1 35  ? -0.78900  -2.75517  1.57773   1.000 6.11000  ? 35  PHE A CG    1 
ATOM   279  C  CD1   . PHE A 1 35  ? -1.63002  -3.14557  2.60377   1.000 6.28000  ? 35  PHE A CD1   1 
ATOM   280  C  CD2   . PHE A 1 35  ? 0.19927   -3.62923  1.15718   1.000 7.86000  ? 35  PHE A CD2   1 
ATOM   281  C  CE1   . PHE A 1 35  ? -1.50867  -4.39890  3.19405   1.000 6.26000  ? 35  PHE A CE1   1 
ATOM   282  C  CE2   . PHE A 1 35  ? 0.33120   -4.88450  1.74320   1.000 8.42000  ? 35  PHE A CE2   1 
ATOM   283  C  CZ    . PHE A 1 35  ? -0.52609  -5.27509  2.75893   1.000 8.44000  ? 35  PHE A CZ    1 
ATOM   284  N  N     . PRO A 1 36  ? -2.94237  1.22375   0.09220   1.000 6.25000  ? 36  PRO A N     1 
ATOM   285  C  CA    . PRO A 1 36  ? -2.88675  2.52915   -0.58765  1.000 4.82000  ? 36  PRO A CA    1 
ATOM   286  C  C     . PRO A 1 36  ? -1.44219  2.98775   -0.76834  1.000 4.68000  ? 36  PRO A C     1 
ATOM   287  O  O     . PRO A 1 36  ? -0.58775  2.75892   0.08683   1.000 6.69000  ? 36  PRO A O     1 
ATOM   288  C  CB    . PRO A 1 36  ? -3.66042  3.45243   0.35621   1.000 6.82000  ? 36  PRO A CB    1 
ATOM   289  C  CG    . PRO A 1 36  ? -4.60773  2.51042   1.07369   1.000 6.04000  ? 36  PRO A CG    1 
ATOM   290  C  CD    . PRO A 1 36  ? -3.78364  1.27005   1.30382   1.000 7.52000  ? 36  PRO A CD    1 
ATOM   291  N  N     . GLY A 1 37  ? -1.16998  3.62119   -1.90040  1.000 6.25000  ? 37  GLY A N     1 
ATOM   292  C  CA    . GLY A 1 37  ? 0.17235   4.09315   -2.18327  1.000 6.12000  ? 37  GLY A CA    1 
ATOM   293  C  C     . GLY A 1 37  ? 0.32933   4.41684   -3.65705  1.000 7.19000  ? 37  GLY A C     1 
ATOM   294  O  O     . GLY A 1 37  ? -0.62859  4.38085   -4.42358  1.000 8.14000  ? 37  GLY A O     1 
ATOM   295  N  N     . GLY A 1 38  ? 1.55801   4.74338   -4.03705  1.000 5.77000  ? 38  GLY A N     1 
ATOM   296  C  CA    . GLY A 1 38  ? 1.79204   5.08443   -5.42632  1.000 7.18000  ? 38  GLY A CA    1 
ATOM   297  C  C     . GLY A 1 38  ? 3.22684   5.45705   -5.70194  1.000 6.96000  ? 38  GLY A C     1 
ATOM   298  O  O     . GLY A 1 38  ? 4.12302   5.20269   -4.89572  1.000 8.59000  ? 38  GLY A O     1 
ATOM   299  N  N     . LYS A 1 39  ? 3.42368   6.08018   -6.85958  1.000 6.73000  ? 39  LYS A N     1 
ATOM   300  C  CA    . LYS A 1 39  ? 4.76578   6.30467   -7.38422  1.000 8.39000  ? 39  LYS A CA    1 
ATOM   301  C  C     . LYS A 1 39  ? 5.50460   7.39112   -6.60940  1.000 9.79000  ? 39  LYS A C     1 
ATOM   302  O  O     . LYS A 1 39  ? 4.96106   8.47082   -6.34798  1.000 9.69000  ? 39  LYS A O     1 
ATOM   303  C  CB    . LYS A 1 39  ? 4.67229   6.67653   -8.86533  1.000 11.84000 ? 39  LYS A CB    1 
ATOM   304  C  CG    . LYS A 1 39  ? 3.99702   5.59365   -9.70076  1.000 23.74000 ? 39  LYS A CG    1 
ATOM   305  C  CD    . LYS A 1 39  ? 3.41304   6.09980   -11.01623 1.000 29.99000 ? 39  LYS A CD    1 
ATOM   306  C  CE    . LYS A 1 39  ? 2.63766   4.97807   -11.70573 1.000 29.83000 ? 39  LYS A CE    1 
ATOM   307  N  NZ    . LYS A 1 39  ? 2.20573   5.31229   -13.09225 1.000 42.47000 ? 39  LYS A NZ    1 
ATOM   308  N  N     . ILE A 1 40  ? 6.75500   7.09938   -6.25443  1.000 6.68000  ? 40  ILE A N     1 
ATOM   309  C  CA    . ILE A 1 40  ? 7.65357   8.08855   -5.66808  1.000 8.55000  ? 40  ILE A CA    1 
ATOM   310  C  C     . ILE A 1 40  ? 8.12676   9.01878   -6.77489  1.000 12.84000 ? 40  ILE A C     1 
ATOM   311  O  O     . ILE A 1 40  ? 8.71962   8.57242   -7.76618  1.000 14.73000 ? 40  ILE A O     1 
ATOM   312  C  CB    . ILE A 1 40  ? 8.84063   7.40914   -4.97885  1.000 8.35000  ? 40  ILE A CB    1 
ATOM   313  C  CG1   . ILE A 1 40  ? 8.35375   6.48348   -3.86846  1.000 8.56000  ? 40  ILE A CG1   1 
ATOM   314  C  CG2   . ILE A 1 40  ? 9.80275   8.45520   -4.43513  1.000 10.35000 ? 40  ILE A CG2   1 
ATOM   315  C  CD1   . ILE A 1 40  ? 9.43539   5.55483   -3.33727  1.000 11.83000 ? 40  ILE A CD1   1 
ATOM   316  N  N     A GLU A 1 41  ? 7.87757   10.31285  -6.60545  0.590 9.93000  ? 41  GLU A N     1 
ATOM   317  N  N     B GLU A 1 41  ? 7.87687   10.31119  -6.61160  0.410 9.99000  ? 41  GLU A N     1 
ATOM   318  C  CA    A GLU A 1 41  ? 8.18988   11.29322  -7.63118  0.590 11.11000 ? 41  GLU A CA    1 
ATOM   319  C  CA    B GLU A 1 41  ? 8.18061   11.27111  -7.65963  0.410 11.17000 ? 41  GLU A CA    1 
ATOM   320  C  C     A GLU A 1 41  ? 9.62606   11.78223  -7.49656  0.590 12.00000 ? 41  GLU A C     1 
ATOM   321  C  C     B GLU A 1 41  ? 9.58800   11.83403  -7.48589  0.410 12.04000 ? 41  GLU A C     1 
ATOM   322  O  O     A GLU A 1 41  ? 10.26197  11.65236  -6.44766  0.590 10.90000 ? 41  GLU A O     1 
ATOM   323  O  O     B GLU A 1 41  ? 10.17747  11.78310  -6.40245  0.410 11.00000 ? 41  GLU A O     1 
ATOM   324  C  CB    A GLU A 1 41  ? 7.22338   12.47706  -7.55685  0.590 17.37000 ? 41  GLU A CB    1 
ATOM   325  C  CB    B GLU A 1 41  ? 7.13746   12.39029  -7.66651  0.410 17.40000 ? 41  GLU A CB    1 
ATOM   326  C  CG    A GLU A 1 41  ? 5.75298   12.09264  -7.71735  0.590 15.07000 ? 41  GLU A CG    1 
ATOM   327  C  CG    B GLU A 1 41  ? 5.73100   11.86491  -7.94686  0.410 15.48000 ? 41  GLU A CG    1 
ATOM   328  C  CD    A GLU A 1 41  ? 5.41091   11.58456  -9.11455  0.590 23.30000 ? 41  GLU A CD    1 
ATOM   329  C  CD    B GLU A 1 41  ? 4.63449   12.87458  -7.66299  0.410 19.92000 ? 41  GLU A CD    1 
ATOM   330  O  OE1   A GLU A 1 41  ? 6.23530   11.74130  -10.04047 0.590 22.29000 ? 41  GLU A OE1   1 
ATOM   331  O  OE1   B GLU A 1 41  ? 4.94026   13.97771  -7.16421  0.410 21.06000 ? 41  GLU A OE1   1 
ATOM   332  O  OE2   A GLU A 1 41  ? 4.30642   11.02669  -9.28879  0.590 24.67000 ? 41  GLU A OE2   1 
ATOM   333  O  OE2   B GLU A 1 41  ? 3.45726   12.55393  -7.93546  0.410 23.27000 ? 41  GLU A OE2   1 
ATOM   334  N  N     . MET A 1 42  ? 10.13339  12.34848  -8.58836  1.000 12.32000 ? 42  MET A N     1 
ATOM   335  C  CA    . MET A 1 42  ? 11.45083  12.96480  -8.55002  1.000 15.83000 ? 42  MET A CA    1 
ATOM   336  C  C     . MET A 1 42  ? 11.44459  14.08543  -7.52129  1.000 10.58000 ? 42  MET A C     1 
ATOM   337  O  O     . MET A 1 42  ? 10.48028  14.85191  -7.42104  1.000 13.57000 ? 42  MET A O     1 
ATOM   338  C  CB    . MET A 1 42  ? 11.82777  13.50743  -9.92952  1.000 17.06000 ? 42  MET A CB    1 
ATOM   339  C  CG    . MET A 1 42  ? 13.19252  14.17060  -9.97923  1.000 25.09000 ? 42  MET A CG    1 
ATOM   340  S  SD    . MET A 1 42  ? 14.54223  12.98819  -10.09999 1.000 45.30000 ? 42  MET A SD    1 
ATOM   341  C  CE    . MET A 1 42  ? 14.27450  12.34737  -11.75522 1.000 38.33000 ? 42  MET A CE    1 
ATOM   342  N  N     . GLY A 1 43  ? 12.49949  14.13700  -6.71613  1.000 10.69000 ? 43  GLY A N     1 
ATOM   343  C  CA    . GLY A 1 43  ? 12.64355  15.17229  -5.71135  1.000 12.90000 ? 43  GLY A CA    1 
ATOM   344  C  C     . GLY A 1 43  ? 11.93123  14.91493  -4.40311  1.000 13.13000 ? 43  GLY A C     1 
ATOM   345  O  O     . GLY A 1 43  ? 11.94286  15.79361  -3.52790  1.000 8.39000  ? 43  GLY A O     1 
ATOM   346  N  N     . GLU A 1 44  ? 11.28523  13.76243  -4.23995  1.000 10.79000 ? 44  GLU A N     1 
ATOM   347  C  CA    . GLU A 1 44  ? 10.71131  13.40764  -2.95413  1.000 10.01000 ? 44  GLU A CA    1 
ATOM   348  C  C     . GLU A 1 44  ? 11.27868  12.06581  -2.50426  1.000 6.74000  ? 44  GLU A C     1 
ATOM   349  O  O     . GLU A 1 44  ? 11.70417  11.24072  -3.32342  1.000 9.64000  ? 44  GLU A O     1 
ATOM   350  C  CB    . GLU A 1 44  ? 9.16660   13.37449  -3.00541  1.000 15.30000 ? 44  GLU A CB    1 
ATOM   351  C  CG    . GLU A 1 44  ? 8.59654   12.06028  -3.37795  1.000 13.67000 ? 44  GLU A CG    1 
ATOM   352  C  CD    . GLU A 1 44  ? 7.07752   12.06107  -3.53037  1.000 8.83000  ? 44  GLU A CD    1 
ATOM   353  O  OE1   . GLU A 1 44  ? 6.35985   12.91674  -2.95219  1.000 12.42000 ? 44  GLU A OE1   1 
ATOM   354  O  OE2   . GLU A 1 44  ? 6.60396   11.17504  -4.24620  1.000 9.79000  ? 44  GLU A OE2   1 
ATOM   355  N  N     . THR A 1 45  ? 11.34091  11.88715  -1.19053  1.000 8.03000  ? 45  THR A N     1 
ATOM   356  C  CA    . THR A 1 45  ? 11.87355  10.67170  -0.58551  1.000 5.85000  ? 45  THR A CA    1 
ATOM   357  C  C     . THR A 1 45  ? 10.78206  9.62131   -0.47156  1.000 7.39000  ? 45  THR A C     1 
ATOM   358  O  O     . THR A 1 45  ? 9.59365   9.92636   -0.60036  1.000 8.53000  ? 45  THR A O     1 
ATOM   359  C  CB    . THR A 1 45  ? 12.41501  10.98402  0.80274   1.000 6.90000  ? 45  THR A CB    1 
ATOM   360  O  OG1   . THR A 1 45  ? 11.31645  11.36504  1.63958   1.000 8.30000  ? 45  THR A OG1   1 
ATOM   361  C  CG2   . THR A 1 45  ? 13.42924  12.12319  0.74435   1.000 9.52000  ? 45  THR A CG2   1 
ATOM   362  N  N     . PRO A 1 46  ? 11.15520  8.35787   -0.21546  1.000 7.40000  ? 46  PRO A N     1 
ATOM   363  C  CA    . PRO A 1 46  ? 10.12306  7.33434   0.03095   1.000 8.88000  ? 46  PRO A CA    1 
ATOM   364  C  C     . PRO A 1 46  ? 9.21474   7.67599   1.20333   1.000 8.94000  ? 46  PRO A C     1 
ATOM   365  O  O     . PRO A 1 46  ? 8.00855   7.39523   1.15384   1.000 9.38000  ? 46  PRO A O     1 
ATOM   366  C  CB    . PRO A 1 46  ? 10.95306  6.06798   0.29510   1.000 8.71000  ? 46  PRO A CB    1 
ATOM   367  C  CG    . PRO A 1 46  ? 12.24267  6.31076   -0.46924  1.000 9.63000  ? 46  PRO A CG    1 
ATOM   368  C  CD    . PRO A 1 46  ? 12.51313  7.77539   -0.29619  1.000 6.97000  ? 46  PRO A CD    1 
ATOM   369  N  N     . GLU A 1 47  ? 9.76957   8.27906   2.25992   1.000 7.50000  ? 47  GLU A N     1 
ATOM   370  C  CA    . GLU A 1 47  ? 8.95459   8.68524   3.40390   1.000 7.42000  ? 47  GLU A CA    1 
ATOM   371  C  C     . GLU A 1 47  ? 7.96355   9.77356   3.01500   1.000 9.20000  ? 47  GLU A C     1 
ATOM   372  O  O     . GLU A 1 47  ? 6.79544   9.74000   3.42472   1.000 10.00000 ? 47  GLU A O     1 
ATOM   373  C  CB    . GLU A 1 47  ? 9.86233   9.17265   4.53627   1.000 10.68000 ? 47  GLU A CB    1 
ATOM   374  C  CG    . GLU A 1 47  ? 10.84688  8.11281   5.05378   1.000 10.73000 ? 47  GLU A CG    1 
ATOM   375  C  CD    . GLU A 1 47  ? 12.22487  8.18190   4.41052   1.000 10.47000 ? 47  GLU A CD    1 
ATOM   376  O  OE1   . GLU A 1 47  ? 12.34903  8.64770   3.25896   1.000 10.76000 ? 47  GLU A OE1   1 
ATOM   377  O  OE2   . GLU A 1 47  ? 13.19728  7.76614   5.07221   1.000 11.70000 ? 47  GLU A OE2   1 
ATOM   378  N  N     . GLN A 1 48  ? 8.41417   10.76140  2.24039   1.000 6.12000  ? 48  GLN A N     1 
ATOM   379  C  CA    . GLN A 1 48  ? 7.49982   11.81265  1.80005   1.000 6.17000  ? 48  GLN A CA    1 
ATOM   380  C  C     . GLN A 1 48  ? 6.43980   11.25613  0.85899   1.000 6.96000  ? 48  GLN A C     1 
ATOM   381  O  O     . GLN A 1 48  ? 5.27710   11.68933  0.89457   1.000 9.39000  ? 48  GLN A O     1 
ATOM   382  C  CB    . GLN A 1 48  ? 8.27557   12.93837  1.12368   1.000 8.04000  ? 48  GLN A CB    1 
ATOM   383  C  CG    . GLN A 1 48  ? 9.14765   13.74689  2.08614   1.000 7.54000  ? 48  GLN A CG    1 
ATOM   384  C  CD    . GLN A 1 48  ? 10.10293  14.67413  1.35906   1.000 9.02000  ? 48  GLN A CD    1 
ATOM   385  O  OE1   . GLN A 1 48  ? 10.51058  14.40209  0.23604   1.000 9.43000  ? 48  GLN A OE1   1 
ATOM   386  N  NE2   . GLN A 1 48  ? 10.45616  15.78934  2.00053   1.000 15.52000 ? 48  GLN A NE2   1 
ATOM   387  N  N     . ALA A 1 49  ? 6.81754   10.28809  0.01753   1.000 7.16000  ? 49  ALA A N     1 
ATOM   388  C  CA    . ALA A 1 49  ? 5.86229   9.72556   -0.93155  1.000 7.62000  ? 49  ALA A CA    1 
ATOM   389  C  C     . ALA A 1 49  ? 4.72847   8.99586   -0.22458  1.000 6.26000  ? 49  ALA A C     1 
ATOM   390  O  O     . ALA A 1 49  ? 3.56982   9.11713   -0.63208  1.000 6.32000  ? 49  ALA A O     1 
ATOM   391  C  CB    . ALA A 1 49  ? 6.56871   8.78534   -1.90924  1.000 7.53000  ? 49  ALA A CB    1 
ATOM   392  N  N     . VAL A 1 50  ? 5.02618   8.20804   0.81181   1.000 6.94000  ? 50  VAL A N     1 
ATOM   393  C  CA    . VAL A 1 50  ? 3.93038   7.46278   1.43729   1.000 6.16000  ? 50  VAL A CA    1 
ATOM   394  C  C     . VAL A 1 50  ? 2.98094   8.41767   2.15480   1.000 7.12000  ? 50  VAL A C     1 
ATOM   395  O  O     . VAL A 1 50  ? 1.76506   8.20065   2.15313   1.000 7.40000  ? 50  VAL A O     1 
ATOM   396  C  CB    . VAL A 1 50  ? 4.45513   6.34830   2.37103   1.000 5.95000  ? 50  VAL A CB    1 
ATOM   397  C  CG1   . VAL A 1 50  ? 5.09130   6.90846   3.62025   1.000 7.64000  ? 50  VAL A CG1   1 
ATOM   398  C  CG2   . VAL A 1 50  ? 3.31922   5.39310   2.75823   1.000 9.34000  ? 50  VAL A CG2   1 
ATOM   399  N  N     . VAL A 1 51  ? 3.50018   9.51373   2.71617   1.000 5.85000  ? 51  VAL A N     1 
ATOM   400  C  CA    . VAL A 1 51  ? 2.63516   10.52998  3.31812   1.000 5.82000  ? 51  VAL A CA    1 
ATOM   401  C  C     . VAL A 1 51  ? 1.73550   11.15263  2.26242   1.000 6.51000  ? 51  VAL A C     1 
ATOM   402  O  O     . VAL A 1 51  ? 0.50963   11.22187  2.42189   1.000 8.50000  ? 51  VAL A O     1 
ATOM   403  C  CB    . VAL A 1 51  ? 3.47988   11.60240  4.03293   1.000 8.16000  ? 51  VAL A CB    1 
ATOM   404  C  CG1   . VAL A 1 51  ? 2.60498   12.80129  4.38134   1.000 8.80000  ? 51  VAL A CG1   1 
ATOM   405  C  CG2   . VAL A 1 51  ? 4.10628   11.02131  5.28752   1.000 7.92000  ? 51  VAL A CG2   1 
ATOM   406  N  N     . ARG A 1 52  ? 2.33059   11.61203  1.16301   1.000 6.46000  ? 52  ARG A N     1 
ATOM   407  C  CA    . ARG A 1 52  ? 1.55326   12.26797  0.11238   1.000 7.94000  ? 52  ARG A CA    1 
ATOM   408  C  C     . ARG A 1 52  ? 0.51738   11.32475  -0.48641  1.000 7.30000  ? 52  ARG A C     1 
ATOM   409  O  O     . ARG A 1 52  ? -0.64542  11.70539  -0.68155  1.000 6.50000  ? 52  ARG A O     1 
ATOM   410  C  CB    . ARG A 1 52  ? 2.48579   12.78610  -0.98435  1.000 8.48000  ? 52  ARG A CB    1 
ATOM   411  C  CG    . ARG A 1 52  ? 1.73706   13.46923  -2.12844  1.000 7.49000  ? 52  ARG A CG    1 
ATOM   412  C  CD    . ARG A 1 52  ? 2.66867   13.87719  -3.27793  1.000 8.46000  ? 52  ARG A CD    1 
ATOM   413  N  NE    . ARG A 1 52  ? 3.51621   12.76266  -3.68935  1.000 9.60000  ? 52  ARG A NE    1 
ATOM   414  C  CZ    . ARG A 1 52  ? 3.07800   11.70940  -4.37845  1.000 9.22000  ? 52  ARG A CZ    1 
ATOM   415  N  NH1   . ARG A 1 52  ? 1.79801   11.63883  -4.74774  1.000 11.27000 ? 52  ARG A NH1   1 
ATOM   416  N  NH2   . ARG A 1 52  ? 3.91094   10.72360  -4.68762  1.000 8.54000  ? 52  ARG A NH2   1 
ATOM   417  N  N     . GLU A 1 53  ? 0.92581   10.09041  -0.80373  1.000 6.71000  ? 53  GLU A N     1 
ATOM   418  C  CA    . GLU A 1 53  ? -0.00244  9.16128   -1.44706  1.000 7.47000  ? 53  GLU A CA    1 
ATOM   419  C  C     . GLU A 1 53  ? -1.17215  8.80786   -0.53198  1.000 7.24000  ? 53  GLU A C     1 
ATOM   420  O  O     . GLU A 1 53  ? -2.31036  8.65972   -0.99994  1.000 6.07000  ? 53  GLU A O     1 
ATOM   421  C  CB    . GLU A 1 53  ? 0.73719   7.89992   -1.88769  1.000 9.13000  ? 53  GLU A CB    1 
ATOM   422  C  CG    . GLU A 1 53  ? 1.62610   8.11028   -3.11266  1.000 8.42000  ? 53  GLU A CG    1 
ATOM   423  C  CD    . GLU A 1 53  ? 0.82817   8.24079   -4.39102  1.000 9.85000  ? 53  GLU A CD    1 
ATOM   424  O  OE1   . GLU A 1 53  ? -0.34453  7.80271   -4.42129  1.000 12.54000 ? 53  GLU A OE1   1 
ATOM   425  O  OE2   . GLU A 1 53  ? 1.37561   8.75264   -5.38721  1.000 11.63000 ? 53  GLU A OE2   1 
ATOM   426  N  N     . LEU A 1 54  ? -0.91825  8.63779   0.76804   1.000 7.22000  ? 54  LEU A N     1 
ATOM   427  C  CA    . LEU A 1 54  ? -2.03580  8.33479   1.66419   1.000 5.79000  ? 54  LEU A CA    1 
ATOM   428  C  C     . LEU A 1 54  ? -2.93182  9.55185   1.86262   1.000 7.04000  ? 54  LEU A C     1 
ATOM   429  O  O     . LEU A 1 54  ? -4.15681  9.40602   1.98449   1.000 5.61000  ? 54  LEU A O     1 
ATOM   430  C  CB    . LEU A 1 54  ? -1.52553  7.80747   3.00403   1.000 8.30000  ? 54  LEU A CB    1 
ATOM   431  C  CG    . LEU A 1 54  ? -1.43610  6.27569   3.13600   1.000 6.61000  ? 54  LEU A CG    1 
ATOM   432  C  CD1   . LEU A 1 54  ? -0.70907  5.65644   1.95226   1.000 6.98000  ? 54  LEU A CD1   1 
ATOM   433  C  CD2   . LEU A 1 54  ? -0.77125  5.88892   4.44643   1.000 8.37000  ? 54  LEU A CD2   1 
ATOM   434  N  N     . GLN A 1 55  ? -2.35951  10.75581  1.86564   1.000 6.23000  ? 55  GLN A N     1 
ATOM   435  C  CA    . GLN A 1 55  ? -3.19626  11.95117  1.88628   1.000 5.32000  ? 55  GLN A CA    1 
ATOM   436  C  C     . GLN A 1 55  ? -4.09621  12.00519  0.65732   1.000 8.22000  ? 55  GLN A C     1 
ATOM   437  O  O     . GLN A 1 55  ? -5.29483  12.28962  0.76556   1.000 7.04000  ? 55  GLN A O     1 
ATOM   438  C  CB    . GLN A 1 55  ? -2.31409  13.19965  1.96797   1.000 8.34000  ? 55  GLN A CB    1 
ATOM   439  C  CG    . GLN A 1 55  ? -1.65999  13.38274  3.31945   1.000 6.09000  ? 55  GLN A CG    1 
ATOM   440  C  CD    . GLN A 1 55  ? -0.58216  14.44941  3.29770   1.000 6.83000  ? 55  GLN A CD    1 
ATOM   441  O  OE1   . GLN A 1 55  ? -0.02674  14.76909  2.23801   1.000 9.56000  ? 55  GLN A OE1   1 
ATOM   442  N  NE2   . GLN A 1 55  ? -0.26777  14.99550  4.46982   1.000 9.92000  ? 55  GLN A NE2   1 
ATOM   443  N  N     . GLU A 1 56  ? -3.53205  11.73077  -0.52307  1.000 6.80000  ? 56  GLU A N     1 
ATOM   444  C  CA    . GLU A 1 56  ? -4.30460  11.80691  -1.76454  1.000 7.35000  ? 56  GLU A CA    1 
ATOM   445  C  C     . GLU A 1 56  ? -5.34629  10.70141  -1.84089  1.000 7.02000  ? 56  GLU A C     1 
ATOM   446  O  O     . GLU A 1 56  ? -6.50431  10.93944  -2.21576  1.000 7.85000  ? 56  GLU A O     1 
ATOM   447  C  CB    . GLU A 1 56  ? -3.36955  11.69545  -2.97490  1.000 7.71000  ? 56  GLU A CB    1 
ATOM   448  C  CG    . GLU A 1 56  ? -2.41615  12.85099  -3.16962  1.000 10.82000 ? 56  GLU A CG    1 
ATOM   449  C  CD    . GLU A 1 56  ? -1.48050  12.62828  -4.34002  1.000 16.46000 ? 56  GLU A CD    1 
ATOM   450  O  OE1   . GLU A 1 56  ? -1.63864  11.61320  -5.05309  1.000 15.44000 ? 56  GLU A OE1   1 
ATOM   451  O  OE2   . GLU A 1 56  ? -0.57890  13.46748  -4.54938  1.000 14.37000 ? 56  GLU A OE2   1 
ATOM   452  N  N     . GLU A 1 57  ? -4.93856  9.47019   -1.53722  1.000 6.26000  ? 57  GLU A N     1 
ATOM   453  C  CA    . GLU A 1 57  ? -5.79878  8.33229   -1.84079  1.000 5.16000  ? 57  GLU A CA    1 
ATOM   454  C  C     . GLU A 1 57  ? -6.84787  8.09523   -0.76746  1.000 5.81000  ? 57  GLU A C     1 
ATOM   455  O  O     . GLU A 1 57  ? -7.97542  7.70337   -1.09012  1.000 7.37000  ? 57  GLU A O     1 
ATOM   456  C  CB    . GLU A 1 57  ? -4.95329  7.07002   -2.05005  1.000 5.57000  ? 57  GLU A CB    1 
ATOM   457  C  CG    . GLU A 1 57  ? -4.13355  7.14566   -3.32639  1.000 6.58000  ? 57  GLU A CG    1 
ATOM   458  C  CD    . GLU A 1 57  ? -3.66076  5.80859   -3.83907  1.000 9.86000  ? 57  GLU A CD    1 
ATOM   459  O  OE1   . GLU A 1 57  ? -3.83944  4.78895   -3.14246  1.000 9.17000  ? 57  GLU A OE1   1 
ATOM   460  O  OE2   . GLU A 1 57  ? -3.11783  5.78485   -4.96604  1.000 9.95000  ? 57  GLU A OE2   1 
ATOM   461  N  N     . VAL A 1 58  ? -6.50882  8.27535   0.51324   1.000 4.87000  ? 58  VAL A N     1 
ATOM   462  C  CA    . VAL A 1 58  ? -7.42637  7.90237   1.58315   1.000 7.76000  ? 58  VAL A CA    1 
ATOM   463  C  C     . VAL A 1 58  ? -7.58603  8.98197   2.64321   1.000 6.92000  ? 58  VAL A C     1 
ATOM   464  O  O     . VAL A 1 58  ? -8.30105  8.76444   3.61887   1.000 7.27000  ? 58  VAL A O     1 
ATOM   465  C  CB    . VAL A 1 58  ? -7.03829  6.55360   2.23498   1.000 5.70000  ? 58  VAL A CB    1 
ATOM   466  C  CG1   . VAL A 1 58  ? -7.01020  5.42983   1.18589   1.000 7.22000  ? 58  VAL A CG1   1 
ATOM   467  C  CG2   . VAL A 1 58  ? -5.68410  6.64438   2.92875   1.000 6.44000  ? 58  VAL A CG2   1 
ATOM   468  N  N     . GLY A 1 59  ? -6.96375  10.14973  2.47520   1.000 6.31000  ? 59  GLY A N     1 
ATOM   469  C  CA    . GLY A 1 59  ? -7.24032  11.27904  3.34859   1.000 5.76000  ? 59  GLY A CA    1 
ATOM   470  C  C     . GLY A 1 59  ? -6.69317  11.18453  4.75821   1.000 7.05000  ? 59  GLY A C     1 
ATOM   471  O  O     . GLY A 1 59  ? -7.28340  11.76418  5.67603   1.000 9.30000  ? 59  GLY A O     1 
ATOM   472  N  N     . ILE A 1 60  ? -5.57178  10.49226  4.95937   1.000 7.61000  ? 60  ILE A N     1 
ATOM   473  C  CA    . ILE A 1 60  ? -4.90644  10.47389  6.25828   1.000 7.34000  ? 60  ILE A CA    1 
ATOM   474  C  C     . ILE A 1 60  ? -3.45716  10.90237  6.08357   1.000 7.20000  ? 60  ILE A C     1 
ATOM   475  O  O     . ILE A 1 60  ? -2.86429  10.76101  5.00568   1.000 7.66000  ? 60  ILE A O     1 
ATOM   476  C  CB    . ILE A 1 60  ? -4.96630  9.10029   6.96243   1.000 5.39000  ? 60  ILE A CB    1 
ATOM   477  C  CG1   . ILE A 1 60  ? -4.12121  8.05841   6.22075   1.000 9.42000  ? 60  ILE A CG1   1 
ATOM   478  C  CG2   . ILE A 1 60  ? -6.41587  8.62777   7.10790   1.000 7.87000  ? 60  ILE A CG2   1 
ATOM   479  C  CD1   . ILE A 1 60  ? -4.09597  6.68292   6.92973   1.000 8.05000  ? 60  ILE A CD1   1 
ATOM   480  N  N     . THR A 1 61  ? -2.89211  11.43079  7.16766   1.000 8.27000  ? 61  THR A N     1 
ATOM   481  C  CA    . THR A 1 61  ? -1.46534  11.73500  7.23633   1.000 11.14000 ? 61  THR A CA    1 
ATOM   482  C  C     . THR A 1 61  ? -0.79130  10.72957  8.15597   1.000 9.29000  ? 61  THR A C     1 
ATOM   483  O  O     . THR A 1 61  ? -1.00749  10.77723  9.37699   1.000 11.08000 ? 61  THR A O     1 
ATOM   484  C  CB    . THR A 1 61  ? -1.24313  13.16188  7.74540   1.000 13.03000 ? 61  THR A CB    1 
ATOM   485  O  OG1   . THR A 1 61  ? -1.79738  14.09283  6.80787   1.000 12.10000 ? 61  THR A OG1   1 
ATOM   486  C  CG2   . THR A 1 61  ? 0.24056   13.44301  7.91606   1.000 11.30000 ? 61  THR A CG2   1 
ATOM   487  N  N     . PRO A 1 62  ? 0.00922   9.80429   7.63327   1.000 7.09000  ? 62  PRO A N     1 
ATOM   488  C  CA    . PRO A 1 62  ? 0.68954   8.84019   8.50227   1.000 11.63000 ? 62  PRO A CA    1 
ATOM   489  C  C     . PRO A 1 62  ? 1.79623   9.51804   9.27939   1.000 15.64000 ? 62  PRO A C     1 
ATOM   490  O  O     . PRO A 1 62  ? 2.44953   10.44388  8.79049   1.000 17.53000 ? 62  PRO A O     1 
ATOM   491  C  CB    . PRO A 1 62  ? 1.25824   7.81406   7.51678   1.000 13.25000 ? 62  PRO A CB    1 
ATOM   492  C  CG    . PRO A 1 62  ? 1.45142   8.57883   6.25711   1.000 16.66000 ? 62  PRO A CG    1 
ATOM   493  C  CD    . PRO A 1 62  ? 0.34980   9.61202   6.21358   1.000 8.33000  ? 62  PRO A CD    1 
ATOM   494  N  N     . GLN A 1 63  ? 2.00483   9.05200   10.50708  1.000 14.66000 ? 63  GLN A N     1 
ATOM   495  C  CA    . GLN A 1 63  ? 3.07672   9.59098   11.33143  1.000 13.95000 ? 63  GLN A CA    1 
ATOM   496  C  C     . GLN A 1 63  ? 3.69795   8.48284   12.16686  1.000 14.28000 ? 63  GLN A C     1 
ATOM   497  O  O     . GLN A 1 63  ? 3.04979   7.48802   12.49741  1.000 14.24000 ? 63  GLN A O     1 
ATOM   498  C  CB    . GLN A 1 63  ? 2.56973   10.72198  12.23188  1.000 20.20000 ? 63  GLN A CB    1 
ATOM   499  C  CG    . GLN A 1 63  ? 1.31371   10.38955  12.99029  1.000 21.79000 ? 63  GLN A CG    1 
ATOM   500  C  CD    . GLN A 1 63  ? 0.35869   11.58039  13.13010  1.000 16.71000 ? 63  GLN A CD    1 
ATOM   501  O  OE1   . GLN A 1 63  ? -0.63444  11.50504  13.84748  1.000 35.34000 ? 63  GLN A OE1   1 
ATOM   502  N  NE2   . GLN A 1 63  ? 0.66607   12.68188  12.44163  1.000 33.51000 ? 63  GLN A NE2   1 
ATOM   503  N  N     . HIS A 1 64  ? 4.97406   8.66854   12.50268  1.000 18.00000 ? 64  HIS A N     1 
ATOM   504  C  CA    . HIS A 1 64  ? 5.72082   7.70619   13.30994  1.000 15.34000 ? 64  HIS A CA    1 
ATOM   505  C  C     . HIS A 1 64  ? 5.59293   6.29006   12.74540  1.000 15.53000 ? 64  HIS A C     1 
ATOM   506  O  O     . HIS A 1 64  ? 5.28606   5.32812   13.45677  1.000 19.66000 ? 64  HIS A O     1 
ATOM   507  C  CB    . HIS A 1 64  ? 5.27474   7.75365   14.76584  1.000 17.21000 ? 64  HIS A CB    1 
ATOM   508  C  CG    . HIS A 1 64  ? 6.23110   7.08801   15.70058  1.000 23.33000 ? 64  HIS A CG    1 
ATOM   509  N  ND1   . HIS A 1 64  ? 5.84704   6.09353   16.57341  1.000 38.32000 ? 64  HIS A ND1   1 
ATOM   510  C  CD2   . HIS A 1 64  ? 7.56108   7.25854   15.88186  1.000 24.98000 ? 64  HIS A CD2   1 
ATOM   511  C  CE1   . HIS A 1 64  ? 6.89823   5.69186   17.26416  1.000 30.40000 ? 64  HIS A CE1   1 
ATOM   512  N  NE2   . HIS A 1 64  ? 7.95111   6.38023   16.86241  1.000 24.36000 ? 64  HIS A NE2   1 
ATOM   513  N  N     . PHE A 1 65  ? 5.82142   6.17087   11.44646  1.000 13.24000 ? 65  PHE A N     1 
ATOM   514  C  CA    . PHE A 1 65  ? 5.70031   4.89884   10.74792  1.000 11.26000 ? 65  PHE A CA    1 
ATOM   515  C  C     . PHE A 1 65  ? 7.08341   4.30346   10.52573  1.000 13.10000 ? 65  PHE A C     1 
ATOM   516  O  O     . PHE A 1 65  ? 8.10652   4.94958   10.75469  1.000 14.88000 ? 65  PHE A O     1 
ATOM   517  C  CB    . PHE A 1 65  ? 4.94478   5.07535   9.42674   1.000 9.56000  ? 65  PHE A CB    1 
ATOM   518  C  CG    . PHE A 1 65  ? 5.47405   6.17882   8.54793   1.000 7.06000  ? 65  PHE A CG    1 
ATOM   519  C  CD1   . PHE A 1 65  ? 4.97951   7.46780   8.64868   1.000 11.48000 ? 65  PHE A CD1   1 
ATOM   520  C  CD2   . PHE A 1 65  ? 6.43400   5.90985   7.58178   1.000 9.25000  ? 65  PHE A CD2   1 
ATOM   521  C  CE1   . PHE A 1 65  ? 5.45270   8.47969   7.81616   1.000 14.84000 ? 65  PHE A CE1   1 
ATOM   522  C  CE2   . PHE A 1 65  ? 6.90454   6.91069   6.75240   1.000 12.00000 ? 65  PHE A CE2   1 
ATOM   523  C  CZ    . PHE A 1 65  ? 6.41474   8.19509   6.86817   1.000 13.29000 ? 65  PHE A CZ    1 
ATOM   524  N  N     . SER A 1 66  ? 7.11195   3.04000   10.10716  1.000 10.24000 ? 66  SER A N     1 
ATOM   525  C  CA    . SER A 1 66  ? 8.37427   2.33057   9.97271   1.000 10.07000 ? 66  SER A CA    1 
ATOM   526  C  C     . SER A 1 66  ? 8.37644   1.53316   8.68022   1.000 9.96000  ? 66  SER A C     1 
ATOM   527  O  O     . SER A 1 66  ? 7.32067   1.17675   8.15735   1.000 8.38000  ? 66  SER A O     1 
ATOM   528  C  CB    . SER A 1 66  ? 8.61738   1.39633   11.15633  1.000 11.76000 ? 66  SER A CB    1 
ATOM   529  O  OG    . SER A 1 66  ? 7.54589   0.48532   11.29638  1.000 16.88000 ? 66  SER A OG    1 
ATOM   530  N  N     . LEU A 1 67  ? 9.57357   1.25906   8.16147   1.000 11.19000 ? 67  LEU A N     1 
ATOM   531  C  CA    . LEU A 1 67  ? 9.69451   0.44858   6.94853   1.000 8.53000  ? 67  LEU A CA    1 
ATOM   532  C  C     . LEU A 1 67  ? 9.51543   -1.02022  7.31244   1.000 10.94000 ? 67  LEU A C     1 
ATOM   533  O  O     . LEU A 1 67  ? 10.37514  -1.62169  7.96460   1.000 12.07000 ? 67  LEU A O     1 
ATOM   534  C  CB    . LEU A 1 67  ? 11.03761  0.67882   6.26482   1.000 6.84000  ? 67  LEU A CB    1 
ATOM   535  C  CG    . LEU A 1 67  ? 11.16775  -0.04471  4.92102   1.000 9.32000  ? 67  LEU A CG    1 
ATOM   536  C  CD1   . LEU A 1 67  ? 10.10474  0.44913   3.94155   1.000 8.67000  ? 67  LEU A CD1   1 
ATOM   537  C  CD2   . LEU A 1 67  ? 12.55219  0.14870   4.35261   1.000 12.68000 ? 67  LEU A CD2   1 
ATOM   538  N  N     . PHE A 1 68  ? 8.40116   -1.60323  6.87560   1.000 9.61000  ? 68  PHE A N     1 
ATOM   539  C  CA    . PHE A 1 68  ? 8.11039   -2.99797  7.16951   1.000 10.30000 ? 68  PHE A CA    1 
ATOM   540  C  C     . PHE A 1 68  ? 8.86610   -3.93786  6.23577   1.000 12.01000 ? 68  PHE A C     1 
ATOM   541  O  O     . PHE A 1 68  ? 9.39193   -4.96788  6.67599   1.000 12.40000 ? 68  PHE A O     1 
ATOM   542  C  CB    . PHE A 1 68  ? 6.59959   -3.22099  7.06158   1.000 8.59000  ? 68  PHE A CB    1 
ATOM   543  C  CG    . PHE A 1 68  ? 6.14073   -4.54369  7.58544   1.000 9.76000  ? 68  PHE A CG    1 
ATOM   544  C  CD1   . PHE A 1 68  ? 6.15302   -4.80803  8.94627   1.000 14.21000 ? 68  PHE A CD1   1 
ATOM   545  C  CD2   . PHE A 1 68  ? 5.67000   -5.51542  6.71733   1.000 12.51000 ? 68  PHE A CD2   1 
ATOM   546  C  CE1   . PHE A 1 68  ? 5.71084   -6.03184  9.43154   1.000 22.53000 ? 68  PHE A CE1   1 
ATOM   547  C  CE2   . PHE A 1 68  ? 5.23479   -6.73653  7.19311   1.000 14.51000 ? 68  PHE A CE2   1 
ATOM   548  C  CZ    . PHE A 1 68  ? 5.24768   -6.99389  8.55035   1.000 21.13000 ? 68  PHE A CZ    1 
ATOM   549  N  N     . GLU A 1 69  ? 8.93187   -3.59792  4.95092   1.000 9.97000  ? 69  GLU A N     1 
ATOM   550  C  CA    . GLU A 1 69  ? 9.58420   -4.43849  3.95844   1.000 9.30000  ? 69  GLU A CA    1 
ATOM   551  C  C     . GLU A 1 69  ? 9.87639   -3.59451  2.72890   1.000 10.11000 ? 69  GLU A C     1 
ATOM   552  O  O     . GLU A 1 69  ? 9.10181   -2.70497  2.38380   1.000 8.97000  ? 69  GLU A O     1 
ATOM   553  C  CB    . GLU A 1 69  ? 8.68566   -5.62910  3.59212   1.000 10.74000 ? 69  GLU A CB    1 
ATOM   554  C  CG    . GLU A 1 69  ? 9.23672   -6.54545  2.51416   1.000 25.23000 ? 69  GLU A CG    1 
ATOM   555  C  CD    . GLU A 1 69  ? 10.22976  -7.55082  3.05357   1.000 35.37000 ? 69  GLU A CD    1 
ATOM   556  O  OE1   . GLU A 1 69  ? 11.17837  -7.14146  3.75807   1.000 37.82000 ? 69  GLU A OE1   1 
ATOM   557  O  OE2   . GLU A 1 69  ? 10.05890  -8.75642  2.77550   1.000 42.67000 ? 69  GLU A OE2   1 
ATOM   558  N  N     . LYS A 1 70  ? 11.00070  -3.87379  2.07448   1.000 10.07000 ? 70  LYS A N     1 
ATOM   559  C  CA    . LYS A 1 70  ? 11.30207  -3.30880  0.76508   1.000 8.12000  ? 70  LYS A CA    1 
ATOM   560  C  C     . LYS A 1 70  ? 11.66567  -4.46422  -0.14841  1.000 9.74000  ? 70  LYS A C     1 
ATOM   561  O  O     . LYS A 1 70  ? 12.50562  -5.29692  0.21423   1.000 10.77000 ? 70  LYS A O     1 
ATOM   562  C  CB    . LYS A 1 70  ? 12.44648  -2.28862  0.83281   1.000 9.96000  ? 70  LYS A CB    1 
ATOM   563  C  CG    . LYS A 1 70  ? 12.80493  -1.65174  -0.50531  1.000 10.72000 ? 70  LYS A CG    1 
ATOM   564  C  CD    . LYS A 1 70  ? 14.02228  -0.73610  -0.36339  1.000 16.13000 ? 70  LYS A CD    1 
ATOM   565  C  CE    . LYS A 1 70  ? 14.67256  -0.46556  -1.71258  1.000 21.40000 ? 70  LYS A CE    1 
ATOM   566  N  NZ    . LYS A 1 70  ? 15.98646  0.24147   -1.58120  1.000 24.99000 ? 70  LYS A NZ    1 
ATOM   567  N  N     . LEU A 1 71  ? 11.02490  -4.54087  -1.31178  1.000 9.63000  ? 71  LEU A N     1 
ATOM   568  C  CA    . LEU A 1 71  ? 11.30751  -5.65133  -2.21163  1.000 9.58000  ? 71  LEU A CA    1 
ATOM   569  C  C     . LEU A 1 71  ? 11.15764  -5.20816  -3.65711  1.000 10.28000 ? 71  LEU A C     1 
ATOM   570  O  O     . LEU A 1 71  ? 10.56589  -4.17110  -3.96038  1.000 12.24000 ? 71  LEU A O     1 
ATOM   571  C  CB    . LEU A 1 71  ? 10.40294  -6.85332  -1.93307  1.000 11.99000 ? 71  LEU A CB    1 
ATOM   572  C  CG    . LEU A 1 71  ? 8.88888   -6.65403  -1.95258  1.000 11.82000 ? 71  LEU A CG    1 
ATOM   573  C  CD1   . LEU A 1 71  ? 8.28989   -6.70969  -3.36743  1.000 16.30000 ? 71  LEU A CD1   1 
ATOM   574  C  CD2   . LEU A 1 71  ? 8.24426   -7.70163  -1.06128  1.000 16.28000 ? 71  LEU A CD2   1 
ATOM   575  N  N     . GLU A 1 72  ? 11.70758  -6.01607  -4.54992  1.000 11.61000 ? 72  GLU A N     1 
ATOM   576  C  CA    . GLU A 1 72  ? 11.58241  -5.77763  -5.97407  1.000 10.56000 ? 72  GLU A CA    1 
ATOM   577  C  C     . GLU A 1 72  ? 10.74302  -6.88702  -6.58932  1.000 11.99000 ? 72  GLU A C     1 
ATOM   578  O  O     . GLU A 1 72  ? 10.76496  -8.03210  -6.12900  1.000 15.27000 ? 72  GLU A O     1 
ATOM   579  C  CB    . GLU A 1 72  ? 12.96005  -5.70604  -6.63815  1.000 19.19000 ? 72  GLU A CB    1 
ATOM   580  C  CG    . GLU A 1 72  ? 13.73888  -4.45926  -6.22685  1.000 23.41000 ? 72  GLU A CG    1 
ATOM   581  C  CD    . GLU A 1 72  ? 15.04679  -4.32376  -6.95481  1.000 38.93000 ? 72  GLU A CD    1 
ATOM   582  O  OE1   . GLU A 1 72  ? 15.32383  -5.16573  -7.83145  1.000 38.87000 ? 72  GLU A OE1   1 
ATOM   583  O  OE2   . GLU A 1 72  ? 15.80094  -3.37574  -6.64688  1.000 52.08000 ? 72  GLU A OE2   1 
ATOM   584  N  N     . TYR A 1 73  ? 9.97863   -6.53878  -7.61644  1.000 9.80000  ? 73  TYR A N     1 
ATOM   585  C  CA    . TYR A 1 73  ? 9.15280   -7.52695  -8.28865  1.000 9.45000  ? 73  TYR A CA    1 
ATOM   586  C  C     . TYR A 1 73  ? 9.13796   -7.23515  -9.77771  1.000 10.15000 ? 73  TYR A C     1 
ATOM   587  O  O     . TYR A 1 73  ? 8.92047   -6.09144  -10.18774 1.000 10.22000 ? 73  TYR A O     1 
ATOM   588  C  CB    . TYR A 1 73  ? 7.71380   -7.53986  -7.74773  1.000 10.47000 ? 73  TYR A CB    1 
ATOM   589  C  CG    . TYR A 1 73  ? 6.94053   -8.73759  -8.24243  1.000 10.76000 ? 73  TYR A CG    1 
ATOM   590  C  CD1   . TYR A 1 73  ? 6.16584   -8.66103  -9.39669  1.000 11.12000 ? 73  TYR A CD1   1 
ATOM   591  C  CD2   . TYR A 1 73  ? 7.02596   -9.96052  -7.58744  1.000 11.41000 ? 73  TYR A CD2   1 
ATOM   592  C  CE1   . TYR A 1 73  ? 5.47584   -9.76112  -9.86674  1.000 11.88000 ? 73  TYR A CE1   1 
ATOM   593  C  CE2   . TYR A 1 73  ? 6.33342   -11.06668 -8.05327  1.000 12.45000 ? 73  TYR A CE2   1 
ATOM   594  C  CZ    . TYR A 1 73  ? 5.55481   -10.95336 -9.18872  1.000 13.36000 ? 73  TYR A CZ    1 
ATOM   595  O  OH    . TYR A 1 73  ? 4.86965   -12.05128 -9.66934  1.000 17.43000 ? 73  TYR A OH    1 
ATOM   596  N  N     . GLU A 1 74  ? 9.35076   -8.27407  -10.58317 1.000 10.05000 ? 74  GLU A N     1 
ATOM   597  C  CA    . GLU A 1 74  ? 9.30393   -8.15257  -12.03586 1.000 9.79000  ? 74  GLU A CA    1 
ATOM   598  C  C     . GLU A 1 74  ? 7.93310   -8.61986  -12.52430 1.000 10.02000 ? 74  GLU A C     1 
ATOM   599  O  O     . GLU A 1 74  ? 7.62974   -9.81930  -12.50771 1.000 11.57000 ? 74  GLU A O     1 
ATOM   600  C  CB    . GLU A 1 74  ? 10.42881  -8.95343  -12.68806 1.000 11.60000 ? 74  GLU A CB    1 
ATOM   601  C  CG    . GLU A 1 74  ? 10.27119  -9.09072  -14.19582 1.000 21.74000 ? 74  GLU A CG    1 
ATOM   602  C  CD    . GLU A 1 74  ? 11.25155  -8.25028  -14.99472 1.000 41.19000 ? 74  GLU A CD    1 
ATOM   603  O  OE1   . GLU A 1 74  ? 11.66234  -7.17097  -14.51073 1.000 40.42000 ? 74  GLU A OE1   1 
ATOM   604  O  OE2   . GLU A 1 74  ? 11.61242  -8.68319  -16.11398 1.000 43.74000 ? 74  GLU A OE2   1 
ATOM   605  N  N     . PHE A 1 75  ? 7.10748   -7.66291  -12.92838 1.000 8.40000  ? 75  PHE A N     1 
ATOM   606  C  CA    . PHE A 1 75  ? 5.84993   -7.92730  -13.60521 1.000 9.19000  ? 75  PHE A CA    1 
ATOM   607  C  C     . PHE A 1 75  ? 6.12334   -8.20099  -15.07612 1.000 10.33000 ? 75  PHE A C     1 
ATOM   608  O  O     . PHE A 1 75  ? 7.23670   -7.97852  -15.56784 1.000 9.69000  ? 75  PHE A O     1 
ATOM   609  C  CB    . PHE A 1 75  ? 4.91137   -6.72991  -13.44463 1.000 10.26000 ? 75  PHE A CB    1 
ATOM   610  C  CG    . PHE A 1 75  ? 4.33278   -6.59002  -12.07354 1.000 9.48000  ? 75  PHE A CG    1 
ATOM   611  C  CD1   . PHE A 1 75  ? 3.25701   -7.37787  -11.67889 1.000 9.23000  ? 75  PHE A CD1   1 
ATOM   612  C  CD2   . PHE A 1 75  ? 4.83474   -5.64718  -11.18766 1.000 10.02000 ? 75  PHE A CD2   1 
ATOM   613  C  CE1   . PHE A 1 75  ? 2.70839   -7.24107  -10.40705 1.000 9.26000  ? 75  PHE A CE1   1 
ATOM   614  C  CE2   . PHE A 1 75  ? 4.28684   -5.50335  -9.92708  1.000 11.97000 ? 75  PHE A CE2   1 
ATOM   615  C  CZ    . PHE A 1 75  ? 3.22500   -6.30327  -9.53384  1.000 11.14000 ? 75  PHE A CZ    1 
ATOM   616  N  N     . PRO A 1 76  ? 5.12057   -8.69169  -15.80583 1.000 9.50000  ? 76  PRO A N     1 
ATOM   617  C  CA    . PRO A 1 76  ? 5.33262   -8.99037  -17.23240 1.000 9.81000  ? 76  PRO A CA    1 
ATOM   618  C  C     . PRO A 1 76  ? 5.84567   -7.81670  -18.04990 1.000 12.06000 ? 76  PRO A C     1 
ATOM   619  O  O     . PRO A 1 76  ? 6.61164   -8.04020  -18.99586 1.000 10.92000 ? 76  PRO A O     1 
ATOM   620  C  CB    . PRO A 1 76  ? 3.93979   -9.43488  -17.69292 1.000 9.24000  ? 76  PRO A CB    1 
ATOM   621  C  CG    . PRO A 1 76  ? 3.36024   -10.10222 -16.47587 1.000 15.53000 ? 76  PRO A CG    1 
ATOM   622  C  CD    . PRO A 1 76  ? 3.86211   -9.27887  -15.29983 1.000 10.92000 ? 76  PRO A CD    1 
ATOM   623  N  N     . ASP A 1 77  ? 5.46281   -6.57484  -17.72011 1.000 9.75000  ? 77  ASP A N     1 
ATOM   624  C  CA    . ASP A 1 77  ? 5.85003   -5.42706  -18.52915 1.000 12.43000 ? 77  ASP A CA    1 
ATOM   625  C  C     . ASP A 1 77  ? 6.46173   -4.28869  -17.72136 1.000 17.67000 ? 77  ASP A C     1 
ATOM   626  O  O     . ASP A 1 77  ? 6.61923   -3.18537  -18.25899 1.000 17.64000 ? 77  ASP A O     1 
ATOM   627  C  CB    . ASP A 1 77  ? 4.64502   -4.89914  -19.31484 1.000 14.97000 ? 77  ASP A CB    1 
ATOM   628  C  CG    . ASP A 1 77  ? 3.64993   -4.15604  -18.43376 1.000 17.84000 ? 77  ASP A CG    1 
ATOM   629  O  OD1   . ASP A 1 77  ? 3.64078   -4.36786  -17.19896 1.000 18.14000 ? 77  ASP A OD1   1 
ATOM   630  O  OD2   . ASP A 1 77  ? 2.86091   -3.35822  -18.98563 1.000 25.17000 ? 77  ASP A OD2   1 
ATOM   631  N  N     . ARG A 1 78  ? 6.79549   -4.50962  -16.45394 1.000 12.45000 ? 78  ARG A N     1 
ATOM   632  C  CA    . ARG A 1 78  ? 7.39411   -3.42824  -15.68181 1.000 9.99000  ? 78  ARG A CA    1 
ATOM   633  C  C     . ARG A 1 78  ? 8.09758   -4.00814  -14.46626 1.000 12.05000 ? 78  ARG A C     1 
ATOM   634  O  O     . ARG A 1 78  ? 7.71805   -5.06122  -13.95146 1.000 10.46000 ? 78  ARG A O     1 
ATOM   635  C  CB    . ARG A 1 78  ? 6.35055   -2.39056  -15.25985 1.000 11.34000 ? 78  ARG A CB    1 
ATOM   636  C  CG    . ARG A 1 78  ? 5.32100   -2.88536  -14.26370 1.000 11.19000 ? 78  ARG A CG    1 
ATOM   637  C  CD    . ARG A 1 78  ? 4.15630   -1.91151  -14.21629 1.000 11.78000 ? 78  ARG A CD    1 
ATOM   638  N  NE    . ARG A 1 78  ? 3.39274   -2.00107  -15.45920 1.000 16.73000 ? 78  ARG A NE    1 
ATOM   639  C  CZ    . ARG A 1 78  ? 2.51376   -1.09913  -15.88139 1.000 21.69000 ? 78  ARG A CZ    1 
ATOM   640  N  NH1   . ARG A 1 78  ? 2.27787   -0.00305  -15.17226 1.000 19.24000 ? 78  ARG A NH1   1 
ATOM   641  N  NH2   . ARG A 1 78  ? 1.87988   -1.29538  -17.02897 1.000 21.16000 ? 78  ARG A NH2   1 
ATOM   642  N  N     . HIS A 1 79  ? 9.14019   -3.31415  -14.03063 1.000 10.33000 ? 79  HIS A N     1 
ATOM   643  C  CA    . HIS A 1 79  ? 9.87333   -3.66970  -12.82740 1.000 11.62000 ? 79  HIS A CA    1 
ATOM   644  C  C     . HIS A 1 79  ? 9.54842   -2.63961  -11.76037 1.000 13.75000 ? 79  HIS A C     1 
ATOM   645  O  O     . HIS A 1 79  ? 9.61458   -1.43585  -12.02149 1.000 16.00000 ? 79  HIS A O     1 
ATOM   646  C  CB    . HIS A 1 79  ? 11.37939  -3.69893  -13.08036 1.000 15.02000 ? 79  HIS A CB    1 
ATOM   647  C  CG    . HIS A 1 79  ? 12.15541  -4.21834  -11.91679 1.000 20.90000 ? 79  HIS A CG    1 
ATOM   648  N  ND1   . HIS A 1 79  ? 12.60110  -3.40566  -10.89830 1.000 26.87000 ? 79  HIS A ND1   1 
ATOM   649  C  CD2   . HIS A 1 79  ? 12.52387  -5.47758  -11.58691 1.000 20.37000 ? 79  HIS A CD2   1 
ATOM   650  C  CE1   . HIS A 1 79  ? 13.23714  -4.13845  -10.00156 1.000 28.82000 ? 79  HIS A CE1   1 
ATOM   651  N  NE2   . HIS A 1 79  ? 13.20609  -5.39878  -10.39547 1.000 32.45000 ? 79  HIS A NE2   1 
ATOM   652  N  N     . ILE A 1 80  ? 9.17266   -3.08998  -10.57329 1.000 10.65000 ? 80  ILE A N     1 
ATOM   653  C  CA    A ILE A 1 80  ? 8.83636   -2.14792  -9.51842  0.520 12.24000 ? 80  ILE A CA    1 
ATOM   654  C  CA    B ILE A 1 80  ? 8.76369   -2.19863  -9.49399  0.480 12.24000 ? 80  ILE A CA    1 
ATOM   655  C  C     . ILE A 1 80  ? 9.57005   -2.51662  -8.23976  1.000 12.74000 ? 80  ILE A C     1 
ATOM   656  O  O     . ILE A 1 80  ? 9.82161   -3.69114  -7.94603  1.000 14.11000 ? 80  ILE A O     1 
ATOM   657  C  CB    A ILE A 1 80  ? 7.31663   -2.04064  -9.27020  0.520 17.75000 ? 80  ILE A CB    1 
ATOM   658  C  CB    B ILE A 1 80  ? 7.24374   -2.33334  -9.24896  0.480 16.47000 ? 80  ILE A CB    1 
ATOM   659  C  CG1   A ILE A 1 80  ? 6.79993   -3.21014  -8.44934  0.520 10.05000 ? 80  ILE A CG1   1 
ATOM   660  C  CG1   B ILE A 1 80  ? 6.47830   -1.54439  -10.31821 0.480 15.56000 ? 80  ILE A CG1   1 
ATOM   661  C  CG2   A ILE A 1 80  ? 6.54556   -1.91236  -10.58666 0.520 16.15000 ? 80  ILE A CG2   1 
ATOM   662  C  CG2   B ILE A 1 80  ? 6.85422   -1.89128  -7.85109  0.480 14.74000 ? 80  ILE A CG2   1 
ATOM   663  C  CD1   A ILE A 1 80  ? 5.41438   -2.96468  -7.95902  0.520 15.35000 ? 80  ILE A CD1   1 
ATOM   664  C  CD1   B ILE A 1 80  ? 5.04768   -1.97356  -10.48317 0.480 13.54000 ? 80  ILE A CD1   1 
ATOM   665  N  N     . THR A 1 81  ? 9.97735   -1.48266  -7.51278  1.000 8.51000  ? 81  THR A N     1 
ATOM   666  C  CA    . THR A 1 81  ? 10.51050  -1.60009  -6.16437  1.000 9.24000  ? 81  THR A CA    1 
ATOM   667  C  C     . THR A 1 81  ? 9.43023   -1.06833  -5.23693  1.000 8.95000  ? 81  THR A C     1 
ATOM   668  O  O     . THR A 1 81  ? 8.98791   0.07209   -5.40304  1.000 10.43000 ? 81  THR A O     1 
ATOM   669  C  CB    . THR A 1 81  ? 11.79912  -0.79561  -5.99822  1.000 11.46000 ? 81  THR A CB    1 
ATOM   670  O  OG1   . THR A 1 81  ? 12.78327  -1.30178  -6.90342  1.000 14.15000 ? 81  THR A OG1   1 
ATOM   671  C  CG2   . THR A 1 81  ? 12.31329  -0.90903  -4.56898  1.000 12.46000 ? 81  THR A CG2   1 
ATOM   672  N  N     . LEU A 1 82  ? 9.00085   -1.89241  -4.28394  1.000 6.96000  ? 82  LEU A N     1 
ATOM   673  C  CA    . LEU A 1 82  ? 7.91234   -1.55116  -3.37677  1.000 8.11000  ? 82  LEU A CA    1 
ATOM   674  C  C     . LEU A 1 82  ? 8.45249   -1.28826  -1.98265  1.000 8.18000  ? 82  LEU A C     1 
ATOM   675  O  O     . LEU A 1 82  ? 9.16348   -2.12712  -1.41795  1.000 11.12000 ? 82  LEU A O     1 
ATOM   676  C  CB    . LEU A 1 82  ? 6.87804   -2.67161  -3.30896  1.000 9.64000  ? 82  LEU A CB    1 
ATOM   677  C  CG    . LEU A 1 82  ? 5.90704   -2.71325  -4.47303  1.000 11.50000 ? 82  LEU A CG    1 
ATOM   678  C  CD1   . LEU A 1 82  ? 5.52533   -4.16542  -4.69491  1.000 16.51000 ? 82  LEU A CD1   1 
ATOM   679  C  CD2   . LEU A 1 82  ? 4.66098   -1.87099  -4.20400  1.000 12.03000 ? 82  LEU A CD2   1 
ATOM   680  N  N     . TRP A 1 83  ? 8.07758   -0.13945  -1.42448  1.000 6.16000  ? 83  TRP A N     1 
ATOM   681  C  CA    . TRP A 1 83  ? 8.41005   0.24110   -0.05923  1.000 6.71000  ? 83  TRP A CA    1 
ATOM   682  C  C     . TRP A 1 83  ? 7.14242   0.09517   0.76609   1.000 7.76000  ? 83  TRP A C     1 
ATOM   683  O  O     . TRP A 1 83  ? 6.21608   0.89838   0.61673   1.000 9.21000  ? 83  TRP A O     1 
ATOM   684  C  CB    . TRP A 1 83  ? 8.91808   1.67899   -0.00966  1.000 6.94000  ? 83  TRP A CB    1 
ATOM   685  C  CG    . TRP A 1 83  ? 10.14822  1.94910   -0.82769  1.000 5.85000  ? 83  TRP A CG    1 
ATOM   686  C  CD1   . TRP A 1 83  ? 10.25031  1.97617   -2.19283  1.000 6.93000  ? 83  TRP A CD1   1 
ATOM   687  C  CD2   . TRP A 1 83  ? 11.43976  2.29415   -0.32027  1.000 8.96000  ? 83  TRP A CD2   1 
ATOM   688  N  NE1   . TRP A 1 83  ? 11.54443  2.29239   -2.56398  1.000 9.35000  ? 83  TRP A NE1   1 
ATOM   689  C  CE2   . TRP A 1 83  ? 12.28836  2.49175   -1.43091  1.000 9.09000  ? 83  TRP A CE2   1 
ATOM   690  C  CE3   . TRP A 1 83  ? 11.96175  2.44175   0.96698   1.000 7.55000  ? 83  TRP A CE3   1 
ATOM   691  C  CZ2   . TRP A 1 83  ? 13.63503  2.83732   -1.28765  1.000 11.05000 ? 83  TRP A CZ2   1 
ATOM   692  C  CZ3   . TRP A 1 83  ? 13.29448  2.77655   1.11148   1.000 7.15000  ? 83  TRP A CZ3   1 
ATOM   693  C  CH2   . TRP A 1 83  ? 14.11480  2.97212   -0.00890  1.000 9.46000  ? 83  TRP A CH2   1 
ATOM   694  N  N     . PHE A 1 84  ? 7.09012   -0.92332  1.62672   1.000 6.70000  ? 84  PHE A N     1 
ATOM   695  C  CA    . PHE A 1 84  ? 5.91270   -1.18171  2.45707   1.000 8.01000  ? 84  PHE A CA    1 
ATOM   696  C  C     . PHE A 1 84  ? 6.13959   -0.55140  3.82453   1.000 7.34000  ? 84  PHE A C     1 
ATOM   697  O  O     . PHE A 1 84  ? 6.95415   -1.04418  4.61096   1.000 7.79000  ? 84  PHE A O     1 
ATOM   698  C  CB    . PHE A 1 84  ? 5.65881   -2.68169  2.61478   1.000 7.58000  ? 84  PHE A CB    1 
ATOM   699  C  CG    . PHE A 1 84  ? 5.30647   -3.39995  1.33828   1.000 8.92000  ? 84  PHE A CG    1 
ATOM   700  C  CD1   . PHE A 1 84  ? 3.97794   -3.58112  0.97530   1.000 8.15000  ? 84  PHE A CD1   1 
ATOM   701  C  CD2   . PHE A 1 84  ? 6.30176   -3.92344  0.52195   1.000 8.23000  ? 84  PHE A CD2   1 
ATOM   702  C  CE1   . PHE A 1 84  ? 3.63428   -4.26539  -0.18947  1.000 8.88000  ? 84  PHE A CE1   1 
ATOM   703  C  CE2   . PHE A 1 84  ? 5.96877   -4.61544  -0.64634  1.000 9.37000  ? 84  PHE A CE2   1 
ATOM   704  C  CZ    . PHE A 1 84  ? 4.63276   -4.77445  -1.00421  1.000 10.98000 ? 84  PHE A CZ    1 
ATOM   705  N  N     . TRP A 1 85  ? 5.41505   0.52722   4.11383   1.000 5.91000  ? 85  TRP A N     1 
ATOM   706  C  CA    . TRP A 1 85  ? 5.50420   1.21937   5.39462   1.000 7.84000  ? 85  TRP A CA    1 
ATOM   707  C  C     . TRP A 1 85  ? 4.37695   0.76733   6.31088   1.000 7.91000  ? 85  TRP A C     1 
ATOM   708  O  O     . TRP A 1 85  ? 3.20762   0.79016   5.91512   1.000 9.80000  ? 85  TRP A O     1 
ATOM   709  C  CB    . TRP A 1 85  ? 5.42426   2.73615   5.19564   1.000 6.84000  ? 85  TRP A CB    1 
ATOM   710  C  CG    . TRP A 1 85  ? 6.49728   3.26765   4.31613   1.000 5.56000  ? 85  TRP A CG    1 
ATOM   711  C  CD1   . TRP A 1 85  ? 6.42279   3.48689   2.96563   1.000 6.77000  ? 85  TRP A CD1   1 
ATOM   712  C  CD2   . TRP A 1 85  ? 7.81615   3.65455   4.71911   1.000 7.04000  ? 85  TRP A CD2   1 
ATOM   713  N  NE1   . TRP A 1 85  ? 7.62895   3.98329   2.50365   1.000 8.05000  ? 85  TRP A NE1   1 
ATOM   714  C  CE2   . TRP A 1 85  ? 8.49347   4.09596   3.56395   1.000 7.35000  ? 85  TRP A CE2   1 
ATOM   715  C  CE3   . TRP A 1 85  ? 8.49043   3.66572   5.94651   1.000 8.98000  ? 85  TRP A CE3   1 
ATOM   716  C  CZ2   . TRP A 1 85  ? 9.81808   4.54485   3.60249   1.000 8.53000  ? 85  TRP A CZ2   1 
ATOM   717  C  CZ3   . TRP A 1 85  ? 9.80445   4.11386   5.98044   1.000 11.42000 ? 85  TRP A CZ3   1 
ATOM   718  C  CH2   . TRP A 1 85  ? 10.44936  4.54511   4.81463   1.000 8.43000  ? 85  TRP A CH2   1 
ATOM   719  N  N     . LEU A 1 86  ? 4.72564   0.39500   7.54074   1.000 7.48000  ? 86  LEU A N     1 
ATOM   720  C  CA    . LEU A 1 86  ? 3.73452   0.05329   8.55701   1.000 7.27000  ? 86  LEU A CA    1 
ATOM   721  C  C     . LEU A 1 86  ? 3.26756   1.32186   9.26187   1.000 9.06000  ? 86  LEU A C     1 
ATOM   722  O  O     . LEU A 1 86  ? 4.06625   2.00527   9.91513   1.000 8.37000  ? 86  LEU A O     1 
ATOM   723  C  CB    . LEU A 1 86  ? 4.31831   -0.93283  9.56795   1.000 9.02000  ? 86  LEU A CB    1 
ATOM   724  C  CG    . LEU A 1 86  ? 3.35714   -1.38416  10.66988  1.000 8.33000  ? 86  LEU A CG    1 
ATOM   725  C  CD1   . LEU A 1 86  ? 2.11180   -2.06851  10.08918  1.000 11.48000 ? 86  LEU A CD1   1 
ATOM   726  C  CD2   . LEU A 1 86  ? 4.10180   -2.31424  11.62669  1.000 14.83000 ? 86  LEU A CD2   1 
ATOM   727  N  N     . VAL A 1 87  ? 1.97354   1.61821   9.14239   1.000 5.53000  ? 87  VAL A N     1 
ATOM   728  C  CA    . VAL A 1 87  ? 1.38054   2.85888   9.62419   1.000 7.04000  ? 87  VAL A CA    1 
ATOM   729  C  C     . VAL A 1 87  ? 0.40976   2.50266   10.73940  1.000 9.50000  ? 87  VAL A C     1 
ATOM   730  O  O     . VAL A 1 87  ? -0.68409  1.98360   10.48215  1.000 9.09000  ? 87  VAL A O     1 
ATOM   731  C  CB    . VAL A 1 87  ? 0.68003   3.61889   8.48864   1.000 7.46000  ? 87  VAL A CB    1 
ATOM   732  C  CG1   . VAL A 1 87  ? -0.01402  4.87623   9.02885   1.000 8.97000  ? 87  VAL A CG1   1 
ATOM   733  C  CG2   . VAL A 1 87  ? 1.67433   3.96110   7.38545   1.000 7.38000  ? 87  VAL A CG2   1 
ATOM   734  N  N     . GLU A 1 88  ? 0.80837   2.76967   11.98672  1.000 9.85000  ? 88  GLU A N     1 
ATOM   735  C  CA    . GLU A 1 88  ? -0.03915  2.47583   13.13288  1.000 10.31000 ? 88  GLU A CA    1 
ATOM   736  C  C     . GLU A 1 88  ? -0.57134  3.72569   13.81279  1.000 10.13000 ? 88  GLU A C     1 
ATOM   737  O  O     . GLU A 1 88  ? -1.42058  3.61371   14.70632  1.000 11.36000 ? 88  GLU A O     1 
ATOM   738  C  CB    . GLU A 1 88  ? 0.72219   1.60526   14.13924  1.000 15.33000 ? 88  GLU A CB    1 
ATOM   739  C  CG    . GLU A 1 88  ? 0.99512   0.20617   13.58584  1.000 19.51000 ? 88  GLU A CG    1 
ATOM   740  C  CD    . GLU A 1 88  ? 1.86022   -0.64403  14.49594  1.000 28.52000 ? 88  GLU A CD    1 
ATOM   741  O  OE1   . GLU A 1 88  ? 2.77386   -0.09282  15.14162  1.000 34.52000 ? 88  GLU A OE1   1 
ATOM   742  O  OE2   . GLU A 1 88  ? 1.62077   -1.86655  14.56099  1.000 31.17000 ? 88  GLU A OE2   1 
ATOM   743  N  N     . ARG A 1 89  ? -0.12542  4.90508   13.38663  1.000 9.85000  ? 89  ARG A N     1 
ATOM   744  C  CA    . ARG A 1 89  ? -0.61411  6.17629   13.89192  1.000 11.56000 ? 89  ARG A CA    1 
ATOM   745  C  C     . ARG A 1 89  ? -0.82435  7.11507   12.71423  1.000 10.01000 ? 89  ARG A C     1 
ATOM   746  O  O     . ARG A 1 89  ? -0.01889  7.13426   11.78047  1.000 11.17000 ? 89  ARG A O     1 
ATOM   747  C  CB    . ARG A 1 89  ? 0.37500   6.79176   14.89119  1.000 13.81000 ? 89  ARG A CB    1 
ATOM   748  C  CG    . ARG A 1 89  ? 0.04162   8.21993   15.29401  1.000 27.20000 ? 89  ARG A CG    1 
ATOM   749  C  CD    . ARG A 1 89  ? 1.04189   8.78713   16.30263  1.000 25.46000 ? 89  ARG A CD    1 
ATOM   750  N  NE    . ARG A 1 89  ? 0.89751   8.13893   17.60252  1.000 34.74000 ? 89  ARG A NE    1 
ATOM   751  C  CZ    . ARG A 1 89  ? -0.08550  8.40505   18.45471  1.000 29.87000 ? 89  ARG A CZ    1 
ATOM   752  N  NH1   . ARG A 1 89  ? -1.00467  9.31175   18.13916  1.000 27.55000 ? 89  ARG A NH1   1 
ATOM   753  N  NH2   . ARG A 1 89  ? -0.15634  7.76086   19.61396  1.000 29.76000 ? 89  ARG A NH2   1 
ATOM   754  N  N     . TRP A 1 90  ? -1.91710  7.87235   12.74711  1.000 9.18000  ? 90  TRP A N     1 
ATOM   755  C  CA    . TRP A 1 90  ? -2.18863  8.79021   11.64961  1.000 11.97000 ? 90  TRP A CA    1 
ATOM   756  C  C     . TRP A 1 90  ? -3.18441  9.83783   12.11113  1.000 13.09000 ? 90  TRP A C     1 
ATOM   757  O  O     . TRP A 1 90  ? -3.90481  9.64968   13.09265  1.000 12.09000 ? 90  TRP A O     1 
ATOM   758  C  CB    . TRP A 1 90  ? -2.72230  8.05192   10.40698  1.000 10.41000 ? 90  TRP A CB    1 
ATOM   759  C  CG    . TRP A 1 90  ? -4.00304  7.30405   10.65479  1.000 10.37000 ? 90  TRP A CG    1 
ATOM   760  C  CD1   . TRP A 1 90  ? -5.27614  7.80157   10.56981  1.000 10.93000 ? 90  TRP A CD1   1 
ATOM   761  C  CD2   . TRP A 1 90  ? -4.13278  5.92965   11.03702  1.000 10.27000 ? 90  TRP A CD2   1 
ATOM   762  N  NE1   . TRP A 1 90  ? -6.19229  6.81385   10.87147  1.000 9.51000  ? 90  TRP A NE1   1 
ATOM   763  C  CE2   . TRP A 1 90  ? -5.51395  5.65597   11.15673  1.000 8.93000  ? 90  TRP A CE2   1 
ATOM   764  C  CE3   . TRP A 1 90  ? -3.21788  4.89736   11.27034  1.000 9.19000  ? 90  TRP A CE3   1 
ATOM   765  C  CZ2   . TRP A 1 90  ? -5.99599  4.39798   11.52167  1.000 8.85000  ? 90  TRP A CZ2   1 
ATOM   766  C  CZ3   . TRP A 1 90  ? -3.70107  3.64601   11.62515  1.000 8.91000  ? 90  TRP A CZ3   1 
ATOM   767  C  CH2   . TRP A 1 90  ? -5.07977  3.40749   11.74906  1.000 8.87000  ? 90  TRP A CH2   1 
ATOM   768  N  N     . GLU A 1 91  ? -3.21050  10.94821  11.38447  1.000 13.12000 ? 91  GLU A N     1 
ATOM   769  C  CA    . GLU A 1 91  ? -4.25549  11.94838  11.52865  1.000 13.31000 ? 91  GLU A CA    1 
ATOM   770  C  C     . GLU A 1 91  ? -5.30825  11.69966  10.45855  1.000 15.25000 ? 91  GLU A C     1 
ATOM   771  O  O     . GLU A 1 91  ? -4.97189  11.46484  9.29305   1.000 12.97000 ? 91  GLU A O     1 
ATOM   772  C  CB    . GLU A 1 91  ? -3.68353  13.36354  11.41483  1.000 19.94000 ? 91  GLU A CB    1 
ATOM   773  C  CG    . GLU A 1 91  ? -2.73197  13.72696  12.55135  1.000 36.41000 ? 91  GLU A CG    1 
ATOM   774  C  CD    . GLU A 1 91  ? -2.09020  15.09657  12.37875  1.000 52.68000 ? 91  GLU A CD    1 
ATOM   775  O  OE1   . GLU A 1 91  ? -2.65352  15.92856  11.63489  1.000 54.53000 ? 91  GLU A OE1   1 
ATOM   776  O  OE2   . GLU A 1 91  ? -1.01870  15.33695  12.98608  1.000 51.92000 ? 91  GLU A OE2   1 
ATOM   777  N  N     . GLY A 1 92  ? -6.57321  11.73435  10.85774  1.000 14.09000 ? 92  GLY A N     1 
ATOM   778  C  CA    . GLY A 1 92  ? -7.66917  11.53832  9.93000   1.000 16.94000 ? 92  GLY A CA    1 
ATOM   779  C  C     . GLY A 1 92  ? -8.28408  10.15616  10.03799  1.000 15.33000 ? 92  GLY A C     1 
ATOM   780  O  O     . GLY A 1 92  ? -7.87552  9.29867   10.82785  1.000 17.10000 ? 92  GLY A O     1 
ATOM   781  N  N     . GLU A 1 93  ? -9.30689  9.95871   9.21331   1.000 11.38000 ? 93  GLU A N     1 
ATOM   782  C  CA    . GLU A 1 93  ? -10.06722 8.72359   9.14995   1.000 10.50000 ? 93  GLU A CA    1 
ATOM   783  C  C     . GLU A 1 93  ? -10.01200 8.25331   7.70644   1.000 8.11000  ? 93  GLU A C     1 
ATOM   784  O  O     . GLU A 1 93  ? -10.42884 9.00937   6.81687   1.000 10.31000 ? 93  GLU A O     1 
ATOM   785  C  CB    . GLU A 1 93  ? -11.51429 8.99007   9.58624   1.000 19.41000 ? 93  GLU A CB    1 
ATOM   786  C  CG    . GLU A 1 93  ? -12.38761 7.78955   9.64438   1.000 17.61000 ? 93  GLU A CG    1 
ATOM   787  C  CD    . GLU A 1 93  ? -12.05147 6.89596   10.81439  1.000 23.85000 ? 93  GLU A CD    1 
ATOM   788  O  OE1   . GLU A 1 93  ? -11.86984 7.41344   11.93416  1.000 25.31000 ? 93  GLU A OE1   1 
ATOM   789  O  OE2   . GLU A 1 93  ? -11.94947 5.67652   10.60782  1.000 22.67000 ? 93  GLU A OE2   1 
ATOM   790  N  N     . PRO A 1 94  ? -9.48327  7.06880   7.39401   1.000 6.32000  ? 94  PRO A N     1 
ATOM   791  C  CA    . PRO A 1 94  ? -9.30997  6.70963   5.98041   1.000 6.49000  ? 94  PRO A CA    1 
ATOM   792  C  C     . PRO A 1 94  ? -10.64446 6.42619   5.30837   1.000 7.07000  ? 94  PRO A C     1 
ATOM   793  O  O     . PRO A 1 94  ? -11.56875 5.87795   5.92076   1.000 9.60000  ? 94  PRO A O     1 
ATOM   794  C  CB    . PRO A 1 94  ? -8.42274  5.45827   6.02272   1.000 9.44000  ? 94  PRO A CB    1 
ATOM   795  C  CG    . PRO A 1 94  ? -8.58033  4.91611   7.38397   1.000 12.88000 ? 94  PRO A CG    1 
ATOM   796  C  CD    . PRO A 1 94  ? -8.89594  6.06767   8.30347   1.000 9.96000  ? 94  PRO A CD    1 
ATOM   797  N  N     . TRP A 1 95  ? -10.74184 6.83537   4.04076   1.000 6.69000  ? 95  TRP A N     1 
ATOM   798  C  CA    . TRP A 1 95  ? -11.94951 6.64943   3.24555   1.000 5.70000  ? 95  TRP A CA    1 
ATOM   799  C  C     . TRP A 1 95  ? -11.55603 6.57777   1.77842   1.000 8.37000  ? 95  TRP A C     1 
ATOM   800  O  O     . TRP A 1 95  ? -10.38702 6.74659   1.42151   1.000 7.75000  ? 95  TRP A O     1 
ATOM   801  C  CB    . TRP A 1 95  ? -12.95771 7.77779   3.49247   1.000 8.79000  ? 95  TRP A CB    1 
ATOM   802  C  CG    . TRP A 1 95  ? -12.52645 9.15122   3.03583   1.000 6.29000  ? 95  TRP A CG    1 
ATOM   803  C  CD1   . TRP A 1 95  ? -11.50153 9.91072   3.54624   1.000 8.39000  ? 95  TRP A CD1   1 
ATOM   804  C  CD2   . TRP A 1 95  ? -13.13054 9.93868   2.00461   1.000 8.18000  ? 95  TRP A CD2   1 
ATOM   805  N  NE1   . TRP A 1 95  ? -11.42883 11.11411  2.88327   1.000 10.61000 ? 95  TRP A NE1   1 
ATOM   806  C  CE2   . TRP A 1 95  ? -12.42408 11.16017  1.93960   1.000 8.52000  ? 95  TRP A CE2   1 
ATOM   807  C  CE3   . TRP A 1 95  ? -14.21057 9.73643   1.13712   1.000 8.64000  ? 95  TRP A CE3   1 
ATOM   808  C  CZ2   . TRP A 1 95  ? -12.75792 12.17452  1.02897   1.000 9.87000  ? 95  TRP A CZ2   1 
ATOM   809  C  CZ3   . TRP A 1 95  ? -14.54100 10.74694  0.22991   1.000 8.61000  ? 95  TRP A CZ3   1 
ATOM   810  C  CH2   . TRP A 1 95  ? -13.81400 11.94950  0.18608   1.000 9.95000  ? 95  TRP A CH2   1 
ATOM   811  N  N     . GLY A 1 96  ? -12.54427 6.33052   0.92129   1.000 7.24000  ? 96  GLY A N     1 
ATOM   812  C  CA    . GLY A 1 96  ? -12.28114 6.23496   -0.50631  1.000 8.13000  ? 96  GLY A CA    1 
ATOM   813  C  C     . GLY A 1 96  ? -12.22881 7.60789   -1.13520  1.000 8.48000  ? 96  GLY A C     1 
ATOM   814  O  O     . GLY A 1 96  ? -13.12814 7.99344   -1.88883  1.000 9.58000  ? 96  GLY A O     1 
ATOM   815  N  N     . LYS A 1 97  ? -11.16017 8.35254   -0.82415  1.000 6.91000  ? 97  LYS A N     1 
ATOM   816  C  CA    . LYS A 1 97  ? -11.10079 9.76865   -1.17890  1.000 7.16000  ? 97  LYS A CA    1 
ATOM   817  C  C     . LYS A 1 97  ? -11.03940 9.98153   -2.68832  1.000 8.50000  ? 97  LYS A C     1 
ATOM   818  O  O     . LYS A 1 97  ? -11.47081 11.03175  -3.18316  1.000 11.05000 ? 97  LYS A O     1 
ATOM   819  C  CB    . LYS A 1 97  ? -9.90429  10.41579  -0.47938  1.000 5.96000  ? 97  LYS A CB    1 
ATOM   820  C  CG    . LYS A 1 97  ? -9.67820  11.88881  -0.81055  1.000 6.90000  ? 97  LYS A CG    1 
ATOM   821  C  CD    . LYS A 1 97  ? -8.60680  12.46434  0.11562   1.000 8.50000  ? 97  LYS A CD    1 
ATOM   822  C  CE    . LYS A 1 97  ? -8.15677  13.85611  -0.31753  1.000 9.09000  ? 97  LYS A CE    1 
ATOM   823  N  NZ    . LYS A 1 97  ? -7.13824  14.43019  0.63051   1.000 8.73000  ? 97  LYS A NZ    1 
ATOM   824  N  N     . GLU A 1 98  ? -10.52899 9.00265   -3.43435  1.000 9.03000  ? 98  GLU A N     1 
ATOM   825  C  CA    . GLU A 1 98  ? -10.50572 9.05456   -4.89051  1.000 9.56000  ? 98  GLU A CA    1 
ATOM   826  C  C     . GLU A 1 98  ? -11.64942 8.26197   -5.52495  1.000 10.63000 ? 98  GLU A C     1 
ATOM   827  O  O     . GLU A 1 98  ? -11.57667 7.90903   -6.70793  1.000 13.19000 ? 98  GLU A O     1 
ATOM   828  C  CB    . GLU A 1 98  ? -9.14846  8.57190   -5.40947  1.000 11.46000 ? 98  GLU A CB    1 
ATOM   829  C  CG    . GLU A 1 98  ? -8.00426  9.55000   -5.09660  1.000 11.96000 ? 98  GLU A CG    1 
ATOM   830  C  CD    . GLU A 1 98  ? -6.64317  9.09459   -5.62598  1.000 14.54000 ? 98  GLU A CD    1 
ATOM   831  O  OE1   . GLU A 1 98  ? -6.48488  7.89960   -5.96552  1.000 16.02000 ? 98  GLU A OE1   1 
ATOM   832  O  OE2   . GLU A 1 98  ? -5.71936  9.94031   -5.68452  1.000 16.40000 ? 98  GLU A OE2   1 
ATOM   833  N  N     . GLY A 1 99  ? -12.70790 7.98692   -4.77264  1.000 10.43000 ? 99  GLY A N     1 
ATOM   834  C  CA    . GLY A 1 99  ? -13.84037 7.26485   -5.31692  1.000 11.35000 ? 99  GLY A CA    1 
ATOM   835  C  C     . GLY A 1 99  ? -13.67937 5.76439   -5.37816  1.000 13.60000 ? 99  GLY A C     1 
ATOM   836  O  O     . GLY A 1 99  ? -14.55411 5.08118   -5.93037  1.000 13.68000 ? 99  GLY A O     1 
ATOM   837  N  N     . GLN A 1 100 ? -12.58226 5.21899   -4.82400  1.000 8.68000  ? 100 GLN A N     1 
ATOM   838  C  CA    . GLN A 1 100 ? -12.24841 3.80687   -4.88698  1.000 9.11000  ? 100 GLN A CA    1 
ATOM   839  C  C     . GLN A 1 100 ? -12.82934 3.07082   -3.68243  1.000 8.39000  ? 100 GLN A C     1 
ATOM   840  O  O     . GLN A 1 100 ? -13.05046 3.67564   -2.62543  1.000 9.66000  ? 100 GLN A O     1 
ATOM   841  C  CB    . GLN A 1 100 ? -10.72374 3.62040   -4.93334  1.000 9.29000  ? 100 GLN A CB    1 
ATOM   842  C  CG    . GLN A 1 100 ? -9.99582  3.71901   -3.57912  1.000 8.75000  ? 100 GLN A CG    1 
ATOM   843  C  CD    . GLN A 1 100 ? -9.68186  5.14696   -3.14816  1.000 8.18000  ? 100 GLN A CD    1 
ATOM   844  O  OE1   . GLN A 1 100 ? -10.47303 6.05909   -3.36500  1.000 9.05000  ? 100 GLN A OE1   1 
ATOM   845  N  NE2   . GLN A 1 100 ? -8.51454  5.34103   -2.53042  1.000 7.59000  ? 100 GLN A NE2   1 
ATOM   846  N  N     . PRO A 1 101 ? -13.11014 1.77534   -3.82162  1.000 8.46000  ? 101 PRO A N     1 
ATOM   847  C  CA    . PRO A 1 101 ? -13.59870 1.00526   -2.67225  1.000 8.86000  ? 101 PRO A CA    1 
ATOM   848  C  C     . PRO A 1 101 ? -12.50573 0.87167   -1.63105  1.000 11.31000 ? 101 PRO A C     1 
ATOM   849  O  O     . PRO A 1 101 ? -11.33632 0.66487   -1.95994  1.000 12.92000 ? 101 PRO A O     1 
ATOM   850  C  CB    . PRO A 1 101 ? -13.97049 -0.36064  -3.27471  1.000 12.85000 ? 101 PRO A CB    1 
ATOM   851  C  CG    . PRO A 1 101 ? -13.94949 -0.17091  -4.75895  1.000 12.72000 ? 101 PRO A CG    1 
ATOM   852  C  CD    . PRO A 1 101 ? -13.00480 0.95557   -5.03906  1.000 9.66000  ? 101 PRO A CD    1 
ATOM   853  N  N     . GLY A 1 102 ? -12.88247 1.05919   -0.36970  1.000 9.30000  ? 102 GLY A N     1 
ATOM   854  C  CA    . GLY A 1 102 ? -11.93212 0.88676   0.70914   1.000 8.66000  ? 102 GLY A CA    1 
ATOM   855  C  C     . GLY A 1 102 ? -12.64020 0.37641   1.93854   1.000 15.48000 ? 102 GLY A C     1 
ATOM   856  O  O     . GLY A 1 102 ? -13.75156 0.82395   2.23931   1.000 17.48000 ? 102 GLY A O     1 
ATOM   857  N  N     . GLU A 1 103 ? -12.03934 -0.57169  2.64900   1.000 9.42000  ? 103 GLU A N     1 
ATOM   858  C  CA    . GLU A 1 103 ? -12.66319 -1.01579  3.88475   1.000 11.80000 ? 103 GLU A CA    1 
ATOM   859  C  C     . GLU A 1 103 ? -11.62070 -1.65780  4.78051   1.000 10.03000 ? 103 GLU A C     1 
ATOM   860  O  O     . GLU A 1 103 ? -10.50999 -1.99372  4.35097   1.000 7.82000  ? 103 GLU A O     1 
ATOM   861  C  CB    . GLU A 1 103 ? -13.80116 -1.98299  3.60892   1.000 17.29000 ? 103 GLU A CB    1 
ATOM   862  C  CG    . GLU A 1 103 ? -13.34647 -3.24274  2.95547   1.000 12.79000 ? 103 GLU A CG    1 
ATOM   863  C  CD    . GLU A 1 103 ? -14.50403 -4.08540  2.49062   1.000 23.57000 ? 103 GLU A CD    1 
ATOM   864  O  OE1   . GLU A 1 103 ? -15.66649 -3.64576  2.65205   1.000 31.24000 ? 103 GLU A OE1   1 
ATOM   865  O  OE2   . GLU A 1 103 ? -14.24229 -5.18137  1.96424   1.000 20.23000 ? 103 GLU A OE2   1 
ATOM   866  N  N     . TRP A 1 104 ? -12.00630 -1.82232  6.04176   1.000 8.00000  ? 104 TRP A N     1 
ATOM   867  C  CA    . TRP A 1 104 ? -11.14544 -2.44684  7.03076   1.000 8.09000  ? 104 TRP A CA    1 
ATOM   868  C  C     . TRP A 1 104 ? -11.24793 -3.95744  6.90947   1.000 7.63000  ? 104 TRP A C     1 
ATOM   869  O  O     . TRP A 1 104 ? -12.34771 -4.50734  6.77664   1.000 8.82000  ? 104 TRP A O     1 
ATOM   870  C  CB    . TRP A 1 104 ? -11.53869 -1.98720  8.43130   1.000 8.25000  ? 104 TRP A CB    1 
ATOM   871  C  CG    . TRP A 1 104 ? -11.21429 -0.53627  8.66247   1.000 6.29000  ? 104 TRP A CG    1 
ATOM   872  C  CD1   . TRP A 1 104 ? -12.07061 0.52969   8.54603   1.000 8.85000  ? 104 TRP A CD1   1 
ATOM   873  C  CD2   . TRP A 1 104 ? -9.94043  0.00812   9.02454   1.000 8.00000  ? 104 TRP A CD2   1 
ATOM   874  N  NE1   . TRP A 1 104 ? -11.40033 1.70412   8.83463   1.000 8.06000  ? 104 TRP A NE1   1 
ATOM   875  C  CE2   . TRP A 1 104 ? -10.09385 1.40810   9.12529   1.000 8.51000  ? 104 TRP A CE2   1 
ATOM   876  C  CE3   . TRP A 1 104 ? -8.68208  -0.55242  9.27132   1.000 6.79000  ? 104 TRP A CE3   1 
ATOM   877  C  CZ2   . TRP A 1 104 ? -9.03222  2.25308   9.47250   1.000 7.68000  ? 104 TRP A CZ2   1 
ATOM   878  C  CZ3   . TRP A 1 104 ? -7.63043  0.29164   9.61926   1.000 8.37000  ? 104 TRP A CZ3   1 
ATOM   879  C  CH2   . TRP A 1 104 ? -7.81233  1.67517   9.70833   1.000 7.96000  ? 104 TRP A CH2   1 
ATOM   880  N  N     . MET A 1 105 ? -10.10195 -4.62391  6.93793   1.000 6.53000  ? 105 MET A N     1 
ATOM   881  C  CA    . MET A 1 105 ? -10.03049 -6.06766  6.75369   1.000 6.36000  ? 105 MET A CA    1 
ATOM   882  C  C     . MET A 1 105 ? -9.19245  -6.66749  7.86931   1.000 6.45000  ? 105 MET A C     1 
ATOM   883  O  O     . MET A 1 105 ? -8.07947  -6.20654  8.11748   1.000 8.23000  ? 105 MET A O     1 
ATOM   884  C  CB    . MET A 1 105 ? -9.41810  -6.41670  5.39546   1.000 8.31000  ? 105 MET A CB    1 
ATOM   885  C  CG    . MET A 1 105 ? -10.16528 -5.78035  4.23830   1.000 9.13000  ? 105 MET A CG    1 
ATOM   886  S  SD    . MET A 1 105 ? -9.62310  -6.41338  2.64230   1.000 11.43000 ? 105 MET A SD    1 
ATOM   887  C  CE    . MET A 1 105 ? -10.79132 -5.56484  1.57167   1.000 17.22000 ? 105 MET A CE    1 
ATOM   888  N  N     . SER A 1 106 ? -9.70925  -7.70452  8.53097   1.000 8.07000  ? 106 SER A N     1 
ATOM   889  C  CA    . SER A 1 106 ? -8.90415  -8.34120  9.56932   1.000 7.00000  ? 106 SER A CA    1 
ATOM   890  C  C     . SER A 1 106 ? -7.60293  -8.86085  8.97348   1.000 7.55000  ? 106 SER A C     1 
ATOM   891  O  O     . SER A 1 106 ? -7.58327  -9.43660  7.87978   1.000 8.77000  ? 106 SER A O     1 
ATOM   892  C  CB    . SER A 1 106 ? -9.66560  -9.49451  10.22973  1.000 11.09000 ? 106 SER A CB    1 
ATOM   893  O  OG    . SER A 1 106 ? -9.68722  -10.64421 9.38911   1.000 13.42000 ? 106 SER A OG    1 
ATOM   894  N  N     . LEU A 1 107 ? -6.50515  -8.64035  9.69649   1.000 9.15000  ? 107 LEU A N     1 
ATOM   895  C  CA    . LEU A 1 107 ? -5.21773  -9.15854  9.24457   1.000 8.47000  ? 107 LEU A CA    1 
ATOM   896  C  C     . LEU A 1 107 ? -5.26442  -10.67176 9.04765   1.000 12.33000 ? 107 LEU A C     1 
ATOM   897  O  O     . LEU A 1 107 ? -4.77975  -11.18938 8.03407   1.000 9.66000  ? 107 LEU A O     1 
ATOM   898  C  CB    . LEU A 1 107 ? -4.13391  -8.77400  10.25225  1.000 11.93000 ? 107 LEU A CB    1 
ATOM   899  C  CG    . LEU A 1 107 ? -2.70856  -9.21821  9.93357   1.000 16.89000 ? 107 LEU A CG    1 
ATOM   900  C  CD1   . LEU A 1 107 ? -2.36561  -8.88759  8.49323   1.000 21.14000 ? 107 LEU A CD1   1 
ATOM   901  C  CD2   . LEU A 1 107 ? -1.74185  -8.53090  10.89560  1.000 22.21000 ? 107 LEU A CD2   1 
ATOM   902  N  N     . VAL A 1 108 ? -5.87111  -11.39673 9.99089   1.000 10.86000 ? 108 VAL A N     1 
ATOM   903  C  CA    . VAL A 1 108 ? -5.85164  -12.85360 9.89799   1.000 11.44000 ? 108 VAL A CA    1 
ATOM   904  C  C     . VAL A 1 108 ? -6.61293  -13.33630 8.67298   1.000 10.94000 ? 108 VAL A C     1 
ATOM   905  O  O     . VAL A 1 108 ? -6.31929  -14.41250 8.13517   1.000 14.43000 ? 108 VAL A O     1 
ATOM   906  C  CB    . VAL A 1 108 ? -6.39950  -13.49181 11.19015  1.000 15.55000 ? 108 VAL A CB    1 
ATOM   907  C  CG1   . VAL A 1 108 ? -5.53619  -13.09654 12.37382  1.000 24.98000 ? 108 VAL A CG1   1 
ATOM   908  C  CG2   . VAL A 1 108 ? -7.85404  -13.09935 11.42019  1.000 13.83000 ? 108 VAL A CG2   1 
ATOM   909  N  N     . GLY A 1 109 ? -7.56916  -12.55392 8.19053   1.000 8.17000  ? 109 GLY A N     1 
ATOM   910  C  CA    . GLY A 1 109 ? -8.36807  -12.96980 7.05963   1.000 11.10000 ? 109 GLY A CA    1 
ATOM   911  C  C     . GLY A 1 109 ? -7.82877  -12.59753 5.69977   1.000 12.32000 ? 109 GLY A C     1 
ATOM   912  O  O     . GLY A 1 109 ? -8.43727  -12.97576 4.69441   1.000 11.69000 ? 109 GLY A O     1 
ATOM   913  N  N     . LEU A 1 110 ? -6.71133  -11.86507 5.62641   1.000 9.61000  ? 110 LEU A N     1 
ATOM   914  C  CA    . LEU A 1 110 ? -6.18351  -11.47063 4.32486   1.000 8.95000  ? 110 LEU A CA    1 
ATOM   915  C  C     . LEU A 1 110 ? -5.77668  -12.69786 3.51653   1.000 9.93000  ? 110 LEU A C     1 
ATOM   916  O  O     . LEU A 1 110 ? -5.19376  -13.64921 4.04306   1.000 13.66000 ? 110 LEU A O     1 
ATOM   917  C  CB    . LEU A 1 110 ? -4.98103  -10.53393 4.47774   1.000 9.72000  ? 110 LEU A CB    1 
ATOM   918  C  CG    . LEU A 1 110 ? -5.26786  -9.17153  5.11214   1.000 12.42000 ? 110 LEU A CG    1 
ATOM   919  C  CD1   . LEU A 1 110 ? -3.97623  -8.34514  5.15468   1.000 14.90000 ? 110 LEU A CD1   1 
ATOM   920  C  CD2   . LEU A 1 110 ? -6.34570  -8.43612  4.33950   1.000 13.90000 ? 110 LEU A CD2   1 
ATOM   921  N  N     . ASN A 1 111 ? -6.09562  -12.66600 2.22794   1.000 11.49000 ? 111 ASN A N     1 
ATOM   922  C  CA    . ASN A 1 111 ? -5.76665  -13.73046 1.28482   1.000 10.34000 ? 111 ASN A CA    1 
ATOM   923  C  C     . ASN A 1 111 ? -4.80531  -13.14330 0.26461   1.000 8.72000  ? 111 ASN A C     1 
ATOM   924  O  O     . ASN A 1 111 ? -5.19522  -12.28052 -0.52945  1.000 10.94000 ? 111 ASN A O     1 
ATOM   925  C  CB    . ASN A 1 111 ? -7.03431  -14.26369 0.61498   1.000 12.14000 ? 111 ASN A CB    1 
ATOM   926  C  CG    . ASN A 1 111 ? -6.76178  -15.41546 -0.32934  1.000 17.43000 ? 111 ASN A CG    1 
ATOM   927  O  OD1   . ASN A 1 111 ? -5.62673  -15.65528 -0.73914  1.000 18.03000 ? 111 ASN A OD1   1 
ATOM   928  N  ND2   . ASN A 1 111 ? -7.81886  -16.14775 -0.68021  1.000 27.94000 ? 111 ASN A ND2   1 
ATOM   929  N  N     . ALA A 1 112 ? -3.54690  -13.59687 0.28273   1.000 9.85000  ? 112 ALA A N     1 
ATOM   930  C  CA    . ALA A 1 112 ? -2.55847  -13.01801 -0.62340  1.000 10.15000 ? 112 ALA A CA    1 
ATOM   931  C  C     . ALA A 1 112 ? -2.96681  -13.15201 -2.08790  1.000 8.05000  ? 112 ALA A C     1 
ATOM   932  O  O     . ALA A 1 112 ? -2.54596  -12.34114 -2.92160  1.000 9.92000  ? 112 ALA A O     1 
ATOM   933  C  CB    . ALA A 1 112 ? -1.18987  -13.65779 -0.39003  1.000 11.85000 ? 112 ALA A CB    1 
ATOM   934  N  N     . ASP A 1 113 ? -3.78680  -14.15665 -2.42640  1.000 8.91000  ? 113 ASP A N     1 
ATOM   935  C  CA    . ASP A 1 113 ? -4.23701  -14.29518 -3.80793  1.000 10.89000 ? 113 ASP A CA    1 
ATOM   936  C  C     . ASP A 1 113 ? -5.04802  -13.09471 -4.27679  1.000 8.81000  ? 113 ASP A C     1 
ATOM   937  O  O     . ASP A 1 113 ? -5.15522  -12.86463 -5.49027  1.000 12.86000 ? 113 ASP A O     1 
ATOM   938  C  CB    . ASP A 1 113 ? -5.07412  -15.56502 -3.97117  1.000 12.76000 ? 113 ASP A CB    1 
ATOM   939  C  CG    . ASP A 1 113 ? -4.25544  -16.83026 -3.80629  1.000 21.47000 ? 113 ASP A CG    1 
ATOM   940  O  OD1   . ASP A 1 113 ? -3.05674  -16.81018 -4.15075  1.000 23.29000 ? 113 ASP A OD1   1 
ATOM   941  O  OD2   . ASP A 1 113 ? -4.81795  -17.84457 -3.34252  1.000 27.59000 ? 113 ASP A OD2   1 
ATOM   942  N  N     . ASP A 1 114 ? -5.64021  -12.33497 -3.34872  1.000 7.34000  ? 114 ASP A N     1 
ATOM   943  C  CA    . ASP A 1 114 ? -6.44689  -11.17415 -3.70920  1.000 7.16000  ? 114 ASP A CA    1 
ATOM   944  C  C     . ASP A 1 114 ? -5.60732  -9.94600  -4.04572  1.000 7.47000  ? 114 ASP A C     1 
ATOM   945  O  O     . ASP A 1 114 ? -6.15442  -8.97356  -4.58464  1.000 9.52000  ? 114 ASP A O     1 
ATOM   946  C  CB    . ASP A 1 114 ? -7.39582  -10.80247 -2.56621  1.000 8.35000  ? 114 ASP A CB    1 
ATOM   947  C  CG    . ASP A 1 114 ? -8.47913  -11.82896 -2.32733  1.000 19.72000 ? 114 ASP A CG    1 
ATOM   948  O  OD1   . ASP A 1 114 ? -8.79760  -12.60163 -3.25376  1.000 22.32000 ? 114 ASP A OD1   1 
ATOM   949  O  OD2   . ASP A 1 114 ? -9.03476  -11.83381 -1.20598  1.000 16.09000 ? 114 ASP A OD2   1 
ATOM   950  N  N     . PHE A 1 115 ? -4.31664  -9.96694  -3.73328  1.000 7.47000  ? 115 PHE A N     1 
ATOM   951  C  CA    . PHE A 1 115 ? -3.38956  -8.85372  -3.88540  1.000 6.82000  ? 115 PHE A CA    1 
ATOM   952  C  C     . PHE A 1 115 ? -2.44416  -9.11548  -5.04993  1.000 7.08000  ? 115 PHE A C     1 
ATOM   953  O  O     . PHE A 1 115 ? -2.32803  -10.25252 -5.52064  1.000 9.81000  ? 115 PHE A O     1 
ATOM   954  C  CB    . PHE A 1 115 ? -2.56456  -8.67324  -2.59743  1.000 7.24000  ? 115 PHE A CB    1 
ATOM   955  C  CG    . PHE A 1 115 ? -3.35299  -8.18384  -1.41438  1.000 7.05000  ? 115 PHE A CG    1 
ATOM   956  C  CD1   . PHE A 1 115 ? -4.18585  -9.03611  -0.70783  1.000 8.41000  ? 115 PHE A CD1   1 
ATOM   957  C  CD2   . PHE A 1 115 ? -3.24742  -6.85983  -1.00206  1.000 7.87000  ? 115 PHE A CD2   1 
ATOM   958  C  CE1   . PHE A 1 115 ? -4.90227  -8.57336  0.38277   1.000 8.63000  ? 115 PHE A CE1   1 
ATOM   959  C  CE2   . PHE A 1 115 ? -3.95458  -6.39828  0.09025   1.000 9.23000  ? 115 PHE A CE2   1 
ATOM   960  C  CZ    . PHE A 1 115 ? -4.78114  -7.25399  0.78139   1.000 8.04000  ? 115 PHE A CZ    1 
ATOM   961  N  N     . PRO A 1 116 ? -1.73380  -8.09489  -5.53222  1.000 6.13000  ? 116 PRO A N     1 
ATOM   962  C  CA    . PRO A 1 116 ? -0.68317  -8.35115  -6.51521  1.000 8.30000  ? 116 PRO A CA    1 
ATOM   963  C  C     . PRO A 1 116 ? 0.31140   -9.35045  -5.96232  1.000 8.39000  ? 116 PRO A C     1 
ATOM   964  O  O     . PRO A 1 116 ? 0.55108   -9.40425  -4.74243  1.000 9.22000  ? 116 PRO A O     1 
ATOM   965  C  CB    . PRO A 1 116 ? -0.03591  -6.97369  -6.71903  1.000 8.04000  ? 116 PRO A CB    1 
ATOM   966  C  CG    . PRO A 1 116 ? -1.14465  -5.99189  -6.33948  1.000 7.52000  ? 116 PRO A CG    1 
ATOM   967  C  CD    . PRO A 1 116 ? -1.81195  -6.66393  -5.17709  1.000 7.62000  ? 116 PRO A CD    1 
ATOM   968  N  N     . PRO A 1 117 ? 0.90026   -10.17974 -6.82285  1.000 8.98000  ? 117 PRO A N     1 
ATOM   969  C  CA    . PRO A 1 117 ? 1.79348   -11.23065 -6.32064  1.000 11.12000 ? 117 PRO A CA    1 
ATOM   970  C  C     . PRO A 1 117 ? 3.01416   -10.68279 -5.62142  1.000 9.52000  ? 117 PRO A C     1 
ATOM   971  O  O     . PRO A 1 117 ? 3.59252   -11.38207 -4.78024  1.000 10.78000 ? 117 PRO A O     1 
ATOM   972  C  CB    . PRO A 1 117 ? 2.16964   -12.01373 -7.59021  1.000 12.01000 ? 117 PRO A CB    1 
ATOM   973  C  CG    . PRO A 1 117 ? 1.87012   -11.07448 -8.72125  1.000 12.98000 ? 117 PRO A CG    1 
ATOM   974  C  CD    . PRO A 1 117 ? 0.68560   -10.27422 -8.27451  1.000 12.51000 ? 117 PRO A CD    1 
ATOM   975  N  N     . ALA A 1 118 ? 3.40199   -9.43818  -5.91229  1.000 8.58000  ? 118 ALA A N     1 
ATOM   976  C  CA    . ALA A 1 118 ? 4.52031   -8.82768  -5.21007  1.000 9.57000  ? 118 ALA A CA    1 
ATOM   977  C  C     . ALA A 1 118 ? 4.28967   -8.75998  -3.70945  1.000 10.41000 ? 118 ALA A C     1 
ATOM   978  O  O     . ALA A 1 118 ? 5.25623   -8.70218  -2.94639  1.000 14.02000 ? 118 ALA A O     1 
ATOM   979  C  CB    . ALA A 1 118 ? 4.76459   -7.42673  -5.76177  1.000 11.82000 ? 118 ALA A CB    1 
ATOM   980  N  N     . ASN A 1 119 ? 3.02869   -8.75752  -3.26668  1.000 8.03000  ? 119 ASN A N     1 
ATOM   981  C  CA    . ASN A 1 119 ? 2.71755   -8.58779  -1.85368  1.000 6.58000  ? 119 ASN A CA    1 
ATOM   982  C  C     . ASN A 1 119 ? 2.80377   -9.87344  -1.04184  1.000 9.82000  ? 119 ASN A C     1 
ATOM   983  O  O     . ASN A 1 119 ? 2.65887   -9.81284  0.18662   1.000 9.63000  ? 119 ASN A O     1 
ATOM   984  C  CB    . ASN A 1 119 ? 1.30659   -8.00681  -1.69067  1.000 5.83000  ? 119 ASN A CB    1 
ATOM   985  C  CG    . ASN A 1 119 ? 1.19092   -6.58381  -2.19485  1.000 8.15000  ? 119 ASN A CG    1 
ATOM   986  O  OD1   . ASN A 1 119 ? 1.93751   -6.15981  -3.06900  1.000 9.54000  ? 119 ASN A OD1   1 
ATOM   987  N  ND2   . ASN A 1 119 ? 0.23305   -5.84288  -1.64961  1.000 6.62000  ? 119 ASN A ND2   1 
ATOM   988  N  N     . GLU A 1 120 ? 3.01011   -11.02672 -1.68378  1.000 10.68000 ? 120 GLU A N     1 
ATOM   989  C  CA    . GLU A 1 120 ? 2.92933   -12.30540 -0.97722  1.000 10.92000 ? 120 GLU A CA    1 
ATOM   990  C  C     . GLU A 1 120 ? 3.80040   -12.36573 0.27204   1.000 9.59000  ? 120 GLU A C     1 
ATOM   991  O  O     . GLU A 1 120 ? 3.26528   -12.66638 1.35097   1.000 12.47000 ? 120 GLU A O     1 
ATOM   992  C  CB    . GLU A 1 120 ? 3.26910   -13.43892 -1.95855  1.000 12.35000 ? 120 GLU A CB    1 
ATOM   993  C  CG    . GLU A 1 120 ? 2.25519   -13.62533 -3.07597  1.000 20.43000 ? 120 GLU A CG    1 
ATOM   994  C  CD    . GLU A 1 120 ? 1.23436   -14.70868 -2.76598  1.000 39.35000 ? 120 GLU A CD    1 
ATOM   995  O  OE1   . GLU A 1 120 ? 1.38537   -15.38087 -1.71798  1.000 43.86000 ? 120 GLU A OE1   1 
ATOM   996  O  OE2   . GLU A 1 120 ? 0.28461   -14.88478 -3.56764  1.000 32.18000 ? 120 GLU A OE2   1 
ATOM   997  N  N     . PRO A 1 121 ? 5.10197   -12.06077 0.22243   1.000 10.76000 ? 121 PRO A N     1 
ATOM   998  C  CA    . PRO A 1 121 ? 5.90946   -12.17399 1.45238   1.000 15.43000 ? 121 PRO A CA    1 
ATOM   999  C  C     . PRO A 1 121 ? 5.50916   -11.18467 2.52876   1.000 13.22000 ? 121 PRO A C     1 
ATOM   1000 O  O     . PRO A 1 121 ? 5.65228   -11.49260 3.72146   1.000 13.91000 ? 121 PRO A O     1 
ATOM   1001 C  CB    . PRO A 1 121 ? 7.34329   -11.92734 0.96436   1.000 16.08000 ? 121 PRO A CB    1 
ATOM   1002 C  CG    . PRO A 1 121 ? 7.20017   -11.21363 -0.32331  1.000 21.07000 ? 121 PRO A CG    1 
ATOM   1003 C  CD    . PRO A 1 121 ? 5.90637   -11.65650 -0.93942  1.000 11.21000 ? 121 PRO A CD    1 
ATOM   1004 N  N     . VAL A 1 122 ? 5.00087   -10.01187 2.13728   1.000 10.07000 ? 122 VAL A N     1 
ATOM   1005 C  CA    . VAL A 1 122 ? 4.56679   -9.00873  3.10276   1.000 8.88000  ? 122 VAL A CA    1 
ATOM   1006 C  C     . VAL A 1 122 ? 3.32276   -9.46880  3.84209   1.000 11.98000 ? 122 VAL A C     1 
ATOM   1007 O  O     . VAL A 1 122 ? 3.21518   -9.30849  5.06293   1.000 13.30000 ? 122 VAL A O     1 
ATOM   1008 C  CB    . VAL A 1 122 ? 4.32516   -7.67002  2.38474   1.000 11.24000 ? 122 VAL A CB    1 
ATOM   1009 C  CG1   . VAL A 1 122 ? 3.70064   -6.64536  3.33970   1.000 16.76000 ? 122 VAL A CG1   1 
ATOM   1010 C  CG2   . VAL A 1 122 ? 5.61797   -7.15785  1.80886   1.000 15.03000 ? 122 VAL A CG2   1 
ATOM   1011 N  N     . ILE A 1 123 ? 2.35194   -10.02704 3.11856   1.000 9.10000  ? 123 ILE A N     1 
ATOM   1012 C  CA    . ILE A 1 123 ? 1.13846   -10.48813 3.78145   1.000 12.19000 ? 123 ILE A CA    1 
ATOM   1013 C  C     . ILE A 1 123 ? 1.46416   -11.61946 4.74370   1.000 13.42000 ? 123 ILE A C     1 
ATOM   1014 O  O     . ILE A 1 123 ? 0.96276   -11.65536 5.87265   1.000 13.44000 ? 123 ILE A O     1 
ATOM   1015 C  CB    . ILE A 1 123 ? 0.08309   -10.88807 2.74068   1.000 11.12000 ? 123 ILE A CB    1 
ATOM   1016 C  CG1   . ILE A 1 123 ? -0.45915  -9.62099  2.07820   1.000 16.80000 ? 123 ILE A CG1   1 
ATOM   1017 C  CG2   . ILE A 1 123 ? -1.06376  -11.65369 3.38610   1.000 12.30000 ? 123 ILE A CG2   1 
ATOM   1018 C  CD1   . ILE A 1 123 ? -1.21553  -9.88783  0.83556   1.000 19.33000 ? 123 ILE A CD1   1 
ATOM   1019 N  N     . ALA A 1 124 ? 2.35863   -12.52421 4.33903   1.000 13.54000 ? 124 ALA A N     1 
ATOM   1020 C  CA    . ALA A 1 124 ? 2.78430   -13.58803 5.24267   1.000 14.72000 ? 124 ALA A CA    1 
ATOM   1021 C  C     . ALA A 1 124 ? 3.45499   -13.01812 6.48564   1.000 13.28000 ? 124 ALA A C     1 
ATOM   1022 O  O     . ALA A 1 124 ? 3.15798   -13.42579 7.61331   1.000 16.00000 ? 124 ALA A O     1 
ATOM   1023 C  CB    . ALA A 1 124 ? 3.72803   -14.54058 4.51036   1.000 15.55000 ? 124 ALA A CB    1 
ATOM   1024 N  N     . LYS A 1 125 ? 4.36385   -12.06364 6.29651   1.000 13.55000 ? 125 LYS A N     1 
ATOM   1025 C  CA    . LYS A 1 125 ? 5.08443   -11.49320 7.42966   1.000 15.52000 ? 125 LYS A CA    1 
ATOM   1026 C  C     . LYS A 1 125 ? 4.13584   -10.74073 8.35679   1.000 17.71000 ? 125 LYS A C     1 
ATOM   1027 O  O     . LYS A 1 125 ? 4.29587   -10.77764 9.58442   1.000 17.39000 ? 125 LYS A O     1 
ATOM   1028 C  CB    . LYS A 1 125 ? 6.20774   -10.58585 6.92289   1.000 17.28000 ? 125 LYS A CB    1 
ATOM   1029 C  CG    . LYS A 1 125 ? 6.99276   -9.88466  8.02163   1.000 29.36000 ? 125 LYS A CG    1 
ATOM   1030 C  CD    . LYS A 1 125 ? 8.06439   -8.96842  7.44998   1.000 33.73000 ? 125 LYS A CD    1 
ATOM   1031 C  CE    . LYS A 1 125 ? 8.70797   -8.12548  8.54485   1.000 33.31000 ? 125 LYS A CE    1 
ATOM   1032 N  NZ    . LYS A 1 125 ? 9.79695   -7.26769  8.01031   1.000 31.51000 ? 125 LYS A NZ    1 
ATOM   1033 N  N     . LEU A 1 126 ? 3.12483   -10.07092 7.79043   1.000 13.67000 ? 126 LEU A N     1 
ATOM   1034 C  CA    . LEU A 1 126 ? 2.14832   -9.36470  8.61362   1.000 16.79000 ? 126 LEU A CA    1 
ATOM   1035 C  C     . LEU A 1 126 ? 1.39719   -10.32286 9.52458   1.000 21.92000 ? 126 LEU A C     1 
ATOM   1036 O  O     . LEU A 1 126 ? 1.16893   -10.02356 10.70282  1.000 20.65000 ? 126 LEU A O     1 
ATOM   1037 C  CB    . LEU A 1 126 ? 1.15830   -8.60762  7.72845   1.000 18.05000 ? 126 LEU A CB    1 
ATOM   1038 C  CG    . LEU A 1 126 ? 1.53529   -7.21437  7.23729   1.000 22.15000 ? 126 LEU A CG    1 
ATOM   1039 C  CD1   . LEU A 1 126 ? 0.51016   -6.73345  6.22803   1.000 22.12000 ? 126 LEU A CD1   1 
ATOM   1040 C  CD2   . LEU A 1 126 ? 1.62720   -6.24779  8.41113   1.000 17.54000 ? 126 LEU A CD2   1 
ATOM   1041 N  N     . LYS A 1 127 ? 0.99715   -11.47708 8.99322   1.000 16.87000 ? 127 LYS A N     1 
ATOM   1042 C  CA    . LYS A 1 127 ? 0.25918   -12.44144 9.79889   1.000 21.76000 ? 127 LYS A CA    1 
ATOM   1043 C  C     . LYS A 1 127 ? 1.11409   -13.04171 10.90359  1.000 27.21000 ? 127 LYS A C     1 
ATOM   1044 O  O     . LYS A 1 127 ? 0.57002   -13.63494 11.84053  1.000 35.20000 ? 127 LYS A O     1 
ATOM   1045 C  CB    . LYS A 1 127 ? -0.28831  -13.54280 8.90118   1.000 21.73000 ? 127 LYS A CB    1 
ATOM   1046 C  CG    . LYS A 1 127 ? -1.36628  -13.07495 7.95811   1.000 16.52000 ? 127 LYS A CG    1 
ATOM   1047 C  CD    . LYS A 1 127 ? -1.86088  -14.26839 7.18852   1.000 23.64000 ? 127 LYS A CD    1 
ATOM   1048 C  CE    . LYS A 1 127 ? -2.99716  -13.92809 6.27178   1.000 26.28000 ? 127 LYS A CE    1 
ATOM   1049 N  NZ    . LYS A 1 127 ? -3.43534  -15.17037 5.57311   1.000 23.38000 ? 127 LYS A NZ    1 
ATOM   1050 N  N     . ARG A 1 128 ? 2.43574   -12.90240 10.80846  1.000 27.92000 ? 128 ARG A N     1 
ATOM   1051 C  CA    . ARG A 1 128 ? 3.36870   -13.39403 11.81256  1.000 34.26000 ? 128 ARG A CA    1 
ATOM   1052 C  C     . ARG A 1 128 ? 3.52102   -12.43869 12.99542  1.000 38.74000 ? 128 ARG A C     1 
ATOM   1053 O  O     . ARG A 1 128 ? 4.07459   -12.83418 14.02692  1.000 46.43000 ? 128 ARG A O     1 
ATOM   1054 C  CB    . ARG A 1 128 ? 4.72035   -13.65176 11.13067  1.000 29.93000 ? 128 ARG A CB    1 
ATOM   1055 C  CG    . ARG A 1 128 ? 5.83559   -14.17313 12.01189  1.000 49.05000 ? 128 ARG A CG    1 
ATOM   1056 C  CD    . ARG A 1 128 ? 7.17439   -14.05324 11.29880  1.000 55.93000 ? 128 ARG A CD    1 
ATOM   1057 N  NE    . ARG A 1 128 ? 8.29280   -13.99399 12.23739  1.000 58.59000 ? 128 ARG A NE    1 
ATOM   1058 C  CZ    . ARG A 1 128 ? 9.56768   -13.90235 11.87288  1.000 62.52000 ? 128 ARG A CZ    1 
ATOM   1059 N  NH1   . ARG A 1 128 ? 9.89011   -13.86356 10.58659  1.000 63.69000 ? 128 ARG A NH1   1 
ATOM   1060 N  NH2   . ARG A 1 128 ? 10.52115  -13.85396 12.79477  1.000 65.16000 ? 128 ARG A NH2   1 
ATOM   1061 N  N     . LEU A 1 129 ? 3.02637   -11.20765 12.88284  1.000 37.11000 ? 129 LEU A N     1 
ATOM   1062 C  CA    . LEU A 1 129 ? 3.12830   -10.22001 13.95934  1.000 41.40000 ? 129 LEU A CA    1 
ATOM   1063 C  C     . LEU A 1 129 ? 2.47076   -10.69945 15.25259  1.000 45.33000 ? 129 LEU A C     1 
ATOM   1064 O  O     . LEU A 1 129 ? 1.24580   -10.73375 15.36642  1.000 44.95000 ? 129 LEU A O     1 
ATOM   1065 C  CB    . LEU A 1 129 ? 2.50385   -8.89230  13.52076  1.000 37.74000 ? 129 LEU A CB    1 
ATOM   1066 C  CG    . LEU A 1 129 ? 3.26125   -8.12445  12.43418  1.000 36.48000 ? 129 LEU A CG    1 
ATOM   1067 C  CD1   . LEU A 1 129 ? 2.44125   -6.94821  11.93920  1.000 34.28000 ? 129 LEU A CD1   1 
ATOM   1068 C  CD2   . LEU A 1 129 ? 4.60838   -7.65396  12.95310  1.000 39.18000 ? 129 LEU A CD2   1 
HETATM 1069 C  C1    . GLC B 2 .   ? 11.64310  7.91477   11.86418  1.000 23.62000 ? 1   GLC C C1    1 
HETATM 1070 C  C2    . GLC B 2 .   ? 10.91868  9.04159   12.58769  1.000 20.54000 ? 1   GLC C C2    1 
HETATM 1071 C  C3    . GLC B 2 .   ? 9.41601   8.82716   12.47162  1.000 20.40000 ? 1   GLC C C3    1 
HETATM 1072 C  C4    . GLC B 2 .   ? 9.02699   8.80311   11.00057  1.000 16.68000 ? 1   GLC C C4    1 
HETATM 1073 C  C5    . GLC B 2 .   ? 9.82221   7.71230   10.28920  1.000 23.70000 ? 1   GLC C C5    1 
HETATM 1074 C  C6    . GLC B 2 .   ? 9.56656   7.78115   8.78776   1.000 19.28000 ? 1   GLC C C6    1 
HETATM 1075 O  O2    . GLC B 2 .   ? 11.29908  9.03033   13.94754  1.000 21.53000 ? 1   GLC C O2    1 
HETATM 1076 O  O3    . GLC B 2 .   ? 8.74164   9.86501   13.14809  1.000 20.87000 ? 1   GLC C O3    1 
HETATM 1077 O  O4    . GLC B 2 .   ? 7.63618   8.56258   10.85914  1.000 16.62000 ? 1   GLC C O4    1 
HETATM 1078 O  O5    . GLC B 2 .   ? 11.21818  7.86427   10.51080  1.000 22.53000 ? 1   GLC C O5    1 
HETATM 1079 O  O6    . GLC B 2 .   ? 9.89956   9.07303   8.31635   1.000 28.11000 ? 1   GLC C O6    1 
HETATM 1080 C  C1    . FRU B 2 .   ? 13.47172  6.45860   13.70150  1.000 26.90000 ? 2   FRU C C1    1 
HETATM 1081 C  C2    . FRU B 2 .   ? 12.41216  5.85124   12.78194  1.000 29.33000 ? 2   FRU C C2    1 
HETATM 1082 C  C3    . FRU B 2 .   ? 11.83660  4.55740   13.35050  1.000 29.71000 ? 2   FRU C C3    1 
HETATM 1083 C  C4    . FRU B 2 .   ? 11.38635  3.82093   12.10683  1.000 23.27000 ? 2   FRU C C4    1 
HETATM 1084 C  C5    . FRU B 2 .   ? 12.37480  4.31014   11.05031  1.000 21.56000 ? 2   FRU C C5    1 
HETATM 1085 C  C6    . FRU B 2 .   ? 11.74429  4.57621   9.68725   1.000 21.37000 ? 2   FRU C C6    1 
HETATM 1086 O  O1    . FRU B 2 .   ? 14.57148  5.57557   13.82668  1.000 24.14000 ? 2   FRU C O1    1 
HETATM 1087 O  O2    . FRU B 2 .   ? 11.32408  6.72831   12.55613  1.000 27.68000 ? 2   FRU C O2    1 
HETATM 1088 O  O3    . FRU B 2 .   ? 10.75605  4.78487   14.22977  1.000 29.32000 ? 2   FRU C O3    1 
HETATM 1089 O  O4    . FRU B 2 .   ? 11.49532  2.42745   12.30512  1.000 28.18000 ? 2   FRU C O4    1 
HETATM 1090 O  O5    . FRU B 2 .   ? 12.97972  5.50352   11.53377  1.000 27.55000 ? 2   FRU C O5    1 
HETATM 1091 O  O6    . FRU B 2 .   ? 12.80327  4.84470   8.78919   1.000 28.40000 ? 2   FRU C O6    1 
HETATM 1092 S  S     . SO4 C 3 .   ? 6.47003   11.83618  11.52424  0.760 20.07000 ? 201 SO4 A S     1 
HETATM 1093 O  O1    . SO4 C 3 .   ? 7.89813   12.09535  11.68389  0.760 22.43000 ? 201 SO4 A O1    1 
HETATM 1094 O  O2    . SO4 C 3 .   ? 5.77494   13.07964  11.18957  0.760 28.51000 ? 201 SO4 A O2    1 
HETATM 1095 O  O3    . SO4 C 3 .   ? 5.94741   11.35493  12.79140  0.760 17.55000 ? 201 SO4 A O3    1 
HETATM 1096 O  O4    . SO4 C 3 .   ? 6.28662   10.87849  10.43068  0.760 19.01000 ? 201 SO4 A O4    1 
HETATM 1097 P  PG    . 8DG D 4 .   ? -2.13580  7.02966   -10.32382 1.000 60.46000 ? 202 8DG A PG    1 
HETATM 1098 O  O1G   . 8DG D 4 .   ? -3.20799  6.86054   -9.27617  1.000 61.05000 ? 202 8DG A O1G   1 
HETATM 1099 O  O2G   . 8DG D 4 .   ? -2.54924  6.47237   -11.66751 1.000 60.77000 ? 202 8DG A O2G   1 
HETATM 1100 O  O3G   . 8DG D 4 .   ? -1.51747  8.40575   -10.41070 1.000 50.26000 ? 202 8DG A O3G   1 
HETATM 1101 O  O3B   . 8DG D 4 .   ? -0.90300  6.07515   -9.88827  1.000 18.02000 ? 202 8DG A O3B   1 
HETATM 1102 P  PB    . 8DG D 4 .   ? -0.24764  5.87857   -8.42168  1.000 15.25000 ? 202 8DG A PB    1 
HETATM 1103 O  O1B   . 8DG D 4 .   ? 0.99498   6.69992   -8.24394  1.000 12.39000 ? 202 8DG A O1B   1 
HETATM 1104 O  O2B   . 8DG D 4 .   ? -1.25242  5.80353   -7.29420  1.000 12.58000 ? 202 8DG A O2B   1 
HETATM 1105 O  O3A   . 8DG D 4 .   ? 0.49423   4.46873   -8.63131  1.000 9.84000  ? 202 8DG A O3A   1 
HETATM 1106 P  PA    . 8DG D 4 .   ? -0.16938  3.02563   -8.50064  1.000 10.13000 ? 202 8DG A PA    1 
HETATM 1107 O  O1A   . 8DG D 4 .   ? -0.74782  2.84532   -7.12105  1.000 10.20000 ? 202 8DG A O1A   1 
HETATM 1108 O  O2A   . 8DG D 4 .   ? -1.02129  2.73091   -9.69850  1.000 11.82000 ? 202 8DG A O2A   1 
HETATM 1109 O  "O5'" . 8DG D 4 .   ? 1.19887   2.19023   -8.61583  1.000 10.70000 ? 202 8DG A "O5'" 1 
HETATM 1110 C  "C5'" . 8DG D 4 .   ? 1.36242   1.02727   -7.83133  1.000 7.81000  ? 202 8DG A "C5'" 1 
HETATM 1111 C  "C4'" . 8DG D 4 .   ? 2.14329   0.00206   -8.64182  1.000 7.06000  ? 202 8DG A "C4'" 1 
HETATM 1112 O  "O4'" . 8DG D 4 .   ? 2.65693   -0.94456  -7.73401  1.000 6.67000  ? 202 8DG A "O4'" 1 
HETATM 1113 C  "C3'" . 8DG D 4 .   ? 1.23735   -0.77739  -9.57445  1.000 8.18000  ? 202 8DG A "C3'" 1 
HETATM 1114 O  "O3'" . 8DG D 4 .   ? 2.04547   -1.32951  -10.62037 1.000 9.16000  ? 202 8DG A "O3'" 1 
HETATM 1115 C  "C2'" . 8DG D 4 .   ? 0.73966   -1.90828  -8.70142  1.000 7.78000  ? 202 8DG A "C2'" 1 
HETATM 1116 C  "C1'" . 8DG D 4 .   ? 1.97243   -2.18131  -7.84739  1.000 7.93000  ? 202 8DG A "C1'" 1 
HETATM 1117 N  N9    . 8DG D 4 .   ? 1.57130   -2.68114  -6.52099  1.000 6.59000  ? 202 8DG A N9    1 
HETATM 1118 C  C8    . 8DG D 4 .   ? 1.82303   -3.87742  -5.99630  1.000 7.14000  ? 202 8DG A C8    1 
HETATM 1119 N  N7    . 8DG D 4 .   ? 1.35769   -4.06765  -4.75483  1.000 7.74000  ? 202 8DG A N7    1 
HETATM 1120 C  C5    . 8DG D 4 .   ? 0.77132   -2.87380  -4.48004  1.000 7.06000  ? 202 8DG A C5    1 
HETATM 1121 C  C6    . 8DG D 4 .   ? 0.05692   -2.35142  -3.30082  1.000 6.60000  ? 202 8DG A C6    1 
HETATM 1122 O  O6    . 8DG D 4 .   ? -0.14062  -3.05871  -2.29107  1.000 7.42000  ? 202 8DG A O6    1 
HETATM 1123 N  N1    . 8DG D 4 .   ? -0.39320  -1.08278  -3.36678  1.000 4.78000  ? 202 8DG A N1    1 
HETATM 1124 C  C2    . 8DG D 4 .   ? -0.21456  -0.30613  -4.45370  1.000 4.91000  ? 202 8DG A C2    1 
HETATM 1125 N  N2    . 8DG D 4 .   ? -0.67726  0.96492   -4.45345  1.000 6.41000  ? 202 8DG A N2    1 
HETATM 1126 N  N3    . 8DG D 4 .   ? 0.43219   -0.75374  -5.54616  1.000 6.47000  ? 202 8DG A N3    1 
HETATM 1127 C  C4    . 8DG D 4 .   ? 0.92038   -2.01688  -5.57000  1.000 5.74000  ? 202 8DG A C4    1 
HETATM 1128 O  O8    . 8DG D 4 .   ? 2.45693   -4.78571  -6.64738  1.000 7.06000  ? 202 8DG A O8    1 
HETATM 1129 MN MN    . MN  E 5 .   ? -2.01244  4.23144   -6.04929  1.000 10.49000 ? 203 MN  A MN    1 
HETATM 1130 MN MN    A MN  F 5 .   ? 0.69885   9.01172   -7.68616  0.600 14.48000 ? 204 MN  A MN    1 
HETATM 1131 NA NA    B NA  G 6 .   ? 0.73432   8.93901   -7.76395  0.400 13.68000 ? 205 NA  A NA    1 
HETATM 1132 MN MN    A MN  H 5 .   ? -2.11813  7.51586   -6.04099  0.600 14.78000 ? 206 MN  A MN    1 
HETATM 1133 O  O     . HOH I 7 .   ? -4.17024  7.35704   -7.12766  1.000 14.76000 ? 301 HOH A O     1 
HETATM 1134 O  O     . HOH I 7 .   ? 0.33961   9.82320   -9.81018  0.600 20.24000 ? 302 HOH A O     1 
HETATM 1135 O  O     . HOH I 7 .   ? 2.90382   9.70614   -7.83456  1.000 13.35000 ? 303 HOH A O     1 
HETATM 1136 O  O     A HOH I 7 .   ? -1.54731  8.64655   -7.95941  0.600 16.16000 ? 304 HOH A O     1 
HETATM 1137 O  O     B HOH I 7 .   ? -1.55064  7.90129   -6.49972  0.400 17.15000 ? 304 HOH A O     1 
HETATM 1138 O  O     . HOH I 7 .   ? -5.94663  12.32741  -6.33285  1.000 27.67000 ? 305 HOH A O     1 
HETATM 1139 O  O     . HOH I 7 .   ? -17.74683 -4.46080  3.80524   1.000 33.12000 ? 306 HOH A O     1 
HETATM 1140 O  O     . HOH I 7 .   ? -4.58608  -17.77447 0.18573   1.000 29.23000 ? 307 HOH A O     1 
HETATM 1141 O  O     . HOH I 7 .   ? 6.04045   15.00083  -5.10850  1.000 21.30000 ? 308 HOH A O     1 
HETATM 1142 O  O     . HOH I 7 .   ? 6.54239   11.68252  15.25896  1.000 17.80000 ? 309 HOH A O     1 
HETATM 1143 O  O     . HOH I 7 .   ? 4.14762   12.36161  8.59892   1.000 21.20000 ? 310 HOH A O     1 
HETATM 1144 O  O     . HOH I 7 .   ? 2.55328   -6.26691  -15.81775 1.000 14.25000 ? 311 HOH A O     1 
HETATM 1145 O  O     . HOH I 7 .   ? 2.72156   4.92315   12.27087  1.000 15.44000 ? 312 HOH A O     1 
HETATM 1146 O  O     . HOH I 7 .   ? -3.25712  3.79770   -10.48308 1.000 30.56000 ? 313 HOH A O     1 
HETATM 1147 O  O     . HOH I 7 .   ? -3.15109  9.52497   -5.56519  1.000 20.36000 ? 314 HOH A O     1 
HETATM 1148 O  O     . HOH I 7 .   ? -14.40322 -4.88017  13.69740  1.000 28.67000 ? 315 HOH A O     1 
HETATM 1149 O  O     . HOH I 7 .   ? 8.58542   12.22757  -11.09781 1.000 30.88000 ? 316 HOH A O     1 
HETATM 1150 O  O     . HOH I 7 .   ? -6.08028  3.69930   -2.25104  1.000 11.79000 ? 317 HOH A O     1 
HETATM 1151 O  O     . HOH I 7 .   ? 12.70345  15.49197  -0.77613  1.000 12.63000 ? 318 HOH A O     1 
HETATM 1152 O  O     . HOH I 7 .   ? -16.25875 1.60350   2.63136   1.000 15.87000 ? 319 HOH A O     1 
HETATM 1153 O  O     . HOH I 7 .   ? 17.40459  2.48184   -1.33081  1.000 11.49000 ? 320 HOH A O     1 
HETATM 1154 O  O     . HOH I 7 .   ? 1.82699   -14.90723 1.33005   1.000 23.42000 ? 321 HOH A O     1 
HETATM 1155 O  O     . HOH I 7 .   ? -3.03164  1.48282   15.28079  1.000 18.39000 ? 322 HOH A O     1 
HETATM 1156 O  O     . HOH I 7 .   ? 7.97251   -2.07802  10.65476  1.000 22.48000 ? 323 HOH A O     1 
HETATM 1157 O  O     . HOH I 7 .   ? 6.84495   3.43088   14.52337  1.000 29.47000 ? 324 HOH A O     1 
HETATM 1158 O  O     . HOH I 7 .   ? -11.30044 -10.10070 -3.22964  1.000 31.37000 ? 325 HOH A O     1 
HETATM 1159 O  O     . HOH I 7 .   ? 2.35207   15.83602  1.55921   1.000 16.19000 ? 326 HOH A O     1 
HETATM 1160 O  O     . HOH I 7 .   ? 8.98609   -9.34085  -17.11070 1.000 17.86000 ? 327 HOH A O     1 
HETATM 1161 O  O     . HOH I 7 .   ? -3.01627  2.75758   -4.76188  1.000 9.44000  ? 328 HOH A O     1 
HETATM 1162 O  O     . HOH I 7 .   ? -12.16398 4.47482   8.19773   1.000 7.73000  ? 329 HOH A O     1 
HETATM 1163 O  O     . HOH I 7 .   ? -13.22209 3.61453   11.81216  1.000 18.21000 ? 330 HOH A O     1 
HETATM 1164 O  O     . HOH I 7 .   ? 3.98862   2.14577   12.61775  1.000 23.40000 ? 331 HOH A O     1 
HETATM 1165 O  O     . HOH I 7 .   ? 8.78216   15.42087  -9.46920  1.000 27.33000 ? 332 HOH A O     1 
HETATM 1166 O  O     . HOH I 7 .   ? 13.46047  6.92854   7.65157   1.000 15.72000 ? 333 HOH A O     1 
HETATM 1167 O  O     . HOH I 7 .   ? 7.81570   -13.08629 4.19460   1.000 28.06000 ? 334 HOH A O     1 
HETATM 1168 O  O     . HOH I 7 .   ? -5.91289  2.70994   -6.41390  1.000 17.23000 ? 335 HOH A O     1 
HETATM 1169 O  O     . HOH I 7 .   ? -11.76993 -10.87763 7.63599   1.000 12.87000 ? 336 HOH A O     1 
HETATM 1170 O  O     . HOH I 7 .   ? -11.62636 -7.88162  13.09881  1.000 21.54000 ? 337 HOH A O     1 
HETATM 1171 O  O     . HOH I 7 .   ? -0.08115  11.16682  -7.26840  1.000 14.04000 ? 338 HOH A O     1 
HETATM 1172 O  O     . HOH I 7 .   ? 12.00236  18.41671  -4.35231  1.000 14.72000 ? 339 HOH A O     1 
HETATM 1173 O  O     . HOH I 7 .   ? -7.22620  13.02437  -3.85888  1.000 13.06000 ? 340 HOH A O     1 
HETATM 1174 O  O     . HOH I 7 .   ? 0.05510   -11.22182 -2.73604  1.000 12.43000 ? 341 HOH A O     1 
HETATM 1175 O  O     . HOH I 7 .   ? -3.15731  -0.53124  4.37994   1.000 6.62000  ? 342 HOH A O     1 
HETATM 1176 O  O     . HOH I 7 .   ? -7.31513  5.26552   -5.75765  1.000 22.34000 ? 343 HOH A O     1 
HETATM 1177 O  O     . HOH I 7 .   ? -5.26742  -8.02180  -12.22668 1.000 22.18000 ? 344 HOH A O     1 
HETATM 1178 O  O     . HOH I 7 .   ? -6.65209  9.26326   13.42971  1.000 25.43000 ? 345 HOH A O     1 
HETATM 1179 O  O     . HOH I 7 .   ? 15.22338  1.57402   -4.31409  1.000 21.05000 ? 346 HOH A O     1 
HETATM 1180 O  O     . HOH I 7 .   ? -7.88602  -10.68864 1.34715   1.000 13.61000 ? 347 HOH A O     1 
HETATM 1181 O  O     . HOH I 7 .   ? 8.14469   11.05611  8.33037   1.000 24.93000 ? 348 HOH A O     1 
HETATM 1182 O  O     . HOH I 7 .   ? 4.78894   14.39955  1.45625   1.000 12.81000 ? 349 HOH A O     1 
HETATM 1183 O  O     . HOH I 7 .   ? 7.44389   -7.29079  -21.58094 1.000 16.58000 ? 350 HOH A O     1 
HETATM 1184 O  O     . HOH I 7 .   ? 13.35332  -7.94106  0.70608   1.000 30.81000 ? 351 HOH A O     1 
HETATM 1185 O  O     . HOH I 7 .   ? -4.49706  14.21156  6.00185   1.000 25.74000 ? 352 HOH A O     1 
HETATM 1186 O  O     . HOH I 7 .   ? -1.25827  -12.85407 -5.72965  1.000 23.00000 ? 353 HOH A O     1 
HETATM 1187 O  O     . HOH I 7 .   ? -7.82853  -18.02188 -2.78892  1.000 38.76000 ? 354 HOH A O     1 
HETATM 1188 O  O     . HOH I 7 .   ? 6.03851   15.18096  -1.29972  1.000 15.70000 ? 355 HOH A O     1 
HETATM 1189 O  O     . HOH I 7 .   ? 8.53036   -12.26142 -11.40905 1.000 26.55000 ? 356 HOH A O     1 
HETATM 1190 O  O     . HOH I 7 .   ? 2.56376   0.76473   -12.46474 1.000 16.61000 ? 357 HOH A O     1 
HETATM 1191 O  O     . HOH I 7 .   ? 14.55776  10.31930  3.83778   1.000 15.75000 ? 358 HOH A O     1 
HETATM 1192 O  O     . HOH I 7 .   ? -6.73781  -10.07794 12.56719  1.000 20.20000 ? 359 HOH A O     1 
HETATM 1193 O  O     . HOH I 7 .   ? 8.52300   15.92116  -5.65494  1.000 21.37000 ? 360 HOH A O     1 
HETATM 1194 O  O     . HOH I 7 .   ? 0.16253   2.06642   -12.20876 1.000 23.72000 ? 361 HOH A O     1 
HETATM 1195 O  O     . HOH I 7 .   ? 7.46789   -10.30518 -3.78124  1.000 15.57000 ? 362 HOH A O     1 
HETATM 1196 O  O     . HOH I 7 .   ? 6.17657   -11.52482 -14.28181 1.000 25.07000 ? 363 HOH A O     1 
HETATM 1197 O  O     . HOH I 7 .   ? 3.64048   -11.75058 -12.24060 1.000 27.97000 ? 364 HOH A O     1 
HETATM 1198 O  O     . HOH I 7 .   ? -8.83727  -9.50617  -5.45837  1.000 21.93000 ? 365 HOH A O     1 
HETATM 1199 O  O     . HOH I 7 .   ? 10.26345  -10.79992 -9.56447  1.000 18.04000 ? 366 HOH A O     1 
HETATM 1200 O  O     . HOH I 7 .   ? -9.71041  -9.95351  6.01799   1.000 10.42000 ? 367 HOH A O     1 
HETATM 1201 O  O     . HOH I 7 .   ? 5.26347   -14.62585 -8.45244  1.000 36.41000 ? 368 HOH A O     1 
HETATM 1202 O  O     . HOH I 7 .   ? 0.27667   -4.32737  -19.81774 1.000 30.00000 ? 369 HOH A O     1 
HETATM 1203 O  O     . HOH I 7 .   ? 12.25075  -0.50074  -9.62958  1.000 20.84000 ? 370 HOH A O     1 
HETATM 1204 O  O     . HOH I 7 .   ? -7.16588  2.32295   15.84467  1.000 27.61000 ? 371 HOH A O     1 
HETATM 1205 O  O     . HOH I 7 .   ? 8.48891   5.19124   13.61735  1.000 31.48000 ? 372 HOH A O     1 
HETATM 1206 O  O     . HOH I 7 .   ? -2.17781  1.61665   -13.34441 1.000 20.04000 ? 373 HOH A O     1 
HETATM 1207 O  O     . HOH I 7 .   ? 9.95333   -10.08809 -4.24419  1.000 23.76000 ? 374 HOH A O     1 
HETATM 1208 O  O     . HOH I 7 .   ? 9.52052   6.00655   -9.23046  1.000 27.22000 ? 375 HOH A O     1 
HETATM 1209 O  O     . HOH I 7 .   ? -9.86542  -5.78337  -16.15850 1.000 17.41000 ? 376 HOH A O     1 
HETATM 1210 O  O     . HOH I 7 .   ? -9.01657  -8.53156  13.59020  1.000 25.57000 ? 377 HOH A O     1 
HETATM 1211 O  O     . HOH I 7 .   ? -12.99223 -4.51683  -2.09547  1.000 19.44000 ? 378 HOH A O     1 
HETATM 1212 O  O     . HOH I 7 .   ? 6.66706   -10.74680 11.30664  1.000 34.61000 ? 379 HOH A O     1 
HETATM 1213 O  O     . HOH I 7 .   ? -7.00412  -15.94840 3.82147   1.000 22.68000 ? 380 HOH A O     1 
HETATM 1214 O  O     . HOH I 7 .   ? -6.89078  2.05937   -8.96666  1.000 22.20000 ? 381 HOH A O     1 
HETATM 1215 O  O     . HOH I 7 .   ? -12.83278 0.67506   -12.10798 1.000 22.23000 ? 382 HOH A O     1 
HETATM 1216 O  O     . HOH I 7 .   ? -16.22513 3.12298   -4.46790  1.000 20.49000 ? 383 HOH A O     1 
HETATM 1217 O  O     . HOH I 7 .   ? -2.67285  -15.36109 2.49446   1.000 18.11000 ? 384 HOH A O     1 
HETATM 1218 O  O     . HOH I 7 .   ? -14.83931 3.41114   -0.28016  1.000 16.87000 ? 385 HOH A O     1 
HETATM 1219 O  O     . HOH I 7 .   ? 11.64712  9.05284   -7.90779  1.000 27.05000 ? 386 HOH A O     1 
HETATM 1220 O  O     . HOH I 7 .   ? 13.44281  -5.18920  3.80261   1.000 34.53000 ? 387 HOH A O     1 
HETATM 1221 O  O     . HOH I 7 .   ? -10.04740 13.65484  3.65228   1.000 21.91000 ? 388 HOH A O     1 
HETATM 1222 O  O     . HOH I 7 .   ? -3.75143  7.34900   15.06278  1.000 28.39000 ? 389 HOH A O     1 
HETATM 1223 O  O     . HOH I 7 .   ? 14.95375  12.41275  -6.82686  1.000 16.26000 ? 390 HOH A O     1 
HETATM 1224 O  O     . HOH I 7 .   ? 13.35564  -8.28200  -3.47118  1.000 21.67000 ? 391 HOH A O     1 
HETATM 1225 O  O     . HOH I 7 .   ? 2.48315   15.63098  -6.66366  1.000 34.74000 ? 392 HOH A O     1 
HETATM 1226 O  O     . HOH I 7 .   ? -2.04022  -5.92331  -14.88823 1.000 18.92000 ? 393 HOH A O     1 
HETATM 1227 O  O     . HOH I 7 .   ? -12.03471 -0.49406  -7.90113  1.000 15.07000 ? 394 HOH A O     1 
HETATM 1228 O  O     . HOH I 7 .   ? -14.45968 10.75673  -3.58786  1.000 25.69000 ? 395 HOH A O     1 
HETATM 1229 O  O     . HOH I 7 .   ? -11.64321 -2.54849  -0.59807  1.000 16.56000 ? 396 HOH A O     1 
HETATM 1230 O  O     . HOH I 7 .   ? 6.31688   -12.71497 -4.47062  1.000 28.45000 ? 397 HOH A O     1 
HETATM 1231 O  O     . HOH I 7 .   ? -9.14736  5.94107   11.79377  1.000 23.83000 ? 398 HOH A O     1 
HETATM 1232 O  O     . HOH I 7 .   ? -9.87021  13.20498  -4.61767  1.000 32.59000 ? 399 HOH A O     1 
HETATM 1233 O  O     . HOH I 7 .   ? 2.46909   5.51594   17.72552  1.000 37.63000 ? 400 HOH A O     1 
HETATM 1234 O  O     . HOH I 7 .   ? -6.77955  14.17663  7.50490   1.000 29.85000 ? 401 HOH A O     1 
HETATM 1235 O  O     . HOH I 7 .   ? -3.74838  3.98097   -7.41782  1.000 10.47000 ? 402 HOH A O     1 
HETATM 1236 O  O     . HOH I 7 .   ? 11.85230  0.56161   10.16368  1.000 28.77000 ? 403 HOH A O     1 
HETATM 1237 O  O     . HOH I 7 .   ? 10.94267  -2.16668  10.99934  1.000 35.88000 ? 404 HOH A O     1 
HETATM 1238 O  O     . HOH I 7 .   ? 13.40370  -9.76136  -6.35198  1.000 38.58000 ? 405 HOH A O     1 
HETATM 1239 O  O     . HOH I 7 .   ? 7.55642   11.91353  5.65406   1.000 18.60000 ? 406 HOH A O     1 
HETATM 1240 O  O     . HOH I 7 .   ? 10.16813  17.64370  -1.54235  1.000 21.44000 ? 407 HOH A O     1 
HETATM 1241 O  O     . HOH I 7 .   ? -7.13649  12.54000  13.98318  1.000 37.02000 ? 408 HOH A O     1 
HETATM 1242 O  O     . HOH I 7 .   ? -11.62117 -13.75605 4.81906   1.000 30.08000 ? 409 HOH A O     1 
HETATM 1243 O  O     . HOH I 7 .   ? -15.24416 -1.50697  0.04514   1.000 31.95000 ? 410 HOH A O     1 
HETATM 1244 O  O     . HOH I 7 .   ? -14.53469 10.61233  -6.16382  1.000 28.44000 ? 411 HOH A O     1 
HETATM 1245 O  O     . HOH I 7 .   ? -9.84891  -10.11146 3.19396   1.000 25.67000 ? 412 HOH A O     1 
HETATM 1246 O  O     . HOH I 7 .   ? 7.89922   16.89841  -0.58628  1.000 25.89000 ? 413 HOH A O     1 
HETATM 1247 O  O     . HOH I 7 .   ? -16.65029 4.41174   -1.96514  1.000 27.10000 ? 414 HOH A O     1 
HETATM 1248 O  O     . HOH I 7 .   ? -7.37935  -10.09373 -12.16115 1.000 27.72000 ? 415 HOH A O     1 
HETATM 1249 O  O     . HOH I 7 .   ? 7.47372   -11.80530 -16.69647 1.000 24.49000 ? 416 HOH A O     1 
HETATM 1250 O  O     . HOH I 7 .   ? 0.17312   -7.50564  -16.23815 1.000 20.42000 ? 417 HOH A O     1 
HETATM 1251 O  O     . HOH I 7 .   ? -10.25382 3.54634   -8.62696  1.000 28.86000 ? 418 HOH A O     1 
HETATM 1252 O  O     . HOH I 7 .   ? 9.82557   -12.14655 -6.78959  1.000 36.80000 ? 419 HOH A O     1 
HETATM 1253 O  O     . HOH I 7 .   ? -1.92881  -3.75358  -17.09670 1.000 30.17000 ? 420 HOH A O     1 
HETATM 1254 O  O     . HOH I 7 .   ? 9.98406   13.00687  5.67773   1.000 27.18000 ? 421 HOH A O     1 
HETATM 1255 O  O     . HOH I 7 .   ? -5.78000  3.53467   -10.79951 1.000 24.94000 ? 422 HOH A O     1 
HETATM 1256 O  O     . HOH I 7 .   ? 4.76878   17.03694  -3.82134  1.000 21.32000 ? 423 HOH A O     1 
HETATM 1257 O  O     . HOH I 7 .   ? -3.57290  -10.02086 -12.09914 1.000 30.90000 ? 424 HOH A O     1 
HETATM 1258 O  O     . HOH I 7 .   ? 5.94595   14.67652  4.38659   1.000 29.53000 ? 425 HOH A O     1 
HETATM 1259 O  O     . HOH I 7 .   ? 14.09245  0.76772   9.44711   1.000 34.48000 ? 426 HOH A O     1 
HETATM 1260 O  O     . HOH I 7 .   ? 2.13594   17.20449  -3.10422  1.000 17.19000 ? 427 HOH A O     1 
HETATM 1261 O  O     . HOH I 7 .   ? 15.05765  -1.09997  8.06803   1.000 33.00000 ? 428 HOH A O     1 
HETATM 1262 O  O     . HOH I 7 .   ? 7.41549   -4.05489  12.57497  1.000 40.49000 ? 429 HOH A O     1 
HETATM 1263 O  O     . HOH I 7 .   ? 1.44922   -10.44351 -12.55326 1.000 27.60000 ? 430 HOH A O     1 
HETATM 1264 O  O     . HOH I 7 .   ? -0.88576  -11.35056 -11.16212 1.000 26.38000 ? 431 HOH A O     1 
# 
loop_
_pdbx_poly_seq_scheme.asym_id 
_pdbx_poly_seq_scheme.entity_id 
_pdbx_poly_seq_scheme.seq_id 
_pdbx_poly_seq_scheme.mon_id 
_pdbx_poly_seq_scheme.ndb_seq_num 
_pdbx_poly_seq_scheme.pdb_seq_num 
_pdbx_poly_seq_scheme.auth_seq_num 
_pdbx_poly_seq_scheme.pdb_mon_id 
_pdbx_poly_seq_scheme.auth_mon_id 
_pdbx_poly_seq_scheme.pdb_strand_id 
_pdbx_poly_seq_scheme.pdb_ins_code 
_pdbx_poly_seq_scheme.hetero 
A 1 1   MET 1   1   1   MET MET A . n 
A 1 2   LYS 2   2   2   LYS LYS A . n 
A 1 3   LYS 3   3   3   LYS LYS A . n 
A 1 4   LEU 4   4   4   LEU LEU A . n 
A 1 5   GLN 5   5   5   GLN GLN A . n 
A 1 6   ILE 6   6   6   ILE ILE A . n 
A 1 7   ALA 7   7   7   ALA ALA A . n 
A 1 8   VAL 8   8   8   VAL VAL A . n 
A 1 9   GLY 9   9   9   GLY GLY A . n 
A 1 10  ILE 10  10  10  ILE ILE A . n 
A 1 11  ILE 11  11  11  ILE ILE A . n 
A 1 12  ARG 12  12  12  ARG ARG A . n 
A 1 13  ASN 13  13  13  ASN ASN A . n 
A 1 14  GLU 14  14  14  GLU GLU A . n 
A 1 15  ASN 15  15  15  ASN ASN A . n 
A 1 16  ASN 16  16  16  ASN ASN A . n 
A 1 17  GLU 17  17  17  GLU GLU A . n 
A 1 18  ILE 18  18  18  ILE ILE A . n 
A 1 19  PHE 19  19  19  PHE PHE A . n 
A 1 20  ILE 20  20  20  ILE ILE A . n 
A 1 21  THR 21  21  21  THR THR A . n 
A 1 22  ARG 22  22  22  ARG ARG A . n 
A 1 23  ARG 23  23  23  ARG ARG A . n 
A 1 24  ALA 24  24  24  ALA ALA A . n 
A 1 25  ALA 25  25  25  ALA ALA A . n 
A 1 26  ASP 26  26  26  ASP ASP A . n 
A 1 27  ALA 27  27  27  ALA ALA A . n 
A 1 28  HIS 28  28  28  HIS HIS A . n 
A 1 29  MET 29  29  29  MET MET A . n 
A 1 30  ALA 30  30  30  ALA ALA A . n 
A 1 31  ASN 31  31  31  ASN ASN A . n 
A 1 32  LYS 32  32  32  LYS LYS A . n 
A 1 33  LEU 33  33  33  LEU LEU A . n 
A 1 34  GLU 34  34  34  GLU GLU A . n 
A 1 35  PHE 35  35  35  PHE PHE A . n 
A 1 36  PRO 36  36  36  PRO PRO A . n 
A 1 37  GLY 37  37  37  GLY GLY A . n 
A 1 38  GLY 38  38  38  GLY GLY A . n 
A 1 39  LYS 39  39  39  LYS LYS A . n 
A 1 40  ILE 40  40  40  ILE ILE A . n 
A 1 41  GLU 41  41  41  GLU GLU A . n 
A 1 42  MET 42  42  42  MET MET A . n 
A 1 43  GLY 43  43  43  GLY GLY A . n 
A 1 44  GLU 44  44  44  GLU GLU A . n 
A 1 45  THR 45  45  45  THR THR A . n 
A 1 46  PRO 46  46  46  PRO PRO A . n 
A 1 47  GLU 47  47  47  GLU GLU A . n 
A 1 48  GLN 48  48  48  GLN GLN A . n 
A 1 49  ALA 49  49  49  ALA ALA A . n 
A 1 50  VAL 50  50  50  VAL VAL A . n 
A 1 51  VAL 51  51  51  VAL VAL A . n 
A 1 52  ARG 52  52  52  ARG ARG A . n 
A 1 53  GLU 53  53  53  GLU GLU A . n 
A 1 54  LEU 54  54  54  LEU LEU A . n 
A 1 55  GLN 55  55  55  GLN GLN A . n 
A 1 56  GLU 56  56  56  GLU GLU A . n 
A 1 57  GLU 57  57  57  GLU GLU A . n 
A 1 58  VAL 58  58  58  VAL VAL A . n 
A 1 59  GLY 59  59  59  GLY GLY A . n 
A 1 60  ILE 60  60  60  ILE ILE A . n 
A 1 61  THR 61  61  61  THR THR A . n 
A 1 62  PRO 62  62  62  PRO PRO A . n 
A 1 63  GLN 63  63  63  GLN GLN A . n 
A 1 64  HIS 64  64  64  HIS HIS A . n 
A 1 65  PHE 65  65  65  PHE PHE A . n 
A 1 66  SER 66  66  66  SER SER A . n 
A 1 67  LEU 67  67  67  LEU LEU A . n 
A 1 68  PHE 68  68  68  PHE PHE A . n 
A 1 69  GLU 69  69  69  GLU GLU A . n 
A 1 70  LYS 70  70  70  LYS LYS A . n 
A 1 71  LEU 71  71  71  LEU LEU A . n 
A 1 72  GLU 72  72  72  GLU GLU A . n 
A 1 73  TYR 73  73  73  TYR TYR A . n 
A 1 74  GLU 74  74  74  GLU GLU A . n 
A 1 75  PHE 75  75  75  PHE PHE A . n 
A 1 76  PRO 76  76  76  PRO PRO A . n 
A 1 77  ASP 77  77  77  ASP ASP A . n 
A 1 78  ARG 78  78  78  ARG ARG A . n 
A 1 79  HIS 79  79  79  HIS HIS A . n 
A 1 80  ILE 80  80  80  ILE ILE A . n 
A 1 81  THR 81  81  81  THR THR A . n 
A 1 82  LEU 82  82  82  LEU LEU A . n 
A 1 83  TRP 83  83  83  TRP TRP A . n 
A 1 84  PHE 84  84  84  PHE PHE A . n 
A 1 85  TRP 85  85  85  TRP TRP A . n 
A 1 86  LEU 86  86  86  LEU LEU A . n 
A 1 87  VAL 87  87  87  VAL VAL A . n 
A 1 88  GLU 88  88  88  GLU GLU A . n 
A 1 89  ARG 89  89  89  ARG ARG A . n 
A 1 90  TRP 90  90  90  TRP TRP A . n 
A 1 91  GLU 91  91  91  GLU GLU A . n 
A 1 92  GLY 92  92  92  GLY GLY A . n 
A 1 93  GLU 93  93  93  GLU GLU A . n 
A 1 94  PRO 94  94  94  PRO PRO A . n 
A 1 95  TRP 95  95  95  TRP TRP A . n 
A 1 96  GLY 96  96  96  GLY GLY A . n 
A 1 97  LYS 97  97  97  LYS LYS A . n 
A 1 98  GLU 98  98  98  GLU GLU A . n 
A 1 99  GLY 99  99  99  GLY GLY A . n 
A 1 100 GLN 100 100 100 GLN GLN A . n 
A 1 101 PRO 101 101 101 PRO PRO A . n 
A 1 102 GLY 102 102 102 GLY GLY A . n 
A 1 103 GLU 103 103 103 GLU GLU A . n 
A 1 104 TRP 104 104 104 TRP TRP A . n 
A 1 105 MET 105 105 105 MET MET A . n 
A 1 106 SER 106 106 106 SER SER A . n 
A 1 107 LEU 107 107 107 LEU LEU A . n 
A 1 108 VAL 108 108 108 VAL VAL A . n 
A 1 109 GLY 109 109 109 GLY GLY A . n 
A 1 110 LEU 110 110 110 LEU LEU A . n 
A 1 111 ASN 111 111 111 ASN ASN A . n 
A 1 112 ALA 112 112 112 ALA ALA A . n 
A 1 113 ASP 113 113 113 ASP ASP A . n 
A 1 114 ASP 114 114 114 ASP ASP A . n 
A 1 115 PHE 115 115 115 PHE PHE A . n 
A 1 116 PRO 116 116 116 PRO PRO A . n 
A 1 117 PRO 117 117 117 PRO PRO A . n 
A 1 118 ALA 118 118 118 ALA ALA A . n 
A 1 119 ASN 119 119 119 ASN ASN A . n 
A 1 120 GLU 120 120 120 GLU GLU A . n 
A 1 121 PRO 121 121 121 PRO PRO A . n 
A 1 122 VAL 122 122 122 VAL VAL A . n 
A 1 123 ILE 123 123 123 ILE ILE A . n 
A 1 124 ALA 124 124 124 ALA ALA A . n 
A 1 125 LYS 125 125 125 LYS LYS A . n 
A 1 126 LEU 126 126 126 LEU LEU A . n 
A 1 127 LYS 127 127 127 LYS LYS A . n 
A 1 128 ARG 128 128 128 ARG ARG A . n 
A 1 129 LEU 129 129 129 LEU LEU A . n 
# 
_pdbx_contact_author.id                 2 
_pdbx_contact_author.email              tnaka@gpo.kumamoto-u.ac.jp 
_pdbx_contact_author.name_first         Teruya 
_pdbx_contact_author.name_last          Nakamura 
_pdbx_contact_author.name_mi            ? 
_pdbx_contact_author.role               'principal investigator/group leader' 
_pdbx_contact_author.identifier_ORCID   0000-0003-2013-3057 
# 
loop_
_pdbx_nonpoly_scheme.asym_id 
_pdbx_nonpoly_scheme.entity_id 
_pdbx_nonpoly_scheme.mon_id 
_pdbx_nonpoly_scheme.ndb_seq_num 
_pdbx_nonpoly_scheme.pdb_seq_num 
_pdbx_nonpoly_scheme.auth_seq_num 
_pdbx_nonpoly_scheme.pdb_mon_id 
_pdbx_nonpoly_scheme.auth_mon_id 
_pdbx_nonpoly_scheme.pdb_strand_id 
_pdbx_nonpoly_scheme.pdb_ins_code 
C 3 SO4 1   201 1   SO4 SO4 A . 
D 4 8DG 1   202 25  8DG 8GT A . 
E 5 MN  1   203 1   MN  MN  A . 
F 5 MN  1   204 2   MN  MN  A . 
G 6 NA  1   205 3   NA  NA  A . 
H 5 MN  1   206 4   MN  MN  A . 
I 7 HOH 1   301 3   HOH HOH A . 
I 7 HOH 2   302 8   HOH HOH A . 
I 7 HOH 3   303 7   HOH HOH A . 
I 7 HOH 4   304 5   HOH HOH A . 
I 7 HOH 5   305 65  HOH HOH A . 
I 7 HOH 6   306 114 HOH HOH A . 
I 7 HOH 7   307 119 HOH HOH A . 
I 7 HOH 8   308 55  HOH HOH A . 
I 7 HOH 9   309 31  HOH HOH A . 
I 7 HOH 10  310 32  HOH HOH A . 
I 7 HOH 11  311 36  HOH HOH A . 
I 7 HOH 12  312 22  HOH HOH A . 
I 7 HOH 13  313 142 HOH HOH A . 
I 7 HOH 14  314 5   HOH HOH A . 
I 7 HOH 15  315 71  HOH HOH A . 
I 7 HOH 16  316 80  HOH HOH A . 
I 7 HOH 17  317 13  HOH HOH A . 
I 7 HOH 18  318 17  HOH HOH A . 
I 7 HOH 19  319 40  HOH HOH A . 
I 7 HOH 20  320 154 HOH HOH A . 
I 7 HOH 21  321 44  HOH HOH A . 
I 7 HOH 22  322 60  HOH HOH A . 
I 7 HOH 23  323 90  HOH HOH A . 
I 7 HOH 24  324 104 HOH HOH A . 
I 7 HOH 25  325 117 HOH HOH A . 
I 7 HOH 26  326 159 HOH HOH A . 
I 7 HOH 27  327 41  HOH HOH A . 
I 7 HOH 28  328 1   HOH HOH A . 
I 7 HOH 29  329 155 HOH HOH A . 
I 7 HOH 30  330 27  HOH HOH A . 
I 7 HOH 31  331 106 HOH HOH A . 
I 7 HOH 32  332 73  HOH HOH A . 
I 7 HOH 33  333 43  HOH HOH A . 
I 7 HOH 34  334 77  HOH HOH A . 
I 7 HOH 35  335 18  HOH HOH A . 
I 7 HOH 36  336 156 HOH HOH A . 
I 7 HOH 37  337 53  HOH HOH A . 
I 7 HOH 38  338 6   HOH HOH A . 
I 7 HOH 39  339 16  HOH HOH A . 
I 7 HOH 40  340 10  HOH HOH A . 
I 7 HOH 41  341 11  HOH HOH A . 
I 7 HOH 42  342 153 HOH HOH A . 
I 7 HOH 43  343 72  HOH HOH A . 
I 7 HOH 44  344 50  HOH HOH A . 
I 7 HOH 45  345 46  HOH HOH A . 
I 7 HOH 46  346 64  HOH HOH A . 
I 7 HOH 47  347 12  HOH HOH A . 
I 7 HOH 48  348 128 HOH HOH A . 
I 7 HOH 49  349 24  HOH HOH A . 
I 7 HOH 50  350 20  HOH HOH A . 
I 7 HOH 51  351 110 HOH HOH A . 
I 7 HOH 52  352 76  HOH HOH A . 
I 7 HOH 53  353 70  HOH HOH A . 
I 7 HOH 54  354 91  HOH HOH A . 
I 7 HOH 55  355 48  HOH HOH A . 
I 7 HOH 56  356 74  HOH HOH A . 
I 7 HOH 57  357 30  HOH HOH A . 
I 7 HOH 58  358 25  HOH HOH A . 
I 7 HOH 59  359 47  HOH HOH A . 
I 7 HOH 60  360 57  HOH HOH A . 
I 7 HOH 61  361 29  HOH HOH A . 
I 7 HOH 62  362 157 HOH HOH A . 
I 7 HOH 63  363 69  HOH HOH A . 
I 7 HOH 64  364 113 HOH HOH A . 
I 7 HOH 65  365 61  HOH HOH A . 
I 7 HOH 66  366 21  HOH HOH A . 
I 7 HOH 67  367 14  HOH HOH A . 
I 7 HOH 68  368 107 HOH HOH A . 
I 7 HOH 69  369 131 HOH HOH A . 
I 7 HOH 70  370 51  HOH HOH A . 
I 7 HOH 71  371 68  HOH HOH A . 
I 7 HOH 72  372 85  HOH HOH A . 
I 7 HOH 73  373 33  HOH HOH A . 
I 7 HOH 74  374 81  HOH HOH A . 
I 7 HOH 75  375 94  HOH HOH A . 
I 7 HOH 76  376 45  HOH HOH A . 
I 7 HOH 77  377 54  HOH HOH A . 
I 7 HOH 78  378 42  HOH HOH A . 
I 7 HOH 79  379 82  HOH HOH A . 
I 7 HOH 80  380 66  HOH HOH A . 
I 7 HOH 81  381 56  HOH HOH A . 
I 7 HOH 82  382 58  HOH HOH A . 
I 7 HOH 83  383 52  HOH HOH A . 
I 7 HOH 84  384 158 HOH HOH A . 
I 7 HOH 85  385 39  HOH HOH A . 
I 7 HOH 86  386 86  HOH HOH A . 
I 7 HOH 87  387 75  HOH HOH A . 
I 7 HOH 88  388 62  HOH HOH A . 
I 7 HOH 89  389 59  HOH HOH A . 
I 7 HOH 90  390 38  HOH HOH A . 
I 7 HOH 91  391 49  HOH HOH A . 
I 7 HOH 92  392 164 HOH HOH A . 
I 7 HOH 93  393 34  HOH HOH A . 
I 7 HOH 94  394 35  HOH HOH A . 
I 7 HOH 95  395 89  HOH HOH A . 
I 7 HOH 96  396 19  HOH HOH A . 
I 7 HOH 97  397 109 HOH HOH A . 
I 7 HOH 98  398 63  HOH HOH A . 
I 7 HOH 99  399 132 HOH HOH A . 
I 7 HOH 100 400 122 HOH HOH A . 
I 7 HOH 101 401 67  HOH HOH A . 
I 7 HOH 102 402 2   HOH HOH A . 
I 7 HOH 103 403 111 HOH HOH A . 
I 7 HOH 104 404 87  HOH HOH A . 
I 7 HOH 105 405 88  HOH HOH A . 
I 7 HOH 106 406 96  HOH HOH A . 
I 7 HOH 107 407 98  HOH HOH A . 
I 7 HOH 108 408 123 HOH HOH A . 
I 7 HOH 109 409 105 HOH HOH A . 
I 7 HOH 110 410 163 HOH HOH A . 
I 7 HOH 111 411 93  HOH HOH A . 
I 7 HOH 112 412 144 HOH HOH A . 
I 7 HOH 113 413 116 HOH HOH A . 
I 7 HOH 114 414 84  HOH HOH A . 
I 7 HOH 115 415 101 HOH HOH A . 
I 7 HOH 116 416 102 HOH HOH A . 
I 7 HOH 117 417 97  HOH HOH A . 
I 7 HOH 118 418 147 HOH HOH A . 
I 7 HOH 119 419 108 HOH HOH A . 
I 7 HOH 120 420 118 HOH HOH A . 
I 7 HOH 121 421 100 HOH HOH A . 
I 7 HOH 122 422 99  HOH HOH A . 
I 7 HOH 123 423 103 HOH HOH A . 
I 7 HOH 124 424 121 HOH HOH A . 
I 7 HOH 125 425 161 HOH HOH A . 
I 7 HOH 126 426 120 HOH HOH A . 
I 7 HOH 127 427 145 HOH HOH A . 
I 7 HOH 128 428 162 HOH HOH A . 
I 7 HOH 129 429 130 HOH HOH A . 
I 7 HOH 130 430 146 HOH HOH A . 
I 7 HOH 131 431 160 HOH HOH A . 
# 
_pdbx_molecule_features.prd_id    PRD_900003 
_pdbx_molecule_features.name      sucrose 
_pdbx_molecule_features.type      Oligosaccharide 
_pdbx_molecule_features.class     Nutrient 
_pdbx_molecule_features.details   'oligosaccharide with reducing-end-to-reducing-end glycosidic bond' 
# 
_pdbx_molecule.instance_id   1 
_pdbx_molecule.prd_id        PRD_900003 
_pdbx_molecule.asym_id       B 
# 
_pdbx_struct_assembly.id                   1 
_pdbx_struct_assembly.details              author_defined_assembly 
_pdbx_struct_assembly.method_details       ? 
_pdbx_struct_assembly.oligomeric_details   monomeric 
_pdbx_struct_assembly.oligomeric_count     1 
# 
_pdbx_struct_assembly_gen.assembly_id       1 
_pdbx_struct_assembly_gen.oper_expression   1 
_pdbx_struct_assembly_gen.asym_id_list      A,B,C,D,E,F,G,H,I 
# 
loop_
_pdbx_struct_assembly_prop.biol_id 
_pdbx_struct_assembly_prop.type 
_pdbx_struct_assembly_prop.value 
_pdbx_struct_assembly_prop.details 
1 'ABSA (A^2)' 2190 ? 
1 MORE         -43  ? 
1 'SSA (A^2)'  6720 ? 
# 
_pdbx_struct_oper_list.id                   1 
_pdbx_struct_oper_list.type                 'identity operation' 
_pdbx_struct_oper_list.name                 1_555 
_pdbx_struct_oper_list.symmetry_operation   x,y,z 
_pdbx_struct_oper_list.matrix[1][1]         1.0000000000 
_pdbx_struct_oper_list.matrix[1][2]         0.0000000000 
_pdbx_struct_oper_list.matrix[1][3]         0.0000000000 
_pdbx_struct_oper_list.vector[1]            0.0000000000 
_pdbx_struct_oper_list.matrix[2][1]         0.0000000000 
_pdbx_struct_oper_list.matrix[2][2]         1.0000000000 
_pdbx_struct_oper_list.matrix[2][3]         0.0000000000 
_pdbx_struct_oper_list.vector[2]            0.0000000000 
_pdbx_struct_oper_list.matrix[3][1]         0.0000000000 
_pdbx_struct_oper_list.matrix[3][2]         0.0000000000 
_pdbx_struct_oper_list.matrix[3][3]         1.0000000000 
_pdbx_struct_oper_list.vector[3]            0.0000000000 
# 
loop_
_pdbx_struct_conn_angle.id 
_pdbx_struct_conn_angle.ptnr1_label_atom_id 
_pdbx_struct_conn_angle.ptnr1_label_alt_id 
_pdbx_struct_conn_angle.ptnr1_label_asym_id 
_pdbx_struct_conn_angle.ptnr1_label_comp_id 
_pdbx_struct_conn_angle.ptnr1_label_seq_id 
_pdbx_struct_conn_angle.ptnr1_auth_atom_id 
_pdbx_struct_conn_angle.ptnr1_auth_asym_id 
_pdbx_struct_conn_angle.ptnr1_auth_comp_id 
_pdbx_struct_conn_angle.ptnr1_auth_seq_id 
_pdbx_struct_conn_angle.ptnr1_PDB_ins_code 
_pdbx_struct_conn_angle.ptnr1_symmetry 
_pdbx_struct_conn_angle.ptnr2_label_atom_id 
_pdbx_struct_conn_angle.ptnr2_label_alt_id 
_pdbx_struct_conn_angle.ptnr2_label_asym_id 
_pdbx_struct_conn_angle.ptnr2_label_comp_id 
_pdbx_struct_conn_angle.ptnr2_label_seq_id 
_pdbx_struct_conn_angle.ptnr2_auth_atom_id 
_pdbx_struct_conn_angle.ptnr2_auth_asym_id 
_pdbx_struct_conn_angle.ptnr2_auth_comp_id 
_pdbx_struct_conn_angle.ptnr2_auth_seq_id 
_pdbx_struct_conn_angle.ptnr2_PDB_ins_code 
_pdbx_struct_conn_angle.ptnr2_symmetry 
_pdbx_struct_conn_angle.ptnr3_label_atom_id 
_pdbx_struct_conn_angle.ptnr3_label_alt_id 
_pdbx_struct_conn_angle.ptnr3_label_asym_id 
_pdbx_struct_conn_angle.ptnr3_label_comp_id 
_pdbx_struct_conn_angle.ptnr3_label_seq_id 
_pdbx_struct_conn_angle.ptnr3_auth_atom_id 
_pdbx_struct_conn_angle.ptnr3_auth_asym_id 
_pdbx_struct_conn_angle.ptnr3_auth_comp_id 
_pdbx_struct_conn_angle.ptnr3_auth_seq_id 
_pdbx_struct_conn_angle.ptnr3_PDB_ins_code 
_pdbx_struct_conn_angle.ptnr3_symmetry 
_pdbx_struct_conn_angle.value 
_pdbx_struct_conn_angle.value_esd 
1  O   ? A GLY 37 ? A GLY 37  ? 1_555 MN ? E MN . ? A MN 203 ? 1_555 OE2 ? A GLU 57 ? A GLU 57  ? 1_555 84.3  ? 
2  O   ? A GLY 37 ? A GLY 37  ? 1_555 MN ? E MN . ? A MN 203 ? 1_555 O2B ? D 8DG .  ? A 8DG 202 ? 1_555 99.2  ? 
3  OE2 ? A GLU 57 ? A GLU 57  ? 1_555 MN ? E MN . ? A MN 203 ? 1_555 O2B ? D 8DG .  ? A 8DG 202 ? 1_555 86.9  ? 
4  O   ? A GLY 37 ? A GLY 37  ? 1_555 MN ? E MN . ? A MN 203 ? 1_555 O1A ? D 8DG .  ? A 8DG 202 ? 1_555 92.5  ? 
5  OE2 ? A GLU 57 ? A GLU 57  ? 1_555 MN ? E MN . ? A MN 203 ? 1_555 O1A ? D 8DG .  ? A 8DG 202 ? 1_555 174.0 ? 
6  O2B ? D 8DG .  ? A 8DG 202 ? 1_555 MN ? E MN . ? A MN 203 ? 1_555 O1A ? D 8DG .  ? A 8DG 202 ? 1_555 88.6  ? 
7  O   ? A GLY 37 ? A GLY 37  ? 1_555 MN ? E MN . ? A MN 203 ? 1_555 O   ? I HOH .  ? A HOH 328 ? 1_555 84.1  ? 
8  OE2 ? A GLU 57 ? A GLU 57  ? 1_555 MN ? E MN . ? A MN 203 ? 1_555 O   ? I HOH .  ? A HOH 328 ? 1_555 87.4  ? 
9  O2B ? D 8DG .  ? A 8DG 202 ? 1_555 MN ? E MN . ? A MN 203 ? 1_555 O   ? I HOH .  ? A HOH 328 ? 1_555 173.1 ? 
10 O1A ? D 8DG .  ? A 8DG 202 ? 1_555 MN ? E MN . ? A MN 203 ? 1_555 O   ? I HOH .  ? A HOH 328 ? 1_555 97.3  ? 
11 O   ? A GLY 37 ? A GLY 37  ? 1_555 MN ? E MN . ? A MN 203 ? 1_555 O   ? I HOH .  ? A HOH 402 ? 1_555 168.4 ? 
12 OE2 ? A GLU 57 ? A GLU 57  ? 1_555 MN ? E MN . ? A MN 203 ? 1_555 O   ? I HOH .  ? A HOH 402 ? 1_555 89.4  ? 
13 O2B ? D 8DG .  ? A 8DG 202 ? 1_555 MN ? E MN . ? A MN 203 ? 1_555 O   ? I HOH .  ? A HOH 402 ? 1_555 90.1  ? 
14 O1A ? D 8DG .  ? A 8DG 202 ? 1_555 MN ? E MN . ? A MN 203 ? 1_555 O   ? I HOH .  ? A HOH 402 ? 1_555 94.6  ? 
15 O   ? I HOH .  ? A HOH 328 ? 1_555 MN ? E MN . ? A MN 203 ? 1_555 O   ? I HOH .  ? A HOH 402 ? 1_555 85.9  ? 
16 OE2 ? A GLU 53 ? A GLU 53  ? 1_555 MN A F MN . ? A MN 204 ? 1_555 O1B ? D 8DG .  ? A 8DG 202 ? 1_555 94.8  ? 
17 OE2 ? A GLU 53 ? A GLU 53  ? 1_555 MN A F MN . ? A MN 204 ? 1_555 O   ? I HOH .  ? A HOH 302 ? 1_555 164.1 ? 
18 O1B ? D 8DG .  ? A 8DG 202 ? 1_555 MN A F MN . ? A MN 204 ? 1_555 O   ? I HOH .  ? A HOH 302 ? 1_555 98.3  ? 
19 OE2 ? A GLU 53 ? A GLU 53  ? 1_555 MN A F MN . ? A MN 204 ? 1_555 O   ? I HOH .  ? A HOH 303 ? 1_555 80.0  ? 
20 O1B ? D 8DG .  ? A 8DG 202 ? 1_555 MN A F MN . ? A MN 204 ? 1_555 O   ? I HOH .  ? A HOH 303 ? 1_555 99.0  ? 
21 O   ? I HOH .  ? A HOH 302 ? 1_555 MN A F MN . ? A MN 204 ? 1_555 O   ? I HOH .  ? A HOH 303 ? 1_555 89.1  ? 
22 OE2 ? A GLU 53 ? A GLU 53  ? 1_555 MN A F MN . ? A MN 204 ? 1_555 O   A I HOH .  ? A HOH 304 ? 1_555 111.8 ? 
23 O1B ? D 8DG .  ? A 8DG 202 ? 1_555 MN A F MN . ? A MN 204 ? 1_555 O   A I HOH .  ? A HOH 304 ? 1_555 86.5  ? 
24 O   ? I HOH .  ? A HOH 302 ? 1_555 MN A F MN . ? A MN 204 ? 1_555 O   A I HOH .  ? A HOH 304 ? 1_555 78.1  ? 
25 O   ? I HOH .  ? A HOH 303 ? 1_555 MN A F MN . ? A MN 204 ? 1_555 O   A I HOH .  ? A HOH 304 ? 1_555 166.6 ? 
26 OE2 ? A GLU 53 ? A GLU 53  ? 1_555 MN A F MN . ? A MN 204 ? 1_555 O   ? I HOH .  ? A HOH 338 ? 1_555 91.3  ? 
27 O1B ? D 8DG .  ? A 8DG 202 ? 1_555 MN A F MN . ? A MN 204 ? 1_555 O   ? I HOH .  ? A HOH 338 ? 1_555 167.3 ? 
28 O   ? I HOH .  ? A HOH 302 ? 1_555 MN A F MN . ? A MN 204 ? 1_555 O   ? I HOH .  ? A HOH 338 ? 1_555 77.7  ? 
29 O   ? I HOH .  ? A HOH 303 ? 1_555 MN A F MN . ? A MN 204 ? 1_555 O   ? I HOH .  ? A HOH 338 ? 1_555 93.0  ? 
30 O   A I HOH .  ? A HOH 304 ? 1_555 MN A F MN . ? A MN 204 ? 1_555 O   ? I HOH .  ? A HOH 338 ? 1_555 80.8  ? 
31 OE2 ? A GLU 53 ? A GLU 53  ? 1_555 NA B G NA . ? A NA 205 ? 1_555 O1B ? D 8DG .  ? A 8DG 202 ? 1_555 95.6  ? 
32 OE2 ? A GLU 53 ? A GLU 53  ? 1_555 NA B G NA . ? A NA 205 ? 1_555 O   ? I HOH .  ? A HOH 302 ? 1_555 160.9 ? 
33 O1B ? D 8DG .  ? A 8DG 202 ? 1_555 NA B G NA . ? A NA 205 ? 1_555 O   ? I HOH .  ? A HOH 302 ? 1_555 102.2 ? 
34 OE2 ? A GLU 53 ? A GLU 53  ? 1_555 NA B G NA . ? A NA 205 ? 1_555 O   ? I HOH .  ? A HOH 303 ? 1_555 79.0  ? 
35 O1B ? D 8DG .  ? A 8DG 202 ? 1_555 NA B G NA . ? A NA 205 ? 1_555 O   ? I HOH .  ? A HOH 303 ? 1_555 102.2 ? 
36 O   ? I HOH .  ? A HOH 302 ? 1_555 NA B G NA . ? A NA 205 ? 1_555 O   ? I HOH .  ? A HOH 303 ? 1_555 90.4  ? 
37 OE2 ? A GLU 53 ? A GLU 53  ? 1_555 NA B G NA . ? A NA 205 ? 1_555 O   B I HOH .  ? A HOH 304 ? 1_555 75.5  ? 
38 O1B ? D 8DG .  ? A 8DG 202 ? 1_555 NA B G NA . ? A NA 205 ? 1_555 O   B I HOH .  ? A HOH 304 ? 1_555 80.0  ? 
39 O   ? I HOH .  ? A HOH 302 ? 1_555 NA B G NA . ? A NA 205 ? 1_555 O   B I HOH .  ? A HOH 304 ? 1_555 114.2 ? 
40 O   ? I HOH .  ? A HOH 303 ? 1_555 NA B G NA . ? A NA 205 ? 1_555 O   B I HOH .  ? A HOH 304 ? 1_555 154.6 ? 
41 OE2 ? A GLU 53 ? A GLU 53  ? 1_555 NA B G NA . ? A NA 205 ? 1_555 O   ? I HOH .  ? A HOH 338 ? 1_555 87.7  ? 
42 O1B ? D 8DG .  ? A 8DG 202 ? 1_555 NA B G NA . ? A NA 205 ? 1_555 O   ? I HOH .  ? A HOH 338 ? 1_555 166.8 ? 
43 O   ? I HOH .  ? A HOH 302 ? 1_555 NA B G NA . ? A NA 205 ? 1_555 O   ? I HOH .  ? A HOH 338 ? 1_555 76.5  ? 
44 O   ? I HOH .  ? A HOH 303 ? 1_555 NA B G NA . ? A NA 205 ? 1_555 O   ? I HOH .  ? A HOH 338 ? 1_555 91.0  ? 
45 O   B I HOH .  ? A HOH 304 ? 1_555 NA B G NA . ? A NA 205 ? 1_555 O   ? I HOH .  ? A HOH 338 ? 1_555 88.5  ? 
46 OE1 ? A GLU 53 ? A GLU 53  ? 1_555 MN A H MN . ? A MN 206 ? 1_555 OE2 ? A GLU 57 ? A GLU 57  ? 1_555 95.5  ? 
47 OE1 ? A GLU 53 ? A GLU 53  ? 1_555 MN A H MN . ? A MN 206 ? 1_555 O2B ? D 8DG .  ? A 8DG 202 ? 1_555 100.2 ? 
48 OE2 ? A GLU 57 ? A GLU 57  ? 1_555 MN A H MN . ? A MN 206 ? 1_555 O2B ? D 8DG .  ? A 8DG 202 ? 1_555 81.7  ? 
49 OE1 ? A GLU 53 ? A GLU 53  ? 1_555 MN A H MN . ? A MN 206 ? 1_555 O   ? I HOH .  ? A HOH 301 ? 1_555 165.3 ? 
50 OE2 ? A GLU 57 ? A GLU 57  ? 1_555 MN A H MN . ? A MN 206 ? 1_555 O   ? I HOH .  ? A HOH 301 ? 1_555 77.3  ? 
51 O2B ? D 8DG .  ? A 8DG 202 ? 1_555 MN A H MN . ? A MN 206 ? 1_555 O   ? I HOH .  ? A HOH 301 ? 1_555 91.5  ? 
52 OE1 ? A GLU 53 ? A GLU 53  ? 1_555 MN A H MN . ? A MN 206 ? 1_555 O   A I HOH .  ? A HOH 304 ? 1_555 108.6 ? 
53 OE2 ? A GLU 57 ? A GLU 57  ? 1_555 MN A H MN . ? A MN 206 ? 1_555 O   A I HOH .  ? A HOH 304 ? 1_555 151.6 ? 
54 O2B ? D 8DG .  ? A 8DG 202 ? 1_555 MN A H MN . ? A MN 206 ? 1_555 O   A I HOH .  ? A HOH 304 ? 1_555 79.5  ? 
55 O   ? I HOH .  ? A HOH 301 ? 1_555 MN A H MN . ? A MN 206 ? 1_555 O   A I HOH .  ? A HOH 304 ? 1_555 82.1  ? 
56 OE1 ? A GLU 53 ? A GLU 53  ? 1_555 MN A H MN . ? A MN 206 ? 1_555 O   ? I HOH .  ? A HOH 314 ? 1_555 95.0  ? 
57 OE2 ? A GLU 57 ? A GLU 57  ? 1_555 MN A H MN . ? A MN 206 ? 1_555 O   ? I HOH .  ? A HOH 314 ? 1_555 111.7 ? 
58 O2B ? D 8DG .  ? A 8DG 202 ? 1_555 MN A H MN . ? A MN 206 ? 1_555 O   ? I HOH .  ? A HOH 314 ? 1_555 158.7 ? 
59 O   ? I HOH .  ? A HOH 301 ? 1_555 MN A H MN . ? A MN 206 ? 1_555 O   ? I HOH .  ? A HOH 314 ? 1_555 76.2  ? 
60 O   A I HOH .  ? A HOH 304 ? 1_555 MN A H MN . ? A MN 206 ? 1_555 O   ? I HOH .  ? A HOH 314 ? 1_555 81.7  ? 
# 
loop_
_pdbx_audit_revision_history.ordinal 
_pdbx_audit_revision_history.data_content_type 
_pdbx_audit_revision_history.major_revision 
_pdbx_audit_revision_history.minor_revision 
_pdbx_audit_revision_history.revision_date 
1 'Structure model' 1 0 2022-06-01 
2 'Structure model' 1 1 2023-11-29 
# 
_pdbx_audit_revision_details.ordinal             1 
_pdbx_audit_revision_details.revision_ordinal    1 
_pdbx_audit_revision_details.data_content_type   'Structure model' 
_pdbx_audit_revision_details.provider            repository 
_pdbx_audit_revision_details.type                'Initial release' 
_pdbx_audit_revision_details.description         ? 
_pdbx_audit_revision_details.details             ? 
# 
loop_
_pdbx_audit_revision_group.ordinal 
_pdbx_audit_revision_group.revision_ordinal 
_pdbx_audit_revision_group.data_content_type 
_pdbx_audit_revision_group.group 
1 2 'Structure model' 'Data collection'        
2 2 'Structure model' 'Refinement description' 
# 
loop_
_pdbx_audit_revision_category.ordinal 
_pdbx_audit_revision_category.revision_ordinal 
_pdbx_audit_revision_category.data_content_type 
_pdbx_audit_revision_category.category 
1 2 'Structure model' chem_comp_atom                
2 2 'Structure model' chem_comp_bond                
3 2 'Structure model' pdbx_initial_refinement_model 
# 
loop_
_space_group_symop.id 
_space_group_symop.operation_xyz 
1 x,y,z           
2 x+1/2,-y+1/2,-z 
3 -x,y+1/2,-z+1/2 
4 -x+1/2,-y,z+1/2 
# 
loop_
_software.citation_id 
_software.classification 
_software.compiler_name 
_software.compiler_version 
_software.contact_author 
_software.contact_author_email 
_software.date 
_software.description 
_software.dependencies 
_software.hardware 
_software.language 
_software.location 
_software.mods 
_software.name 
_software.os 
_software.os_version 
_software.type 
_software.version 
_software.pdbx_ordinal 
? refinement       ? ? ? ? ? ? ? ? ? ? ? PHENIX   ? ? ? 1.13_2998 1 
? 'data reduction' ? ? ? ? ? ? ? ? ? ? ? HKL-2000 ? ? ? .         2 
? 'data scaling'   ? ? ? ? ? ? ? ? ? ? ? HKL-2000 ? ? ? .         3 
# 
_pdbx_entry_details.entry_id                 7WW8 
_pdbx_entry_details.has_ligand_of_interest   Y 
_pdbx_entry_details.compound_details         ? 
_pdbx_entry_details.source_details           ? 
_pdbx_entry_details.nonpolymer_details       ? 
_pdbx_entry_details.sequence_details         ? 
# 
loop_
_chem_comp_atom.comp_id 
_chem_comp_atom.atom_id 
_chem_comp_atom.type_symbol 
_chem_comp_atom.pdbx_aromatic_flag 
_chem_comp_atom.pdbx_stereo_config 
_chem_comp_atom.pdbx_ordinal 
8DG PG     P  N N 1   
8DG O1G    O  N N 2   
8DG O2G    O  N N 3   
8DG O3G    O  N N 4   
8DG O3B    O  N N 5   
8DG PB     P  N S 6   
8DG O1B    O  N N 7   
8DG O2B    O  N N 8   
8DG O3A    O  N N 9   
8DG PA     P  N R 10  
8DG O1A    O  N N 11  
8DG O2A    O  N N 12  
8DG "O5'"  O  N N 13  
8DG "C5'"  C  N N 14  
8DG "C4'"  C  N R 15  
8DG "O4'"  O  N N 16  
8DG "C3'"  C  N S 17  
8DG "O3'"  O  N N 18  
8DG "C2'"  C  N N 19  
8DG "C1'"  C  N R 20  
8DG N9     N  N N 21  
8DG C8     C  N N 22  
8DG N7     N  N N 23  
8DG C5     C  N N 24  
8DG C6     C  N N 25  
8DG O6     O  N N 26  
8DG N1     N  N N 27  
8DG C2     C  N N 28  
8DG N2     N  N N 29  
8DG N3     N  N N 30  
8DG C4     C  N N 31  
8DG O8     O  N N 32  
8DG HOG2   H  N N 33  
8DG H3G    H  N N 34  
8DG HOB2   H  N N 35  
8DG HOA2   H  N N 36  
8DG "H5'1" H  N N 37  
8DG "H5'2" H  N N 38  
8DG "H4'"  H  N N 39  
8DG "H3'"  H  N N 40  
8DG H1     H  N N 41  
8DG "H2'1" H  N N 42  
8DG "H2'2" H  N N 43  
8DG "H1'"  H  N N 44  
8DG HN7    H  N N 45  
8DG HN1    H  N N 46  
8DG HN21   H  N N 47  
8DG HN22   H  N N 48  
ALA N      N  N N 49  
ALA CA     C  N S 50  
ALA C      C  N N 51  
ALA O      O  N N 52  
ALA CB     C  N N 53  
ALA OXT    O  N N 54  
ALA H      H  N N 55  
ALA H2     H  N N 56  
ALA HA     H  N N 57  
ALA HB1    H  N N 58  
ALA HB2    H  N N 59  
ALA HB3    H  N N 60  
ALA HXT    H  N N 61  
ARG N      N  N N 62  
ARG CA     C  N S 63  
ARG C      C  N N 64  
ARG O      O  N N 65  
ARG CB     C  N N 66  
ARG CG     C  N N 67  
ARG CD     C  N N 68  
ARG NE     N  N N 69  
ARG CZ     C  N N 70  
ARG NH1    N  N N 71  
ARG NH2    N  N N 72  
ARG OXT    O  N N 73  
ARG H      H  N N 74  
ARG H2     H  N N 75  
ARG HA     H  N N 76  
ARG HB2    H  N N 77  
ARG HB3    H  N N 78  
ARG HG2    H  N N 79  
ARG HG3    H  N N 80  
ARG HD2    H  N N 81  
ARG HD3    H  N N 82  
ARG HE     H  N N 83  
ARG HH11   H  N N 84  
ARG HH12   H  N N 85  
ARG HH21   H  N N 86  
ARG HH22   H  N N 87  
ARG HXT    H  N N 88  
ASN N      N  N N 89  
ASN CA     C  N S 90  
ASN C      C  N N 91  
ASN O      O  N N 92  
ASN CB     C  N N 93  
ASN CG     C  N N 94  
ASN OD1    O  N N 95  
ASN ND2    N  N N 96  
ASN OXT    O  N N 97  
ASN H      H  N N 98  
ASN H2     H  N N 99  
ASN HA     H  N N 100 
ASN HB2    H  N N 101 
ASN HB3    H  N N 102 
ASN HD21   H  N N 103 
ASN HD22   H  N N 104 
ASN HXT    H  N N 105 
ASP N      N  N N 106 
ASP CA     C  N S 107 
ASP C      C  N N 108 
ASP O      O  N N 109 
ASP CB     C  N N 110 
ASP CG     C  N N 111 
ASP OD1    O  N N 112 
ASP OD2    O  N N 113 
ASP OXT    O  N N 114 
ASP H      H  N N 115 
ASP H2     H  N N 116 
ASP HA     H  N N 117 
ASP HB2    H  N N 118 
ASP HB3    H  N N 119 
ASP HD2    H  N N 120 
ASP HXT    H  N N 121 
FRU C1     C  N N 122 
FRU C2     C  N R 123 
FRU C3     C  N S 124 
FRU C4     C  N S 125 
FRU C5     C  N R 126 
FRU C6     C  N N 127 
FRU O1     O  N N 128 
FRU O2     O  N N 129 
FRU O3     O  N N 130 
FRU O4     O  N N 131 
FRU O5     O  N N 132 
FRU O6     O  N N 133 
FRU H11    H  N N 134 
FRU H12    H  N N 135 
FRU H3     H  N N 136 
FRU H4     H  N N 137 
FRU H5     H  N N 138 
FRU H61    H  N N 139 
FRU H62    H  N N 140 
FRU HO1    H  N N 141 
FRU HO2    H  N N 142 
FRU HO3    H  N N 143 
FRU HO4    H  N N 144 
FRU HO6    H  N N 145 
GLC C1     C  N S 146 
GLC C2     C  N R 147 
GLC C3     C  N S 148 
GLC C4     C  N S 149 
GLC C5     C  N R 150 
GLC C6     C  N N 151 
GLC O1     O  N N 152 
GLC O2     O  N N 153 
GLC O3     O  N N 154 
GLC O4     O  N N 155 
GLC O5     O  N N 156 
GLC O6     O  N N 157 
GLC H1     H  N N 158 
GLC H2     H  N N 159 
GLC H3     H  N N 160 
GLC H4     H  N N 161 
GLC H5     H  N N 162 
GLC H61    H  N N 163 
GLC H62    H  N N 164 
GLC HO1    H  N N 165 
GLC HO2    H  N N 166 
GLC HO3    H  N N 167 
GLC HO4    H  N N 168 
GLC HO6    H  N N 169 
GLN N      N  N N 170 
GLN CA     C  N S 171 
GLN C      C  N N 172 
GLN O      O  N N 173 
GLN CB     C  N N 174 
GLN CG     C  N N 175 
GLN CD     C  N N 176 
GLN OE1    O  N N 177 
GLN NE2    N  N N 178 
GLN OXT    O  N N 179 
GLN H      H  N N 180 
GLN H2     H  N N 181 
GLN HA     H  N N 182 
GLN HB2    H  N N 183 
GLN HB3    H  N N 184 
GLN HG2    H  N N 185 
GLN HG3    H  N N 186 
GLN HE21   H  N N 187 
GLN HE22   H  N N 188 
GLN HXT    H  N N 189 
GLU N      N  N N 190 
GLU CA     C  N S 191 
GLU C      C  N N 192 
GLU O      O  N N 193 
GLU CB     C  N N 194 
GLU CG     C  N N 195 
GLU CD     C  N N 196 
GLU OE1    O  N N 197 
GLU OE2    O  N N 198 
GLU OXT    O  N N 199 
GLU H      H  N N 200 
GLU H2     H  N N 201 
GLU HA     H  N N 202 
GLU HB2    H  N N 203 
GLU HB3    H  N N 204 
GLU HG2    H  N N 205 
GLU HG3    H  N N 206 
GLU HE2    H  N N 207 
GLU HXT    H  N N 208 
GLY N      N  N N 209 
GLY CA     C  N N 210 
GLY C      C  N N 211 
GLY O      O  N N 212 
GLY OXT    O  N N 213 
GLY H      H  N N 214 
GLY H2     H  N N 215 
GLY HA2    H  N N 216 
GLY HA3    H  N N 217 
GLY HXT    H  N N 218 
HIS N      N  N N 219 
HIS CA     C  N S 220 
HIS C      C  N N 221 
HIS O      O  N N 222 
HIS CB     C  N N 223 
HIS CG     C  Y N 224 
HIS ND1    N  Y N 225 
HIS CD2    C  Y N 226 
HIS CE1    C  Y N 227 
HIS NE2    N  Y N 228 
HIS OXT    O  N N 229 
HIS H      H  N N 230 
HIS H2     H  N N 231 
HIS HA     H  N N 232 
HIS HB2    H  N N 233 
HIS HB3    H  N N 234 
HIS HD1    H  N N 235 
HIS HD2    H  N N 236 
HIS HE1    H  N N 237 
HIS HE2    H  N N 238 
HIS HXT    H  N N 239 
HOH O      O  N N 240 
HOH H1     H  N N 241 
HOH H2     H  N N 242 
ILE N      N  N N 243 
ILE CA     C  N S 244 
ILE C      C  N N 245 
ILE O      O  N N 246 
ILE CB     C  N S 247 
ILE CG1    C  N N 248 
ILE CG2    C  N N 249 
ILE CD1    C  N N 250 
ILE OXT    O  N N 251 
ILE H      H  N N 252 
ILE H2     H  N N 253 
ILE HA     H  N N 254 
ILE HB     H  N N 255 
ILE HG12   H  N N 256 
ILE HG13   H  N N 257 
ILE HG21   H  N N 258 
ILE HG22   H  N N 259 
ILE HG23   H  N N 260 
ILE HD11   H  N N 261 
ILE HD12   H  N N 262 
ILE HD13   H  N N 263 
ILE HXT    H  N N 264 
LEU N      N  N N 265 
LEU CA     C  N S 266 
LEU C      C  N N 267 
LEU O      O  N N 268 
LEU CB     C  N N 269 
LEU CG     C  N N 270 
LEU CD1    C  N N 271 
LEU CD2    C  N N 272 
LEU OXT    O  N N 273 
LEU H      H  N N 274 
LEU H2     H  N N 275 
LEU HA     H  N N 276 
LEU HB2    H  N N 277 
LEU HB3    H  N N 278 
LEU HG     H  N N 279 
LEU HD11   H  N N 280 
LEU HD12   H  N N 281 
LEU HD13   H  N N 282 
LEU HD21   H  N N 283 
LEU HD22   H  N N 284 
LEU HD23   H  N N 285 
LEU HXT    H  N N 286 
LYS N      N  N N 287 
LYS CA     C  N S 288 
LYS C      C  N N 289 
LYS O      O  N N 290 
LYS CB     C  N N 291 
LYS CG     C  N N 292 
LYS CD     C  N N 293 
LYS CE     C  N N 294 
LYS NZ     N  N N 295 
LYS OXT    O  N N 296 
LYS H      H  N N 297 
LYS H2     H  N N 298 
LYS HA     H  N N 299 
LYS HB2    H  N N 300 
LYS HB3    H  N N 301 
LYS HG2    H  N N 302 
LYS HG3    H  N N 303 
LYS HD2    H  N N 304 
LYS HD3    H  N N 305 
LYS HE2    H  N N 306 
LYS HE3    H  N N 307 
LYS HZ1    H  N N 308 
LYS HZ2    H  N N 309 
LYS HZ3    H  N N 310 
LYS HXT    H  N N 311 
MET N      N  N N 312 
MET CA     C  N S 313 
MET C      C  N N 314 
MET O      O  N N 315 
MET CB     C  N N 316 
MET CG     C  N N 317 
MET SD     S  N N 318 
MET CE     C  N N 319 
MET OXT    O  N N 320 
MET H      H  N N 321 
MET H2     H  N N 322 
MET HA     H  N N 323 
MET HB2    H  N N 324 
MET HB3    H  N N 325 
MET HG2    H  N N 326 
MET HG3    H  N N 327 
MET HE1    H  N N 328 
MET HE2    H  N N 329 
MET HE3    H  N N 330 
MET HXT    H  N N 331 
MN  MN     MN N N 332 
NA  NA     NA N N 333 
PHE N      N  N N 334 
PHE CA     C  N S 335 
PHE C      C  N N 336 
PHE O      O  N N 337 
PHE CB     C  N N 338 
PHE CG     C  Y N 339 
PHE CD1    C  Y N 340 
PHE CD2    C  Y N 341 
PHE CE1    C  Y N 342 
PHE CE2    C  Y N 343 
PHE CZ     C  Y N 344 
PHE OXT    O  N N 345 
PHE H      H  N N 346 
PHE H2     H  N N 347 
PHE HA     H  N N 348 
PHE HB2    H  N N 349 
PHE HB3    H  N N 350 
PHE HD1    H  N N 351 
PHE HD2    H  N N 352 
PHE HE1    H  N N 353 
PHE HE2    H  N N 354 
PHE HZ     H  N N 355 
PHE HXT    H  N N 356 
PRO N      N  N N 357 
PRO CA     C  N S 358 
PRO C      C  N N 359 
PRO O      O  N N 360 
PRO CB     C  N N 361 
PRO CG     C  N N 362 
PRO CD     C  N N 363 
PRO OXT    O  N N 364 
PRO H      H  N N 365 
PRO HA     H  N N 366 
PRO HB2    H  N N 367 
PRO HB3    H  N N 368 
PRO HG2    H  N N 369 
PRO HG3    H  N N 370 
PRO HD2    H  N N 371 
PRO HD3    H  N N 372 
PRO HXT    H  N N 373 
SER N      N  N N 374 
SER CA     C  N S 375 
SER C      C  N N 376 
SER O      O  N N 377 
SER CB     C  N N 378 
SER OG     O  N N 379 
SER OXT    O  N N 380 
SER H      H  N N 381 
SER H2     H  N N 382 
SER HA     H  N N 383 
SER HB2    H  N N 384 
SER HB3    H  N N 385 
SER HG     H  N N 386 
SER HXT    H  N N 387 
SO4 S      S  N N 388 
SO4 O1     O  N N 389 
SO4 O2     O  N N 390 
SO4 O3     O  N N 391 
SO4 O4     O  N N 392 
THR N      N  N N 393 
THR CA     C  N S 394 
THR C      C  N N 395 
THR O      O  N N 396 
THR CB     C  N R 397 
THR OG1    O  N N 398 
THR CG2    C  N N 399 
THR OXT    O  N N 400 
THR H      H  N N 401 
THR H2     H  N N 402 
THR HA     H  N N 403 
THR HB     H  N N 404 
THR HG1    H  N N 405 
THR HG21   H  N N 406 
THR HG22   H  N N 407 
THR HG23   H  N N 408 
THR HXT    H  N N 409 
TRP N      N  N N 410 
TRP CA     C  N S 411 
TRP C      C  N N 412 
TRP O      O  N N 413 
TRP CB     C  N N 414 
TRP CG     C  Y N 415 
TRP CD1    C  Y N 416 
TRP CD2    C  Y N 417 
TRP NE1    N  Y N 418 
TRP CE2    C  Y N 419 
TRP CE3    C  Y N 420 
TRP CZ2    C  Y N 421 
TRP CZ3    C  Y N 422 
TRP CH2    C  Y N 423 
TRP OXT    O  N N 424 
TRP H      H  N N 425 
TRP H2     H  N N 426 
TRP HA     H  N N 427 
TRP HB2    H  N N 428 
TRP HB3    H  N N 429 
TRP HD1    H  N N 430 
TRP HE1    H  N N 431 
TRP HE3    H  N N 432 
TRP HZ2    H  N N 433 
TRP HZ3    H  N N 434 
TRP HH2    H  N N 435 
TRP HXT    H  N N 436 
TYR N      N  N N 437 
TYR CA     C  N S 438 
TYR C      C  N N 439 
TYR O      O  N N 440 
TYR CB     C  N N 441 
TYR CG     C  Y N 442 
TYR CD1    C  Y N 443 
TYR CD2    C  Y N 444 
TYR CE1    C  Y N 445 
TYR CE2    C  Y N 446 
TYR CZ     C  Y N 447 
TYR OH     O  N N 448 
TYR OXT    O  N N 449 
TYR H      H  N N 450 
TYR H2     H  N N 451 
TYR HA     H  N N 452 
TYR HB2    H  N N 453 
TYR HB3    H  N N 454 
TYR HD1    H  N N 455 
TYR HD2    H  N N 456 
TYR HE1    H  N N 457 
TYR HE2    H  N N 458 
TYR HH     H  N N 459 
TYR HXT    H  N N 460 
VAL N      N  N N 461 
VAL CA     C  N S 462 
VAL C      C  N N 463 
VAL O      O  N N 464 
VAL CB     C  N N 465 
VAL CG1    C  N N 466 
VAL CG2    C  N N 467 
VAL OXT    O  N N 468 
VAL H      H  N N 469 
VAL H2     H  N N 470 
VAL HA     H  N N 471 
VAL HB     H  N N 472 
VAL HG11   H  N N 473 
VAL HG12   H  N N 474 
VAL HG13   H  N N 475 
VAL HG21   H  N N 476 
VAL HG22   H  N N 477 
VAL HG23   H  N N 478 
VAL HXT    H  N N 479 
# 
loop_
_chem_comp_bond.comp_id 
_chem_comp_bond.atom_id_1 
_chem_comp_bond.atom_id_2 
_chem_comp_bond.value_order 
_chem_comp_bond.pdbx_aromatic_flag 
_chem_comp_bond.pdbx_stereo_config 
_chem_comp_bond.pdbx_ordinal 
8DG PG    O1G    doub N N 1   
8DG PG    O2G    sing N N 2   
8DG PG    O3G    sing N N 3   
8DG PG    O3B    sing N N 4   
8DG O2G   HOG2   sing N N 5   
8DG O3G   H3G    sing N N 6   
8DG O3B   PB     sing N N 7   
8DG PB    O1B    doub N N 8   
8DG PB    O2B    sing N N 9   
8DG PB    O3A    sing N N 10  
8DG O2B   HOB2   sing N N 11  
8DG O3A   PA     sing N N 12  
8DG PA    O1A    doub N N 13  
8DG PA    O2A    sing N N 14  
8DG PA    "O5'"  sing N N 15  
8DG O2A   HOA2   sing N N 16  
8DG "O5'" "C5'"  sing N N 17  
8DG "C5'" "C4'"  sing N N 18  
8DG "C5'" "H5'1" sing N N 19  
8DG "C5'" "H5'2" sing N N 20  
8DG "C4'" "O4'"  sing N N 21  
8DG "C4'" "C3'"  sing N N 22  
8DG "C4'" "H4'"  sing N N 23  
8DG "O4'" "C1'"  sing N N 24  
8DG "C3'" "O3'"  sing N N 25  
8DG "C3'" "C2'"  sing N N 26  
8DG "C3'" "H3'"  sing N N 27  
8DG "O3'" H1     sing N N 28  
8DG "C2'" "C1'"  sing N N 29  
8DG "C2'" "H2'1" sing N N 30  
8DG "C2'" "H2'2" sing N N 31  
8DG "C1'" N9     sing N N 32  
8DG "C1'" "H1'"  sing N N 33  
8DG N9    C8     sing N N 34  
8DG N9    C4     sing N N 35  
8DG C8    N7     sing N N 36  
8DG C8    O8     doub N N 37  
8DG N7    C5     sing N N 38  
8DG N7    HN7    sing N N 39  
8DG C5    C6     sing N N 40  
8DG C5    C4     doub N N 41  
8DG C6    O6     doub N N 42  
8DG C6    N1     sing N N 43  
8DG N1    C2     sing N N 44  
8DG N1    HN1    sing N N 45  
8DG C2    N2     sing N N 46  
8DG C2    N3     doub N N 47  
8DG N2    HN21   sing N N 48  
8DG N2    HN22   sing N N 49  
8DG N3    C4     sing N N 50  
ALA N     CA     sing N N 51  
ALA N     H      sing N N 52  
ALA N     H2     sing N N 53  
ALA CA    C      sing N N 54  
ALA CA    CB     sing N N 55  
ALA CA    HA     sing N N 56  
ALA C     O      doub N N 57  
ALA C     OXT    sing N N 58  
ALA CB    HB1    sing N N 59  
ALA CB    HB2    sing N N 60  
ALA CB    HB3    sing N N 61  
ALA OXT   HXT    sing N N 62  
ARG N     CA     sing N N 63  
ARG N     H      sing N N 64  
ARG N     H2     sing N N 65  
ARG CA    C      sing N N 66  
ARG CA    CB     sing N N 67  
ARG CA    HA     sing N N 68  
ARG C     O      doub N N 69  
ARG C     OXT    sing N N 70  
ARG CB    CG     sing N N 71  
ARG CB    HB2    sing N N 72  
ARG CB    HB3    sing N N 73  
ARG CG    CD     sing N N 74  
ARG CG    HG2    sing N N 75  
ARG CG    HG3    sing N N 76  
ARG CD    NE     sing N N 77  
ARG CD    HD2    sing N N 78  
ARG CD    HD3    sing N N 79  
ARG NE    CZ     sing N N 80  
ARG NE    HE     sing N N 81  
ARG CZ    NH1    sing N N 82  
ARG CZ    NH2    doub N N 83  
ARG NH1   HH11   sing N N 84  
ARG NH1   HH12   sing N N 85  
ARG NH2   HH21   sing N N 86  
ARG NH2   HH22   sing N N 87  
ARG OXT   HXT    sing N N 88  
ASN N     CA     sing N N 89  
ASN N     H      sing N N 90  
ASN N     H2     sing N N 91  
ASN CA    C      sing N N 92  
ASN CA    CB     sing N N 93  
ASN CA    HA     sing N N 94  
ASN C     O      doub N N 95  
ASN C     OXT    sing N N 96  
ASN CB    CG     sing N N 97  
ASN CB    HB2    sing N N 98  
ASN CB    HB3    sing N N 99  
ASN CG    OD1    doub N N 100 
ASN CG    ND2    sing N N 101 
ASN ND2   HD21   sing N N 102 
ASN ND2   HD22   sing N N 103 
ASN OXT   HXT    sing N N 104 
ASP N     CA     sing N N 105 
ASP N     H      sing N N 106 
ASP N     H2     sing N N 107 
ASP CA    C      sing N N 108 
ASP CA    CB     sing N N 109 
ASP CA    HA     sing N N 110 
ASP C     O      doub N N 111 
ASP C     OXT    sing N N 112 
ASP CB    CG     sing N N 113 
ASP CB    HB2    sing N N 114 
ASP CB    HB3    sing N N 115 
ASP CG    OD1    doub N N 116 
ASP CG    OD2    sing N N 117 
ASP OD2   HD2    sing N N 118 
ASP OXT   HXT    sing N N 119 
FRU C1    C2     sing N N 120 
FRU C1    O1     sing N N 121 
FRU C1    H11    sing N N 122 
FRU C1    H12    sing N N 123 
FRU C2    C3     sing N N 124 
FRU C2    O2     sing N N 125 
FRU C2    O5     sing N N 126 
FRU C3    C4     sing N N 127 
FRU C3    O3     sing N N 128 
FRU C3    H3     sing N N 129 
FRU C4    C5     sing N N 130 
FRU C4    O4     sing N N 131 
FRU C4    H4     sing N N 132 
FRU C5    C6     sing N N 133 
FRU C5    O5     sing N N 134 
FRU C5    H5     sing N N 135 
FRU C6    O6     sing N N 136 
FRU C6    H61    sing N N 137 
FRU C6    H62    sing N N 138 
FRU O1    HO1    sing N N 139 
FRU O2    HO2    sing N N 140 
FRU O3    HO3    sing N N 141 
FRU O4    HO4    sing N N 142 
FRU O6    HO6    sing N N 143 
GLC C1    C2     sing N N 144 
GLC C1    O1     sing N N 145 
GLC C1    O5     sing N N 146 
GLC C1    H1     sing N N 147 
GLC C2    C3     sing N N 148 
GLC C2    O2     sing N N 149 
GLC C2    H2     sing N N 150 
GLC C3    C4     sing N N 151 
GLC C3    O3     sing N N 152 
GLC C3    H3     sing N N 153 
GLC C4    C5     sing N N 154 
GLC C4    O4     sing N N 155 
GLC C4    H4     sing N N 156 
GLC C5    C6     sing N N 157 
GLC C5    O5     sing N N 158 
GLC C5    H5     sing N N 159 
GLC C6    O6     sing N N 160 
GLC C6    H61    sing N N 161 
GLC C6    H62    sing N N 162 
GLC O1    HO1    sing N N 163 
GLC O2    HO2    sing N N 164 
GLC O3    HO3    sing N N 165 
GLC O4    HO4    sing N N 166 
GLC O6    HO6    sing N N 167 
GLN N     CA     sing N N 168 
GLN N     H      sing N N 169 
GLN N     H2     sing N N 170 
GLN CA    C      sing N N 171 
GLN CA    CB     sing N N 172 
GLN CA    HA     sing N N 173 
GLN C     O      doub N N 174 
GLN C     OXT    sing N N 175 
GLN CB    CG     sing N N 176 
GLN CB    HB2    sing N N 177 
GLN CB    HB3    sing N N 178 
GLN CG    CD     sing N N 179 
GLN CG    HG2    sing N N 180 
GLN CG    HG3    sing N N 181 
GLN CD    OE1    doub N N 182 
GLN CD    NE2    sing N N 183 
GLN NE2   HE21   sing N N 184 
GLN NE2   HE22   sing N N 185 
GLN OXT   HXT    sing N N 186 
GLU N     CA     sing N N 187 
GLU N     H      sing N N 188 
GLU N     H2     sing N N 189 
GLU CA    C      sing N N 190 
GLU CA    CB     sing N N 191 
GLU CA    HA     sing N N 192 
GLU C     O      doub N N 193 
GLU C     OXT    sing N N 194 
GLU CB    CG     sing N N 195 
GLU CB    HB2    sing N N 196 
GLU CB    HB3    sing N N 197 
GLU CG    CD     sing N N 198 
GLU CG    HG2    sing N N 199 
GLU CG    HG3    sing N N 200 
GLU CD    OE1    doub N N 201 
GLU CD    OE2    sing N N 202 
GLU OE2   HE2    sing N N 203 
GLU OXT   HXT    sing N N 204 
GLY N     CA     sing N N 205 
GLY N     H      sing N N 206 
GLY N     H2     sing N N 207 
GLY CA    C      sing N N 208 
GLY CA    HA2    sing N N 209 
GLY CA    HA3    sing N N 210 
GLY C     O      doub N N 211 
GLY C     OXT    sing N N 212 
GLY OXT   HXT    sing N N 213 
HIS N     CA     sing N N 214 
HIS N     H      sing N N 215 
HIS N     H2     sing N N 216 
HIS CA    C      sing N N 217 
HIS CA    CB     sing N N 218 
HIS CA    HA     sing N N 219 
HIS C     O      doub N N 220 
HIS C     OXT    sing N N 221 
HIS CB    CG     sing N N 222 
HIS CB    HB2    sing N N 223 
HIS CB    HB3    sing N N 224 
HIS CG    ND1    sing Y N 225 
HIS CG    CD2    doub Y N 226 
HIS ND1   CE1    doub Y N 227 
HIS ND1   HD1    sing N N 228 
HIS CD2   NE2    sing Y N 229 
HIS CD2   HD2    sing N N 230 
HIS CE1   NE2    sing Y N 231 
HIS CE1   HE1    sing N N 232 
HIS NE2   HE2    sing N N 233 
HIS OXT   HXT    sing N N 234 
HOH O     H1     sing N N 235 
HOH O     H2     sing N N 236 
ILE N     CA     sing N N 237 
ILE N     H      sing N N 238 
ILE N     H2     sing N N 239 
ILE CA    C      sing N N 240 
ILE CA    CB     sing N N 241 
ILE CA    HA     sing N N 242 
ILE C     O      doub N N 243 
ILE C     OXT    sing N N 244 
ILE CB    CG1    sing N N 245 
ILE CB    CG2    sing N N 246 
ILE CB    HB     sing N N 247 
ILE CG1   CD1    sing N N 248 
ILE CG1   HG12   sing N N 249 
ILE CG1   HG13   sing N N 250 
ILE CG2   HG21   sing N N 251 
ILE CG2   HG22   sing N N 252 
ILE CG2   HG23   sing N N 253 
ILE CD1   HD11   sing N N 254 
ILE CD1   HD12   sing N N 255 
ILE CD1   HD13   sing N N 256 
ILE OXT   HXT    sing N N 257 
LEU N     CA     sing N N 258 
LEU N     H      sing N N 259 
LEU N     H2     sing N N 260 
LEU CA    C      sing N N 261 
LEU CA    CB     sing N N 262 
LEU CA    HA     sing N N 263 
LEU C     O      doub N N 264 
LEU C     OXT    sing N N 265 
LEU CB    CG     sing N N 266 
LEU CB    HB2    sing N N 267 
LEU CB    HB3    sing N N 268 
LEU CG    CD1    sing N N 269 
LEU CG    CD2    sing N N 270 
LEU CG    HG     sing N N 271 
LEU CD1   HD11   sing N N 272 
LEU CD1   HD12   sing N N 273 
LEU CD1   HD13   sing N N 274 
LEU CD2   HD21   sing N N 275 
LEU CD2   HD22   sing N N 276 
LEU CD2   HD23   sing N N 277 
LEU OXT   HXT    sing N N 278 
LYS N     CA     sing N N 279 
LYS N     H      sing N N 280 
LYS N     H2     sing N N 281 
LYS CA    C      sing N N 282 
LYS CA    CB     sing N N 283 
LYS CA    HA     sing N N 284 
LYS C     O      doub N N 285 
LYS C     OXT    sing N N 286 
LYS CB    CG     sing N N 287 
LYS CB    HB2    sing N N 288 
LYS CB    HB3    sing N N 289 
LYS CG    CD     sing N N 290 
LYS CG    HG2    sing N N 291 
LYS CG    HG3    sing N N 292 
LYS CD    CE     sing N N 293 
LYS CD    HD2    sing N N 294 
LYS CD    HD3    sing N N 295 
LYS CE    NZ     sing N N 296 
LYS CE    HE2    sing N N 297 
LYS CE    HE3    sing N N 298 
LYS NZ    HZ1    sing N N 299 
LYS NZ    HZ2    sing N N 300 
LYS NZ    HZ3    sing N N 301 
LYS OXT   HXT    sing N N 302 
MET N     CA     sing N N 303 
MET N     H      sing N N 304 
MET N     H2     sing N N 305 
MET CA    C      sing N N 306 
MET CA    CB     sing N N 307 
MET CA    HA     sing N N 308 
MET C     O      doub N N 309 
MET C     OXT    sing N N 310 
MET CB    CG     sing N N 311 
MET CB    HB2    sing N N 312 
MET CB    HB3    sing N N 313 
MET CG    SD     sing N N 314 
MET CG    HG2    sing N N 315 
MET CG    HG3    sing N N 316 
MET SD    CE     sing N N 317 
MET CE    HE1    sing N N 318 
MET CE    HE2    sing N N 319 
MET CE    HE3    sing N N 320 
MET OXT   HXT    sing N N 321 
PHE N     CA     sing N N 322 
PHE N     H      sing N N 323 
PHE N     H2     sing N N 324 
PHE CA    C      sing N N 325 
PHE CA    CB     sing N N 326 
PHE CA    HA     sing N N 327 
PHE C     O      doub N N 328 
PHE C     OXT    sing N N 329 
PHE CB    CG     sing N N 330 
PHE CB    HB2    sing N N 331 
PHE CB    HB3    sing N N 332 
PHE CG    CD1    doub Y N 333 
PHE CG    CD2    sing Y N 334 
PHE CD1   CE1    sing Y N 335 
PHE CD1   HD1    sing N N 336 
PHE CD2   CE2    doub Y N 337 
PHE CD2   HD2    sing N N 338 
PHE CE1   CZ     doub Y N 339 
PHE CE1   HE1    sing N N 340 
PHE CE2   CZ     sing Y N 341 
PHE CE2   HE2    sing N N 342 
PHE CZ    HZ     sing N N 343 
PHE OXT   HXT    sing N N 344 
PRO N     CA     sing N N 345 
PRO N     CD     sing N N 346 
PRO N     H      sing N N 347 
PRO CA    C      sing N N 348 
PRO CA    CB     sing N N 349 
PRO CA    HA     sing N N 350 
PRO C     O      doub N N 351 
PRO C     OXT    sing N N 352 
PRO CB    CG     sing N N 353 
PRO CB    HB2    sing N N 354 
PRO CB    HB3    sing N N 355 
PRO CG    CD     sing N N 356 
PRO CG    HG2    sing N N 357 
PRO CG    HG3    sing N N 358 
PRO CD    HD2    sing N N 359 
PRO CD    HD3    sing N N 360 
PRO OXT   HXT    sing N N 361 
SER N     CA     sing N N 362 
SER N     H      sing N N 363 
SER N     H2     sing N N 364 
SER CA    C      sing N N 365 
SER CA    CB     sing N N 366 
SER CA    HA     sing N N 367 
SER C     O      doub N N 368 
SER C     OXT    sing N N 369 
SER CB    OG     sing N N 370 
SER CB    HB2    sing N N 371 
SER CB    HB3    sing N N 372 
SER OG    HG     sing N N 373 
SER OXT   HXT    sing N N 374 
SO4 S     O1     doub N N 375 
SO4 S     O2     doub N N 376 
SO4 S     O3     sing N N 377 
SO4 S     O4     sing N N 378 
THR N     CA     sing N N 379 
THR N     H      sing N N 380 
THR N     H2     sing N N 381 
THR CA    C      sing N N 382 
THR CA    CB     sing N N 383 
THR CA    HA     sing N N 384 
THR C     O      doub N N 385 
THR C     OXT    sing N N 386 
THR CB    OG1    sing N N 387 
THR CB    CG2    sing N N 388 
THR CB    HB     sing N N 389 
THR OG1   HG1    sing N N 390 
THR CG2   HG21   sing N N 391 
THR CG2   HG22   sing N N 392 
THR CG2   HG23   sing N N 393 
THR OXT   HXT    sing N N 394 
TRP N     CA     sing N N 395 
TRP N     H      sing N N 396 
TRP N     H2     sing N N 397 
TRP CA    C      sing N N 398 
TRP CA    CB     sing N N 399 
TRP CA    HA     sing N N 400 
TRP C     O      doub N N 401 
TRP C     OXT    sing N N 402 
TRP CB    CG     sing N N 403 
TRP CB    HB2    sing N N 404 
TRP CB    HB3    sing N N 405 
TRP CG    CD1    doub Y N 406 
TRP CG    CD2    sing Y N 407 
TRP CD1   NE1    sing Y N 408 
TRP CD1   HD1    sing N N 409 
TRP CD2   CE2    doub Y N 410 
TRP CD2   CE3    sing Y N 411 
TRP NE1   CE2    sing Y N 412 
TRP NE1   HE1    sing N N 413 
TRP CE2   CZ2    sing Y N 414 
TRP CE3   CZ3    doub Y N 415 
TRP CE3   HE3    sing N N 416 
TRP CZ2   CH2    doub Y N 417 
TRP CZ2   HZ2    sing N N 418 
TRP CZ3   CH2    sing Y N 419 
TRP CZ3   HZ3    sing N N 420 
TRP CH2   HH2    sing N N 421 
TRP OXT   HXT    sing N N 422 
TYR N     CA     sing N N 423 
TYR N     H      sing N N 424 
TYR N     H2     sing N N 425 
TYR CA    C      sing N N 426 
TYR CA    CB     sing N N 427 
TYR CA    HA     sing N N 428 
TYR C     O      doub N N 429 
TYR C     OXT    sing N N 430 
TYR CB    CG     sing N N 431 
TYR CB    HB2    sing N N 432 
TYR CB    HB3    sing N N 433 
TYR CG    CD1    doub Y N 434 
TYR CG    CD2    sing Y N 435 
TYR CD1   CE1    sing Y N 436 
TYR CD1   HD1    sing N N 437 
TYR CD2   CE2    doub Y N 438 
TYR CD2   HD2    sing N N 439 
TYR CE1   CZ     doub Y N 440 
TYR CE1   HE1    sing N N 441 
TYR CE2   CZ     sing Y N 442 
TYR CE2   HE2    sing N N 443 
TYR CZ    OH     sing N N 444 
TYR OH    HH     sing N N 445 
TYR OXT   HXT    sing N N 446 
VAL N     CA     sing N N 447 
VAL N     H      sing N N 448 
VAL N     H2     sing N N 449 
VAL CA    C      sing N N 450 
VAL CA    CB     sing N N 451 
VAL CA    HA     sing N N 452 
VAL C     O      doub N N 453 
VAL C     OXT    sing N N 454 
VAL CB    CG1    sing N N 455 
VAL CB    CG2    sing N N 456 
VAL CB    HB     sing N N 457 
VAL CG1   HG11   sing N N 458 
VAL CG1   HG12   sing N N 459 
VAL CG1   HG13   sing N N 460 
VAL CG2   HG21   sing N N 461 
VAL CG2   HG22   sing N N 462 
VAL CG2   HG23   sing N N 463 
VAL OXT   HXT    sing N N 464 
# 
_pdbx_audit_support.funding_organization   'Ministry of Education, Culture, Sports, Science and Technology (Japan)' 
_pdbx_audit_support.country                Japan 
_pdbx_audit_support.grant_number           ? 
_pdbx_audit_support.ordinal                1 
# 
loop_
_pdbx_branch_scheme.asym_id 
_pdbx_branch_scheme.entity_id 
_pdbx_branch_scheme.mon_id 
_pdbx_branch_scheme.num 
_pdbx_branch_scheme.pdb_asym_id 
_pdbx_branch_scheme.pdb_mon_id 
_pdbx_branch_scheme.pdb_seq_num 
_pdbx_branch_scheme.auth_asym_id 
_pdbx_branch_scheme.auth_mon_id 
_pdbx_branch_scheme.auth_seq_num 
_pdbx_branch_scheme.hetero 
B 2 GLC 1 C GLC 1 Y SUC 1 n 
B 2 FRU 2 C FRU 2 Y SUC 1 n 
# 
loop_
_pdbx_chem_comp_identifier.comp_id 
_pdbx_chem_comp_identifier.type 
_pdbx_chem_comp_identifier.program 
_pdbx_chem_comp_identifier.program_version 
_pdbx_chem_comp_identifier.identifier 
FRU 'CONDENSED IUPAC CARBOHYDRATE SYMBOL' GMML     1.0 DFrufb             
FRU 'COMMON NAME'                         GMML     1.0 b-D-fructofuranose 
FRU 'IUPAC CARBOHYDRATE SYMBOL'           PDB-CARE 1.0 b-D-Fruf           
FRU 'SNFG CARBOHYDRATE SYMBOL'            GMML     1.0 Fru                
GLC 'CONDENSED IUPAC CARBOHYDRATE SYMBOL' GMML     1.0 DGlcpa             
GLC 'COMMON NAME'                         GMML     1.0 a-D-glucopyranose  
GLC 'IUPAC CARBOHYDRATE SYMBOL'           PDB-CARE 1.0 a-D-Glcp           
GLC 'SNFG CARBOHYDRATE SYMBOL'            GMML     1.0 Glc                
# 
_pdbx_entity_branch.entity_id   2 
_pdbx_entity_branch.type        oligosaccharide 
# 
loop_
_pdbx_entity_branch_descriptor.ordinal 
_pdbx_entity_branch_descriptor.entity_id 
_pdbx_entity_branch_descriptor.descriptor 
_pdbx_entity_branch_descriptor.type 
_pdbx_entity_branch_descriptor.program 
_pdbx_entity_branch_descriptor.program_version 
1 2 DFrufb2-1DGlcpa                                            'Glycam Condensed Sequence' GMML       1.0   
2 2 'WURCS=2.0/2,2,1/[ha122h-2b_2-5][a2122h-1a_1-5]/1-2/a2-b1' WURCS                       PDB2Glycan 1.1.0 
3 2 '[][b-D-Fruf]{[(2+1)][a-D-Glcp]{}}'                        LINUCS                      PDB-CARE   ?     
# 
_pdbx_entity_branch_link.link_id                    1 
_pdbx_entity_branch_link.entity_id                  2 
_pdbx_entity_branch_link.entity_branch_list_num_1   1 
_pdbx_entity_branch_link.comp_id_1                  GLC 
_pdbx_entity_branch_link.atom_id_1                  C1 
_pdbx_entity_branch_link.leaving_atom_id_1          O1 
_pdbx_entity_branch_link.entity_branch_list_num_2   2 
_pdbx_entity_branch_link.comp_id_2                  FRU 
_pdbx_entity_branch_link.atom_id_2                  O2 
_pdbx_entity_branch_link.leaving_atom_id_2          HO2 
_pdbx_entity_branch_link.value_order                sing 
_pdbx_entity_branch_link.details                    ? 
# 
loop_
_pdbx_entity_branch_list.entity_id 
_pdbx_entity_branch_list.comp_id 
_pdbx_entity_branch_list.num 
_pdbx_entity_branch_list.hetero 
2 GLC 1 n 
2 FRU 2 n 
# 
_pdbx_entity_instance_feature.ordinal        1 
_pdbx_entity_instance_feature.comp_id        8DG 
_pdbx_entity_instance_feature.asym_id        ? 
_pdbx_entity_instance_feature.seq_num        ? 
_pdbx_entity_instance_feature.auth_comp_id   8DG 
_pdbx_entity_instance_feature.auth_asym_id   ? 
_pdbx_entity_instance_feature.auth_seq_num   ? 
_pdbx_entity_instance_feature.feature_type   'SUBJECT OF INVESTIGATION' 
_pdbx_entity_instance_feature.details        ? 
# 
loop_
_pdbx_entity_nonpoly.entity_id 
_pdbx_entity_nonpoly.name 
_pdbx_entity_nonpoly.comp_id 
3 'SULFATE ION'                             SO4 
4 "8-OXO-2'-DEOXYGUANOSINE-5'-TRIPHOSPHATE" 8DG 
5 'MANGANESE (II) ION'                      MN  
6 'SODIUM ION'                              NA  
7 water                                     HOH 
# 
_pdbx_initial_refinement_model.id               1 
_pdbx_initial_refinement_model.entity_id_list   ? 
_pdbx_initial_refinement_model.type             'experimental model' 
_pdbx_initial_refinement_model.source_name      PDB 
_pdbx_initial_refinement_model.accession_code   3A6T 
_pdbx_initial_refinement_model.details          ? 
# 
_pdbx_struct_assembly_auth_evidence.id                     1 
_pdbx_struct_assembly_auth_evidence.assembly_id            1 
_pdbx_struct_assembly_auth_evidence.experimental_support   'gel filtration' 
_pdbx_struct_assembly_auth_evidence.details                ? 
# 
_space_group.name_H-M_alt     'P 21 21 21' 
_space_group.name_Hall        'P 2ac 2ab' 
_space_group.IT_number        19 
_space_group.crystal_system   orthorhombic 
_space_group.id               1 
# 
